data_1QGB
#
_entry.id   1QGB
#
_cell.length_a   1.000
_cell.length_b   1.000
_cell.length_c   1.000
_cell.angle_alpha   90.00
_cell.angle_beta   90.00
_cell.angle_gamma   90.00
#
_symmetry.space_group_name_H-M   'P 1'
#
_entity_poly.entity_id   1
_entity_poly.type   'polypeptide(L)'
_entity_poly.pdbx_seq_one_letter_code
;SKPGCYDNGKHYQINQQWERTYLGNALVCTCYGGSRGFNCESKPEAEETCFDKYTGNTYRVGDTYERPKDSMIWDCTCIG
AGRGRISCTIANR
;
_entity_poly.pdbx_strand_id   A
#
# COMPACT_ATOMS: atom_id res chain seq x y z
N SER A 1 -15.86 -23.70 -17.12
CA SER A 1 -15.58 -23.51 -15.68
C SER A 1 -14.08 -23.51 -15.39
N LYS A 2 -13.59 -22.42 -14.84
CA LYS A 2 -12.16 -22.30 -14.52
C LYS A 2 -11.90 -21.03 -13.72
N PRO A 3 -11.15 -21.16 -12.61
CA PRO A 3 -10.81 -20.03 -11.74
C PRO A 3 -9.75 -19.12 -12.36
N GLY A 4 -9.17 -18.26 -11.53
CA GLY A 4 -8.14 -17.35 -12.01
C GLY A 4 -8.54 -15.90 -11.85
N CYS A 5 -7.63 -15.00 -12.21
CA CYS A 5 -7.87 -13.57 -12.09
C CYS A 5 -7.26 -12.81 -13.27
N TYR A 6 -8.11 -12.34 -14.17
CA TYR A 6 -7.64 -11.59 -15.34
C TYR A 6 -7.73 -10.09 -15.09
N ASP A 7 -6.59 -9.41 -15.12
CA ASP A 7 -6.55 -7.98 -14.89
C ASP A 7 -5.40 -7.34 -15.66
N ASN A 8 -5.59 -6.07 -16.06
CA ASN A 8 -4.57 -5.35 -16.81
C ASN A 8 -4.02 -6.20 -17.95
N GLY A 9 -4.86 -7.08 -18.48
CA GLY A 9 -4.44 -7.94 -19.58
C GLY A 9 -3.46 -9.01 -19.13
N LYS A 10 -3.39 -9.24 -17.83
CA LYS A 10 -2.49 -10.24 -17.27
C LYS A 10 -3.27 -11.38 -16.62
N HIS A 11 -2.65 -12.55 -16.54
CA HIS A 11 -3.30 -13.72 -15.94
C HIS A 11 -2.63 -14.10 -14.62
N TYR A 12 -3.05 -13.44 -13.55
CA TYR A 12 -2.51 -13.70 -12.22
C TYR A 12 -3.19 -14.91 -11.59
N GLN A 13 -2.68 -15.33 -10.43
CA GLN A 13 -3.26 -16.47 -9.72
C GLN A 13 -3.96 -16.02 -8.46
N ILE A 14 -5.09 -16.63 -8.15
CA ILE A 14 -5.87 -16.29 -6.97
C ILE A 14 -4.95 -15.93 -5.80
N ASN A 15 -5.44 -15.08 -4.91
CA ASN A 15 -4.66 -14.65 -3.76
C ASN A 15 -3.45 -13.83 -4.18
N GLN A 16 -3.45 -13.41 -5.44
CA GLN A 16 -2.35 -12.60 -5.97
C GLN A 16 -2.72 -11.13 -6.01
N GLN A 17 -1.72 -10.26 -5.85
CA GLN A 17 -1.95 -8.83 -5.85
C GLN A 17 -1.24 -8.17 -7.03
N TRP A 18 -1.87 -7.15 -7.59
CA TRP A 18 -1.29 -6.42 -8.71
C TRP A 18 -1.67 -4.94 -8.64
N GLU A 19 -0.93 -4.11 -9.38
CA GLU A 19 -1.19 -2.67 -9.39
C GLU A 19 -1.99 -2.25 -10.62
N ARG A 20 -3.08 -1.53 -10.38
CA ARG A 20 -3.94 -1.05 -11.45
C ARG A 20 -4.25 0.43 -11.26
N THR A 21 -5.28 0.92 -11.95
CA THR A 21 -5.66 2.31 -11.85
C THR A 21 -7.17 2.48 -12.01
N TYR A 22 -7.77 3.28 -11.13
CA TYR A 22 -9.20 3.54 -11.18
C TYR A 22 -9.50 4.74 -12.07
N LEU A 23 -9.70 4.49 -13.36
CA LEU A 23 -9.99 5.55 -14.31
C LEU A 23 -8.70 6.22 -14.78
N GLY A 24 -7.85 6.57 -13.83
CA GLY A 24 -6.59 7.21 -14.15
C GLY A 24 -5.78 7.57 -12.93
N ASN A 25 -5.86 6.72 -11.90
CA ASN A 25 -5.13 6.95 -10.67
C ASN A 25 -4.73 5.63 -10.02
N ALA A 26 -3.59 5.63 -9.32
CA ALA A 26 -3.12 4.43 -8.65
C ALA A 26 -4.28 3.63 -8.08
N LEU A 27 -4.18 2.30 -8.16
CA LEU A 27 -5.24 1.44 -7.65
C LEU A 27 -4.80 -0.02 -7.63
N VAL A 28 -4.40 -0.49 -6.45
CA VAL A 28 -3.96 -1.87 -6.29
C VAL A 28 -5.16 -2.81 -6.28
N CYS A 29 -4.92 -4.08 -6.56
CA CYS A 29 -5.99 -5.08 -6.58
C CYS A 29 -5.52 -6.40 -5.98
N THR A 30 -6.43 -7.09 -5.29
CA THR A 30 -6.13 -8.37 -4.68
C THR A 30 -7.16 -9.42 -5.05
N CYS A 31 -6.71 -10.53 -5.62
CA CYS A 31 -7.60 -11.60 -6.03
C CYS A 31 -7.97 -12.48 -4.83
N TYR A 32 -9.25 -12.85 -4.76
CA TYR A 32 -9.73 -13.69 -3.67
C TYR A 32 -10.26 -15.02 -4.20
N GLY A 33 -10.24 -15.18 -5.52
CA GLY A 33 -10.70 -16.41 -6.13
C GLY A 33 -11.59 -16.15 -7.33
N GLY A 34 -12.18 -17.22 -7.88
CA GLY A 34 -13.05 -17.08 -9.03
C GLY A 34 -14.47 -16.73 -8.64
N SER A 35 -14.77 -16.83 -7.35
CA SER A 35 -16.11 -16.53 -6.86
C SER A 35 -16.11 -15.24 -6.05
N ARG A 36 -15.11 -15.08 -5.18
CA ARG A 36 -15.01 -13.90 -4.34
C ARG A 36 -14.55 -12.69 -5.16
N GLY A 37 -13.78 -12.95 -6.22
CA GLY A 37 -13.30 -11.88 -7.06
C GLY A 37 -12.17 -11.10 -6.42
N PHE A 38 -11.99 -9.86 -6.85
CA PHE A 38 -10.93 -9.01 -6.32
C PHE A 38 -11.46 -7.62 -6.01
N ASN A 39 -10.87 -6.97 -5.01
CA ASN A 39 -11.27 -5.63 -4.61
C ASN A 39 -10.11 -4.64 -4.73
N CYS A 40 -10.15 -3.82 -5.77
CA CYS A 40 -9.10 -2.84 -6.01
C CYS A 40 -9.11 -1.76 -4.93
N GLU A 41 -8.01 -1.01 -4.84
CA GLU A 41 -7.90 0.05 -3.86
C GLU A 41 -6.71 0.95 -4.17
N SER A 42 -6.89 2.25 -3.93
CA SER A 42 -5.83 3.23 -4.20
C SER A 42 -4.68 3.07 -3.21
N LYS A 43 -3.46 3.32 -3.68
CA LYS A 43 -2.28 3.21 -2.84
C LYS A 43 -2.57 3.64 -1.41
N PRO A 44 -2.75 2.68 -0.50
CA PRO A 44 -3.04 2.95 0.91
C PRO A 44 -2.08 3.97 1.51
N GLU A 45 -2.60 4.80 2.42
CA GLU A 45 -1.80 5.82 3.08
C GLU A 45 -2.42 6.23 4.41
N ALA A 46 -2.62 5.26 5.29
CA ALA A 46 -3.22 5.52 6.59
C ALA A 46 -4.51 6.31 6.46
N GLU A 47 -5.63 5.63 6.65
CA GLU A 47 -6.95 6.26 6.54
C GLU A 47 -7.58 6.40 7.93
N GLU A 48 -7.73 7.65 8.39
CA GLU A 48 -8.32 7.91 9.69
C GLU A 48 -7.92 9.29 10.20
N THR A 49 -8.33 10.33 9.48
CA THR A 49 -8.02 11.70 9.87
C THR A 49 -8.39 12.68 8.76
N CYS A 50 -8.65 13.93 9.14
CA CYS A 50 -9.03 14.96 8.18
C CYS A 50 -8.12 16.17 8.31
N PHE A 51 -8.63 17.33 7.92
CA PHE A 51 -7.86 18.57 7.99
C PHE A 51 -8.78 19.78 8.00
N ASP A 52 -9.83 19.73 7.19
CA ASP A 52 -10.78 20.83 7.09
C ASP A 52 -10.15 22.04 6.40
N LYS A 53 -9.92 21.91 5.10
CA LYS A 53 -9.34 23.00 4.32
C LYS A 53 -9.96 24.33 4.69
N TYR A 54 -11.23 24.30 5.11
CA TYR A 54 -11.94 25.51 5.49
C TYR A 54 -11.15 26.30 6.54
N THR A 55 -10.79 25.64 7.63
CA THR A 55 -10.03 26.27 8.70
C THR A 55 -8.69 25.57 8.92
N GLY A 56 -8.69 24.26 8.78
CA GLY A 56 -7.47 23.49 8.96
C GLY A 56 -7.38 22.88 10.34
N ASN A 57 -8.46 22.24 10.77
CA ASN A 57 -8.49 21.61 12.10
C ASN A 57 -8.18 20.12 11.99
N THR A 58 -8.32 19.42 13.10
CA THR A 58 -8.06 17.98 13.13
C THR A 58 -9.31 17.20 13.56
N TYR A 59 -9.80 16.35 12.66
CA TYR A 59 -10.98 15.55 12.93
C TYR A 59 -10.79 14.11 12.46
N ARG A 60 -11.35 13.16 13.21
CA ARG A 60 -11.24 11.76 12.87
C ARG A 60 -12.29 11.36 11.84
N VAL A 61 -12.11 10.20 11.23
CA VAL A 61 -13.05 9.71 10.22
C VAL A 61 -14.26 9.06 10.87
N GLY A 62 -14.12 8.69 12.14
CA GLY A 62 -15.21 8.07 12.86
C GLY A 62 -15.94 9.03 13.76
N ASP A 63 -16.19 10.23 13.26
CA ASP A 63 -16.90 11.25 14.04
C ASP A 63 -17.40 12.37 13.12
N THR A 64 -18.66 12.75 13.32
CA THR A 64 -19.26 13.82 12.52
C THR A 64 -19.13 15.16 13.21
N TYR A 65 -19.34 16.23 12.44
CA TYR A 65 -19.25 17.59 12.98
C TYR A 65 -19.96 18.58 12.07
N GLU A 66 -21.08 19.11 12.56
CA GLU A 66 -21.86 20.07 11.79
C GLU A 66 -21.01 21.26 11.36
N ARG A 67 -21.48 21.98 10.35
CA ARG A 67 -20.76 23.14 9.84
C ARG A 67 -21.73 24.18 9.29
N PRO A 68 -22.07 25.18 10.11
CA PRO A 68 -23.00 26.25 9.72
C PRO A 68 -22.43 27.13 8.61
N LYS A 69 -23.07 27.08 7.43
CA LYS A 69 -22.63 27.87 6.29
C LYS A 69 -23.83 28.42 5.52
N ASP A 70 -24.02 29.73 5.57
CA ASP A 70 -25.12 30.38 4.89
C ASP A 70 -26.41 30.26 5.69
N SER A 71 -27.54 30.41 5.01
CA SER A 71 -28.84 30.31 5.67
C SER A 71 -29.36 28.88 5.65
N MET A 72 -28.45 27.93 5.39
CA MET A 72 -28.81 26.52 5.36
C MET A 72 -27.85 25.69 6.20
N ILE A 73 -28.39 24.85 7.06
CA ILE A 73 -27.58 24.00 7.93
C ILE A 73 -27.34 22.64 7.29
N TRP A 74 -26.11 22.15 7.42
CA TRP A 74 -25.74 20.85 6.85
C TRP A 74 -24.93 20.03 7.85
N ASP A 75 -25.00 18.71 7.73
CA ASP A 75 -24.27 17.82 8.62
C ASP A 75 -23.08 17.21 7.91
N CYS A 76 -21.95 17.91 7.94
CA CYS A 76 -20.72 17.44 7.31
C CYS A 76 -20.19 16.19 8.00
N THR A 77 -19.69 15.24 7.21
CA THR A 77 -19.14 14.01 7.74
C THR A 77 -17.71 13.79 7.29
N CYS A 78 -16.79 13.66 8.24
CA CYS A 78 -15.38 13.46 7.93
C CYS A 78 -15.18 12.14 7.18
N ILE A 79 -15.65 12.09 5.94
CA ILE A 79 -15.52 10.88 5.12
C ILE A 79 -14.22 10.88 4.34
N GLY A 80 -13.12 11.20 5.02
CA GLY A 80 -11.83 11.23 4.35
C GLY A 80 -11.53 9.95 3.60
N ALA A 81 -11.07 8.94 4.34
CA ALA A 81 -10.74 7.65 3.73
C ALA A 81 -9.63 7.79 2.69
N GLY A 82 -10.03 8.05 1.45
CA GLY A 82 -9.06 8.20 0.38
C GLY A 82 -8.27 9.48 0.50
N ARG A 83 -8.89 10.52 1.05
CA ARG A 83 -8.24 11.81 1.22
C ARG A 83 -9.13 12.78 2.00
N GLY A 84 -10.23 13.18 1.38
CA GLY A 84 -11.15 14.10 2.03
C GLY A 84 -12.48 14.20 1.31
N ARG A 85 -13.43 13.37 1.70
CA ARG A 85 -14.75 13.35 1.08
C ARG A 85 -15.80 13.91 2.03
N ILE A 86 -15.45 14.99 2.73
CA ILE A 86 -16.37 15.61 3.69
C ILE A 86 -17.71 15.91 3.03
N SER A 87 -18.67 15.01 3.21
CA SER A 87 -20.00 15.19 2.64
C SER A 87 -20.89 16.00 3.57
N CYS A 88 -21.42 17.11 3.06
CA CYS A 88 -22.30 17.97 3.85
C CYS A 88 -23.71 18.01 3.26
N THR A 89 -24.61 17.25 3.88
CA THR A 89 -25.99 17.18 3.43
C THR A 89 -26.93 17.85 4.43
N ILE A 90 -27.94 18.55 3.91
CA ILE A 90 -28.91 19.23 4.76
C ILE A 90 -29.35 18.33 5.91
N ALA A 91 -29.67 18.96 7.05
CA ALA A 91 -30.10 18.21 8.22
C ALA A 91 -31.18 17.20 7.87
N ASN A 92 -31.10 16.02 8.47
CA ASN A 92 -32.07 14.97 8.22
C ASN A 92 -33.44 15.34 8.79
N ARG A 93 -33.43 16.07 9.90
CA ARG A 93 -34.67 16.49 10.54
C ARG A 93 -34.56 17.93 11.04
N SER A 1 -16.72 -20.07 -12.94
CA SER A 1 -15.67 -21.03 -13.41
C SER A 1 -14.37 -20.31 -13.73
N LYS A 2 -13.33 -21.08 -14.02
CA LYS A 2 -12.02 -20.53 -14.35
C LYS A 2 -11.54 -19.59 -13.24
N PRO A 3 -10.82 -20.15 -12.25
CA PRO A 3 -10.28 -19.37 -11.13
C PRO A 3 -9.41 -18.21 -11.59
N GLY A 4 -8.64 -17.66 -10.66
CA GLY A 4 -7.76 -16.55 -10.99
C GLY A 4 -8.52 -15.28 -11.29
N CYS A 5 -7.83 -14.14 -11.25
CA CYS A 5 -8.46 -12.86 -11.51
C CYS A 5 -7.70 -12.09 -12.59
N TYR A 6 -8.28 -12.02 -13.79
CA TYR A 6 -7.65 -11.32 -14.90
C TYR A 6 -7.99 -9.83 -14.87
N ASP A 7 -6.96 -9.00 -14.79
CA ASP A 7 -7.14 -7.55 -14.76
C ASP A 7 -6.95 -6.95 -16.15
N ASN A 8 -6.70 -5.64 -16.18
CA ASN A 8 -6.50 -4.94 -17.44
C ASN A 8 -5.79 -5.82 -18.46
N GLY A 9 -4.49 -6.00 -18.26
CA GLY A 9 -3.71 -6.82 -19.18
C GLY A 9 -2.79 -7.79 -18.45
N LYS A 10 -3.24 -8.27 -17.29
CA LYS A 10 -2.45 -9.21 -16.50
C LYS A 10 -3.34 -10.29 -15.90
N HIS A 11 -2.84 -11.52 -15.87
CA HIS A 11 -3.58 -12.66 -15.33
C HIS A 11 -2.82 -13.29 -14.16
N TYR A 12 -3.09 -12.81 -12.95
CA TYR A 12 -2.45 -13.33 -11.76
C TYR A 12 -3.21 -14.53 -11.19
N GLN A 13 -2.54 -15.31 -10.36
CA GLN A 13 -3.16 -16.48 -9.75
C GLN A 13 -3.88 -16.10 -8.46
N ILE A 14 -4.85 -16.92 -8.07
CA ILE A 14 -5.62 -16.67 -6.86
C ILE A 14 -4.71 -16.28 -5.70
N ASN A 15 -5.22 -15.43 -4.81
CA ASN A 15 -4.47 -14.98 -3.65
C ASN A 15 -3.25 -14.15 -4.08
N GLN A 16 -3.22 -13.74 -5.34
CA GLN A 16 -2.12 -12.93 -5.86
C GLN A 16 -2.50 -11.46 -5.89
N GLN A 17 -1.51 -10.60 -5.70
CA GLN A 17 -1.73 -9.16 -5.72
C GLN A 17 -1.00 -8.51 -6.87
N TRP A 18 -1.54 -7.40 -7.37
CA TRP A 18 -0.93 -6.67 -8.48
C TRP A 18 -1.29 -5.20 -8.42
N GLU A 19 -0.88 -4.45 -9.45
CA GLU A 19 -1.16 -3.02 -9.52
C GLU A 19 -2.09 -2.70 -10.67
N ARG A 20 -3.12 -1.91 -10.40
CA ARG A 20 -4.09 -1.52 -11.42
C ARG A 20 -4.47 -0.05 -11.28
N THR A 21 -5.11 0.50 -12.31
CA THR A 21 -5.53 1.89 -12.29
C THR A 21 -6.94 2.04 -12.84
N TYR A 22 -7.76 2.84 -12.17
CA TYR A 22 -9.13 3.07 -12.60
C TYR A 22 -9.35 4.55 -12.92
N LEU A 23 -9.84 4.81 -14.13
CA LEU A 23 -10.09 6.17 -14.57
C LEU A 23 -8.79 6.96 -14.66
N GLY A 24 -7.67 6.23 -14.65
CA GLY A 24 -6.37 6.87 -14.73
C GLY A 24 -5.83 7.29 -13.38
N ASN A 25 -5.95 6.40 -12.40
CA ASN A 25 -5.47 6.67 -11.05
C ASN A 25 -4.90 5.41 -10.41
N ALA A 26 -3.67 5.50 -9.94
CA ALA A 26 -3.00 4.37 -9.30
C ALA A 26 -4.00 3.54 -8.50
N LEU A 27 -3.76 2.23 -8.44
CA LEU A 27 -4.65 1.34 -7.71
C LEU A 27 -3.99 -0.02 -7.47
N VAL A 28 -4.48 -0.74 -6.47
CA VAL A 28 -3.96 -2.05 -6.14
C VAL A 28 -5.09 -3.07 -6.10
N CYS A 29 -4.85 -4.24 -6.70
CA CYS A 29 -5.86 -5.29 -6.74
C CYS A 29 -5.38 -6.55 -6.04
N THR A 30 -6.31 -7.43 -5.70
CA THR A 30 -5.99 -8.68 -5.02
C THR A 30 -6.97 -9.78 -5.43
N CYS A 31 -6.44 -10.94 -5.80
CA CYS A 31 -7.26 -12.06 -6.22
C CYS A 31 -7.59 -12.97 -5.04
N TYR A 32 -8.87 -13.32 -4.91
CA TYR A 32 -9.33 -14.17 -3.81
C TYR A 32 -9.62 -15.58 -4.32
N GLY A 33 -10.14 -15.67 -5.54
CA GLY A 33 -10.45 -16.96 -6.12
C GLY A 33 -11.72 -17.55 -5.56
N GLY A 34 -12.17 -18.67 -6.13
CA GLY A 34 -13.38 -19.32 -5.66
C GLY A 34 -14.62 -18.48 -5.91
N SER A 35 -14.51 -17.52 -6.81
CA SER A 35 -15.62 -16.64 -7.15
C SER A 35 -15.71 -15.46 -6.19
N ARG A 36 -14.80 -15.41 -5.22
CA ARG A 36 -14.78 -14.33 -4.24
C ARG A 36 -14.67 -12.97 -4.94
N GLY A 37 -14.06 -12.97 -6.12
CA GLY A 37 -13.90 -11.73 -6.87
C GLY A 37 -12.84 -10.83 -6.30
N PHE A 38 -11.93 -10.37 -7.14
CA PHE A 38 -10.85 -9.50 -6.72
C PHE A 38 -11.40 -8.18 -6.21
N ASN A 39 -10.50 -7.30 -5.74
CA ASN A 39 -10.90 -5.99 -5.23
C ASN A 39 -9.78 -4.98 -5.40
N CYS A 40 -10.08 -3.87 -6.08
CA CYS A 40 -9.10 -2.82 -6.31
C CYS A 40 -9.36 -1.63 -5.40
N GLU A 41 -8.32 -0.85 -5.15
CA GLU A 41 -8.44 0.33 -4.29
C GLU A 41 -7.16 1.17 -4.33
N SER A 42 -7.22 2.35 -3.73
CA SER A 42 -6.08 3.27 -3.70
C SER A 42 -4.87 2.59 -3.07
N LYS A 43 -3.71 2.78 -3.70
CA LYS A 43 -2.47 2.19 -3.20
C LYS A 43 -2.41 2.25 -1.68
N PRO A 44 -1.97 1.15 -1.05
CA PRO A 44 -1.84 1.07 0.41
C PRO A 44 -1.11 2.26 1.00
N GLU A 45 -0.77 2.15 2.28
CA GLU A 45 -0.06 3.24 2.97
C GLU A 45 1.40 3.29 2.53
N ALA A 46 2.12 2.20 2.74
CA ALA A 46 3.54 2.13 2.38
C ALA A 46 3.94 0.69 2.04
N GLU A 47 4.60 0.53 0.90
CA GLU A 47 5.04 -0.78 0.46
C GLU A 47 6.49 -1.02 0.86
N GLU A 48 7.27 0.06 0.90
CA GLU A 48 8.69 -0.04 1.28
C GLU A 48 8.87 0.27 2.76
N THR A 49 8.19 -0.49 3.62
CA THR A 49 8.28 -0.29 5.06
C THR A 49 7.90 -1.56 5.81
N CYS A 50 7.85 -1.46 7.13
CA CYS A 50 7.50 -2.60 7.97
C CYS A 50 6.70 -2.15 9.19
N PHE A 51 6.58 -3.03 10.17
CA PHE A 51 5.84 -2.73 11.40
C PHE A 51 6.18 -3.72 12.50
N ASP A 52 7.09 -3.32 13.38
CA ASP A 52 7.50 -4.19 14.49
C ASP A 52 6.40 -4.29 15.54
N LYS A 53 5.45 -5.20 15.31
CA LYS A 53 4.35 -5.39 16.23
C LYS A 53 4.82 -5.31 17.68
N TYR A 54 6.07 -5.69 17.90
CA TYR A 54 6.65 -5.66 19.25
C TYR A 54 6.59 -4.26 19.83
N THR A 55 7.26 -3.32 19.18
CA THR A 55 7.27 -1.92 19.63
C THR A 55 6.52 -1.02 18.67
N GLY A 56 5.67 -1.62 17.84
CA GLY A 56 4.91 -0.85 16.87
C GLY A 56 5.71 0.26 16.26
N ASN A 57 6.85 -0.08 15.68
CA ASN A 57 7.72 0.91 15.05
C ASN A 57 8.00 0.52 13.60
N THR A 58 8.41 1.50 12.80
CA THR A 58 8.71 1.28 11.40
C THR A 58 10.21 1.14 11.16
N TYR A 59 10.57 0.45 10.09
CA TYR A 59 11.98 0.25 9.76
C TYR A 59 12.21 0.41 8.25
N ARG A 60 13.41 0.08 7.80
CA ARG A 60 13.75 0.18 6.39
C ARG A 60 13.79 -1.20 5.74
N VAL A 61 13.59 -1.23 4.43
CA VAL A 61 13.62 -2.48 3.69
C VAL A 61 15.02 -2.81 3.18
N GLY A 62 16.02 -2.28 3.87
CA GLY A 62 17.40 -2.52 3.47
C GLY A 62 18.31 -2.79 4.66
N ASP A 63 17.70 -3.13 5.79
CA ASP A 63 18.48 -3.40 7.00
C ASP A 63 17.85 -4.56 7.79
N THR A 64 18.70 -5.46 8.27
CA THR A 64 18.24 -6.61 9.04
C THR A 64 18.26 -6.32 10.54
N TYR A 65 17.08 -6.28 11.14
CA TYR A 65 16.96 -6.02 12.57
C TYR A 65 16.70 -7.30 13.34
N GLU A 66 17.38 -7.45 14.47
CA GLU A 66 17.21 -8.64 15.30
C GLU A 66 16.25 -8.37 16.45
N ARG A 67 15.78 -9.43 17.10
CA ARG A 67 14.85 -9.29 18.21
C ARG A 67 14.88 -10.54 19.09
N PRO A 68 15.27 -10.38 20.37
CA PRO A 68 15.35 -11.49 21.32
C PRO A 68 13.96 -11.99 21.73
N LYS A 69 13.56 -13.13 21.17
CA LYS A 69 12.26 -13.71 21.48
C LYS A 69 12.39 -15.21 21.74
N ASP A 70 11.37 -15.77 22.39
CA ASP A 70 11.36 -17.20 22.71
C ASP A 70 12.65 -17.61 23.41
N SER A 71 13.23 -16.69 24.17
CA SER A 71 14.47 -16.96 24.88
C SER A 71 15.65 -17.06 23.93
N MET A 72 15.40 -16.78 22.65
CA MET A 72 16.45 -16.84 21.63
C MET A 72 16.43 -15.60 20.76
N ILE A 73 17.36 -15.54 19.81
CA ILE A 73 17.45 -14.40 18.91
C ILE A 73 17.21 -14.83 17.47
N TRP A 74 16.58 -13.96 16.69
CA TRP A 74 16.28 -14.25 15.29
C TRP A 74 16.39 -12.99 14.44
N ASP A 75 17.16 -13.08 13.36
CA ASP A 75 17.34 -11.95 12.45
C ASP A 75 16.04 -11.60 11.75
N CYS A 76 15.30 -10.65 12.30
CA CYS A 76 14.03 -10.22 11.72
C CYS A 76 14.26 -9.28 10.54
N THR A 77 14.25 -9.83 9.34
CA THR A 77 14.45 -9.03 8.13
C THR A 77 13.21 -8.21 7.81
N CYS A 78 13.43 -7.03 7.21
CA CYS A 78 12.33 -6.15 6.85
C CYS A 78 11.95 -6.33 5.38
N ILE A 79 11.73 -7.58 4.99
CA ILE A 79 11.36 -7.89 3.61
C ILE A 79 10.29 -6.93 3.10
N GLY A 80 9.33 -6.62 3.95
CA GLY A 80 8.26 -5.71 3.57
C GLY A 80 7.72 -6.01 2.19
N ALA A 81 6.99 -5.05 1.63
CA ALA A 81 6.41 -5.22 0.30
C ALA A 81 5.08 -5.95 0.38
N GLY A 82 3.99 -5.19 0.42
CA GLY A 82 2.67 -5.79 0.50
C GLY A 82 1.93 -5.42 1.78
N ARG A 83 2.50 -5.82 2.92
CA ARG A 83 1.90 -5.53 4.21
C ARG A 83 2.88 -5.80 5.34
N GLY A 84 4.16 -5.54 5.09
CA GLY A 84 5.18 -5.77 6.09
C GLY A 84 5.16 -7.18 6.63
N ARG A 85 5.76 -8.11 5.87
CA ARG A 85 5.80 -9.50 6.28
C ARG A 85 7.22 -9.89 6.72
N ILE A 86 7.73 -9.16 7.70
CA ILE A 86 9.08 -9.42 8.22
C ILE A 86 9.27 -10.90 8.55
N SER A 87 10.44 -11.43 8.23
CA SER A 87 10.74 -12.83 8.51
C SER A 87 11.89 -12.94 9.51
N CYS A 88 11.69 -13.75 10.55
CA CYS A 88 12.70 -13.94 11.58
C CYS A 88 13.14 -15.40 11.64
N THR A 89 14.42 -15.61 11.90
CA THR A 89 14.97 -16.96 12.00
C THR A 89 16.18 -17.00 12.93
N ILE A 90 16.43 -18.16 13.52
CA ILE A 90 17.55 -18.32 14.43
C ILE A 90 18.88 -18.01 13.75
N ALA A 91 19.89 -17.66 14.54
CA ALA A 91 21.20 -17.35 14.01
C ALA A 91 21.11 -16.42 12.82
N ASN A 92 22.27 -16.08 12.23
CA ASN A 92 22.31 -15.20 11.08
C ASN A 92 22.41 -16.01 9.79
N ARG A 93 21.66 -17.09 9.71
CA ARG A 93 21.66 -17.95 8.53
C ARG A 93 21.45 -17.12 7.26
N SER A 1 -13.07 -19.93 -16.24
CA SER A 1 -11.96 -19.35 -17.03
C SER A 1 -10.63 -19.46 -16.29
N LYS A 2 -10.25 -20.70 -15.97
CA LYS A 2 -9.00 -20.94 -15.26
C LYS A 2 -8.98 -20.21 -13.93
N PRO A 3 -8.34 -20.81 -12.91
CA PRO A 3 -8.26 -20.22 -11.57
C PRO A 3 -7.40 -18.95 -11.55
N GLY A 4 -8.00 -17.84 -11.16
CA GLY A 4 -7.27 -16.58 -11.11
C GLY A 4 -8.19 -15.38 -11.26
N CYS A 5 -7.60 -14.23 -11.57
CA CYS A 5 -8.36 -13.00 -11.74
C CYS A 5 -7.84 -12.20 -12.93
N TYR A 6 -8.12 -12.68 -14.13
CA TYR A 6 -7.67 -12.00 -15.34
C TYR A 6 -8.10 -10.53 -15.34
N ASP A 7 -7.12 -9.64 -15.35
CA ASP A 7 -7.39 -8.21 -15.34
C ASP A 7 -6.15 -7.42 -15.74
N ASN A 8 -6.37 -6.25 -16.35
CA ASN A 8 -5.26 -5.41 -16.78
C ASN A 8 -4.41 -6.11 -17.82
N GLY A 9 -5.01 -7.03 -18.55
CA GLY A 9 -4.28 -7.77 -19.58
C GLY A 9 -3.30 -8.77 -18.99
N LYS A 10 -3.41 -9.01 -17.68
CA LYS A 10 -2.53 -9.94 -17.00
C LYS A 10 -3.33 -11.05 -16.32
N HIS A 11 -2.72 -12.22 -16.18
CA HIS A 11 -3.38 -13.36 -15.55
C HIS A 11 -2.71 -13.70 -14.21
N TYR A 12 -3.21 -13.08 -13.15
CA TYR A 12 -2.67 -13.32 -11.82
C TYR A 12 -3.20 -14.62 -11.23
N GLN A 13 -2.64 -15.04 -10.09
CA GLN A 13 -3.06 -16.26 -9.42
C GLN A 13 -3.74 -15.95 -8.11
N ILE A 14 -4.83 -16.68 -7.82
CA ILE A 14 -5.57 -16.48 -6.58
C ILE A 14 -4.65 -16.11 -5.43
N ASN A 15 -5.12 -15.19 -4.59
CA ASN A 15 -4.33 -14.74 -3.44
C ASN A 15 -3.16 -13.88 -3.87
N GLN A 16 -3.12 -13.52 -5.15
CA GLN A 16 -2.05 -12.69 -5.67
C GLN A 16 -2.46 -11.22 -5.74
N GLN A 17 -1.48 -10.33 -5.71
CA GLN A 17 -1.73 -8.90 -5.75
C GLN A 17 -1.09 -8.28 -6.99
N TRP A 18 -1.61 -7.13 -7.41
CA TRP A 18 -1.09 -6.43 -8.58
C TRP A 18 -1.42 -4.95 -8.52
N GLU A 19 -0.77 -4.16 -9.37
CA GLU A 19 -0.99 -2.73 -9.40
C GLU A 19 -1.94 -2.33 -10.52
N ARG A 20 -3.03 -1.65 -10.15
CA ARG A 20 -4.01 -1.21 -11.13
C ARG A 20 -4.07 0.31 -11.18
N THR A 21 -5.14 0.83 -11.76
CA THR A 21 -5.31 2.29 -11.87
C THR A 21 -6.73 2.65 -12.28
N TYR A 22 -7.70 1.84 -11.86
CA TYR A 22 -9.10 2.08 -12.19
C TYR A 22 -9.42 3.57 -12.11
N LEU A 23 -10.28 4.04 -13.01
CA LEU A 23 -10.68 5.44 -13.04
C LEU A 23 -9.50 6.32 -13.42
N GLY A 24 -8.46 5.71 -13.98
CA GLY A 24 -7.29 6.46 -14.39
C GLY A 24 -6.53 7.03 -13.21
N ASN A 25 -6.39 6.25 -12.15
CA ASN A 25 -5.68 6.68 -10.96
C ASN A 25 -5.08 5.49 -10.22
N ALA A 26 -3.80 5.62 -9.85
CA ALA A 26 -3.09 4.57 -9.15
C ALA A 26 -4.02 3.75 -8.26
N LEU A 27 -3.89 2.43 -8.32
CA LEU A 27 -4.73 1.54 -7.53
C LEU A 27 -4.02 0.22 -7.24
N VAL A 28 -4.66 -0.62 -6.44
CA VAL A 28 -4.11 -1.92 -6.09
C VAL A 28 -5.22 -2.96 -5.95
N CYS A 29 -5.08 -4.07 -6.66
CA CYS A 29 -6.07 -5.13 -6.63
C CYS A 29 -5.48 -6.43 -6.09
N THR A 30 -6.36 -7.35 -5.69
CA THR A 30 -5.94 -8.63 -5.15
C THR A 30 -6.91 -9.74 -5.56
N CYS A 31 -6.36 -10.87 -6.00
CA CYS A 31 -7.18 -12.00 -6.43
C CYS A 31 -7.62 -12.83 -5.22
N TYR A 32 -8.90 -13.20 -5.21
CA TYR A 32 -9.45 -14.00 -4.12
C TYR A 32 -9.78 -15.42 -4.59
N GLY A 33 -10.18 -15.53 -5.86
CA GLY A 33 -10.52 -16.83 -6.42
C GLY A 33 -11.99 -17.14 -6.28
N GLY A 34 -12.34 -18.41 -6.51
CA GLY A 34 -13.73 -18.82 -6.41
C GLY A 34 -14.69 -17.81 -7.02
N SER A 35 -15.52 -17.20 -6.18
CA SER A 35 -16.49 -16.21 -6.65
C SER A 35 -16.36 -14.90 -5.88
N ARG A 36 -15.40 -14.85 -4.96
CA ARG A 36 -15.18 -13.66 -4.14
C ARG A 36 -14.86 -12.45 -5.04
N GLY A 37 -14.08 -12.69 -6.09
CA GLY A 37 -13.72 -11.62 -6.99
C GLY A 37 -12.74 -10.64 -6.37
N PHE A 38 -11.79 -10.17 -7.17
CA PHE A 38 -10.78 -9.23 -6.70
C PHE A 38 -11.45 -7.95 -6.20
N ASN A 39 -10.64 -7.07 -5.60
CA ASN A 39 -11.15 -5.80 -5.07
C ASN A 39 -10.03 -4.77 -5.00
N CYS A 40 -10.09 -3.77 -5.89
CA CYS A 40 -9.08 -2.72 -5.91
C CYS A 40 -9.28 -1.74 -4.77
N GLU A 41 -8.33 -0.82 -4.60
CA GLU A 41 -8.41 0.17 -3.53
C GLU A 41 -7.90 1.53 -4.01
N SER A 42 -6.62 1.80 -3.75
CA SER A 42 -6.03 3.07 -4.16
C SER A 42 -4.56 3.14 -3.74
N LYS A 43 -3.70 3.51 -4.67
CA LYS A 43 -2.27 3.62 -4.40
C LYS A 43 -1.95 4.95 -3.72
N PRO A 44 -1.49 4.90 -2.46
CA PRO A 44 -1.15 6.10 -1.70
C PRO A 44 -0.37 7.12 -2.53
N GLU A 45 -1.00 8.25 -2.82
CA GLU A 45 -0.37 9.29 -3.60
C GLU A 45 -0.23 10.58 -2.79
N ALA A 46 -0.24 10.44 -1.47
CA ALA A 46 -0.11 11.59 -0.58
C ALA A 46 0.29 11.15 0.83
N GLU A 47 0.15 12.05 1.78
CA GLU A 47 0.50 11.77 3.17
C GLU A 47 -0.76 11.42 3.97
N GLU A 48 -1.89 11.98 3.57
CA GLU A 48 -3.15 11.71 4.26
C GLU A 48 -3.20 12.43 5.60
N THR A 49 -4.23 12.14 6.38
CA THR A 49 -4.39 12.75 7.70
C THR A 49 -4.20 14.27 7.62
N CYS A 50 -4.07 14.90 8.78
CA CYS A 50 -3.88 16.35 8.84
C CYS A 50 -4.06 16.86 10.26
N PHE A 51 -3.88 18.17 10.44
CA PHE A 51 -4.02 18.78 11.76
C PHE A 51 -4.93 20.00 11.69
N ASP A 52 -6.10 19.88 12.31
CA ASP A 52 -7.07 20.97 12.33
C ASP A 52 -6.70 22.02 13.36
N LYS A 53 -5.97 23.06 12.93
CA LYS A 53 -5.56 24.12 13.83
C LYS A 53 -6.75 24.67 14.60
N TYR A 54 -6.47 25.57 15.55
CA TYR A 54 -7.52 26.17 16.36
C TYR A 54 -8.02 25.19 17.42
N THR A 55 -8.43 24.01 16.98
CA THR A 55 -8.92 22.97 17.89
C THR A 55 -7.91 21.84 18.04
N GLY A 56 -6.97 21.77 17.11
CA GLY A 56 -5.96 20.74 17.15
C GLY A 56 -6.55 19.35 17.24
N ASN A 57 -7.14 18.88 16.14
CA ASN A 57 -7.75 17.56 16.09
C ASN A 57 -7.46 16.87 14.76
N THR A 58 -6.44 16.03 14.74
CA THR A 58 -6.07 15.31 13.52
C THR A 58 -7.27 14.62 12.91
N TYR A 59 -7.42 14.73 11.59
CA TYR A 59 -8.54 14.11 10.89
C TYR A 59 -8.05 13.28 9.71
N ARG A 60 -8.97 12.59 9.05
CA ARG A 60 -8.63 11.75 7.90
C ARG A 60 -8.89 12.51 6.60
N VAL A 61 -7.93 12.45 5.68
CA VAL A 61 -8.05 13.12 4.40
C VAL A 61 -9.41 12.86 3.77
N GLY A 62 -9.90 11.63 3.90
CA GLY A 62 -11.18 11.27 3.35
C GLY A 62 -12.31 11.39 4.36
N ASP A 63 -12.18 12.34 5.28
CA ASP A 63 -13.19 12.56 6.31
C ASP A 63 -13.52 14.04 6.46
N THR A 64 -14.74 14.42 6.13
CA THR A 64 -15.18 15.80 6.23
C THR A 64 -15.69 16.12 7.63
N TYR A 65 -15.53 17.38 8.04
CA TYR A 65 -15.97 17.81 9.36
C TYR A 65 -16.62 19.20 9.29
N GLU A 66 -17.04 19.71 10.44
CA GLU A 66 -17.67 21.02 10.50
C GLU A 66 -16.83 22.00 11.31
N ARG A 67 -16.93 23.28 10.99
CA ARG A 67 -16.17 24.31 11.69
C ARG A 67 -17.03 25.54 11.92
N PRO A 68 -17.55 25.70 13.15
CA PRO A 68 -18.39 26.85 13.52
C PRO A 68 -17.58 28.12 13.71
N LYS A 69 -17.80 29.09 12.83
CA LYS A 69 -17.09 30.37 12.91
C LYS A 69 -17.86 31.47 12.20
N ASP A 70 -17.52 32.72 12.51
CA ASP A 70 -18.19 33.87 11.90
C ASP A 70 -19.71 33.72 12.00
N SER A 71 -20.17 32.97 13.00
CA SER A 71 -21.60 32.77 13.20
C SER A 71 -22.17 31.82 12.13
N MET A 72 -21.28 31.24 11.33
CA MET A 72 -21.71 30.32 10.28
C MET A 72 -20.77 29.11 10.21
N ILE A 73 -21.37 27.92 10.11
CA ILE A 73 -20.59 26.69 10.04
C ILE A 73 -20.19 26.39 8.59
N TRP A 74 -19.14 25.60 8.44
CA TRP A 74 -18.65 25.23 7.11
C TRP A 74 -18.03 23.84 7.12
N ASP A 75 -18.73 22.88 6.51
CA ASP A 75 -18.25 21.50 6.45
C ASP A 75 -16.90 21.44 5.76
N CYS A 76 -15.83 21.51 6.55
CA CYS A 76 -14.47 21.46 6.02
C CYS A 76 -14.10 20.04 5.59
N THR A 77 -13.24 19.94 4.59
CA THR A 77 -12.80 18.63 4.09
C THR A 77 -11.27 18.55 4.07
N CYS A 78 -10.72 17.76 4.98
CA CYS A 78 -9.27 17.59 5.06
C CYS A 78 -8.69 17.16 3.72
N ILE A 79 -8.46 18.13 2.84
CA ILE A 79 -7.92 17.85 1.51
C ILE A 79 -6.41 17.61 1.58
N GLY A 80 -5.77 18.19 2.59
CA GLY A 80 -4.34 18.02 2.76
C GLY A 80 -3.88 18.29 4.17
N ALA A 81 -2.66 17.86 4.49
CA ALA A 81 -2.11 18.05 5.83
C ALA A 81 -1.30 19.34 5.90
N GLY A 82 -1.89 20.36 6.53
CA GLY A 82 -1.22 21.64 6.66
C GLY A 82 -0.40 21.99 5.43
N ARG A 83 -0.85 21.53 4.27
CA ARG A 83 -0.15 21.80 3.02
C ARG A 83 -1.14 21.90 1.86
N GLY A 84 -2.07 20.95 1.79
CA GLY A 84 -3.06 20.96 0.73
C GLY A 84 -3.99 22.15 0.80
N ARG A 85 -5.17 21.95 1.37
CA ARG A 85 -6.14 23.03 1.49
C ARG A 85 -7.47 22.50 2.02
N ILE A 86 -7.67 22.56 3.32
CA ILE A 86 -8.90 22.09 3.94
C ILE A 86 -10.06 23.03 3.64
N SER A 87 -10.60 22.91 2.43
CA SER A 87 -11.72 23.75 2.00
C SER A 87 -12.89 23.65 2.98
N CYS A 88 -13.66 24.71 3.08
CA CYS A 88 -14.82 24.75 3.98
C CYS A 88 -16.06 25.23 3.25
N THR A 89 -17.23 24.77 3.69
CA THR A 89 -18.49 25.16 3.07
C THR A 89 -19.68 24.77 3.94
N ILE A 90 -20.62 25.70 4.10
CA ILE A 90 -21.81 25.44 4.90
C ILE A 90 -22.70 24.39 4.25
N ALA A 91 -23.64 23.87 5.02
CA ALA A 91 -24.56 22.85 4.52
C ALA A 91 -23.83 21.54 4.26
N ASN A 92 -24.26 20.48 4.94
CA ASN A 92 -23.65 19.17 4.78
C ASN A 92 -24.32 18.38 3.66
N ARG A 93 -24.00 18.74 2.42
CA ARG A 93 -24.58 18.07 1.26
C ARG A 93 -24.14 16.61 1.21
N SER A 1 -14.91 -18.78 -13.89
CA SER A 1 -13.73 -18.89 -14.77
C SER A 1 -12.61 -19.65 -14.09
N LYS A 2 -11.70 -20.22 -14.88
CA LYS A 2 -10.57 -20.98 -14.35
C LYS A 2 -9.98 -20.28 -13.13
N PRO A 3 -9.49 -21.07 -12.16
CA PRO A 3 -8.88 -20.54 -10.94
C PRO A 3 -7.91 -19.41 -11.21
N GLY A 4 -8.28 -18.19 -10.82
CA GLY A 4 -7.43 -17.04 -11.03
C GLY A 4 -8.20 -15.83 -11.52
N CYS A 5 -7.58 -14.66 -11.42
CA CYS A 5 -8.22 -13.42 -11.86
C CYS A 5 -7.51 -12.85 -13.07
N TYR A 6 -8.30 -12.42 -14.06
CA TYR A 6 -7.74 -11.85 -15.28
C TYR A 6 -8.13 -10.37 -15.41
N ASP A 7 -7.13 -9.50 -15.37
CA ASP A 7 -7.36 -8.07 -15.49
C ASP A 7 -6.09 -7.34 -15.91
N ASN A 8 -6.24 -6.13 -16.44
CA ASN A 8 -5.10 -5.34 -16.87
C ASN A 8 -4.30 -6.08 -17.93
N GLY A 9 -4.96 -6.99 -18.65
CA GLY A 9 -4.29 -7.75 -19.68
C GLY A 9 -3.35 -8.79 -19.11
N LYS A 10 -3.38 -8.96 -17.79
CA LYS A 10 -2.53 -9.94 -17.13
C LYS A 10 -3.36 -10.94 -16.32
N HIS A 11 -2.94 -12.20 -16.33
CA HIS A 11 -3.64 -13.24 -15.60
C HIS A 11 -2.78 -13.79 -14.47
N TYR A 12 -2.88 -13.16 -13.29
CA TYR A 12 -2.12 -13.58 -12.14
C TYR A 12 -2.76 -14.79 -11.46
N GLN A 13 -2.27 -15.13 -10.28
CA GLN A 13 -2.79 -16.27 -9.53
C GLN A 13 -3.71 -15.81 -8.40
N ILE A 14 -4.36 -16.75 -7.74
CA ILE A 14 -5.26 -16.45 -6.65
C ILE A 14 -4.52 -15.86 -5.46
N ASN A 15 -5.24 -15.10 -4.64
CA ASN A 15 -4.65 -14.48 -3.45
C ASN A 15 -3.42 -13.67 -3.81
N GLN A 16 -3.28 -13.34 -5.09
CA GLN A 16 -2.14 -12.56 -5.56
C GLN A 16 -2.49 -11.07 -5.61
N GLN A 17 -1.49 -10.23 -5.44
CA GLN A 17 -1.69 -8.78 -5.47
C GLN A 17 -0.95 -8.14 -6.64
N TRP A 18 -1.56 -7.11 -7.22
CA TRP A 18 -0.96 -6.41 -8.34
C TRP A 18 -1.35 -4.93 -8.34
N GLU A 19 -0.84 -4.19 -9.31
CA GLU A 19 -1.14 -2.76 -9.41
C GLU A 19 -2.16 -2.49 -10.51
N ARG A 20 -3.20 -1.74 -10.16
CA ARG A 20 -4.24 -1.39 -11.11
C ARG A 20 -4.55 0.10 -11.03
N THR A 21 -5.36 0.60 -11.97
CA THR A 21 -5.72 2.02 -11.98
C THR A 21 -7.18 2.21 -12.35
N TYR A 22 -7.87 3.05 -11.57
CA TYR A 22 -9.28 3.32 -11.81
C TYR A 22 -9.51 4.83 -11.97
N LEU A 23 -10.10 5.21 -13.09
CA LEU A 23 -10.37 6.62 -13.37
C LEU A 23 -9.07 7.36 -13.64
N GLY A 24 -8.05 6.62 -14.04
CA GLY A 24 -6.76 7.22 -14.33
C GLY A 24 -5.99 7.56 -13.08
N ASN A 25 -6.03 6.67 -12.09
CA ASN A 25 -5.33 6.91 -10.84
C ASN A 25 -4.81 5.60 -10.25
N ALA A 26 -3.57 5.64 -9.74
CA ALA A 26 -2.96 4.45 -9.15
C ALA A 26 -3.98 3.63 -8.38
N LEU A 27 -3.74 2.33 -8.29
CA LEU A 27 -4.65 1.42 -7.58
C LEU A 27 -4.01 0.06 -7.35
N VAL A 28 -4.54 -0.67 -6.38
CA VAL A 28 -4.04 -2.00 -6.06
C VAL A 28 -5.17 -3.01 -5.99
N CYS A 29 -5.02 -4.12 -6.70
CA CYS A 29 -6.03 -5.17 -6.73
C CYS A 29 -5.55 -6.42 -6.00
N THR A 30 -6.51 -7.30 -5.68
CA THR A 30 -6.19 -8.54 -4.98
C THR A 30 -7.10 -9.67 -5.45
N CYS A 31 -6.50 -10.71 -6.03
CA CYS A 31 -7.26 -11.85 -6.52
C CYS A 31 -7.79 -12.71 -5.37
N TYR A 32 -8.98 -13.27 -5.56
CA TYR A 32 -9.59 -14.11 -4.53
C TYR A 32 -9.81 -15.53 -5.06
N GLY A 33 -9.75 -15.69 -6.37
CA GLY A 33 -9.94 -16.99 -6.96
C GLY A 33 -11.39 -17.24 -7.37
N GLY A 34 -11.65 -18.42 -7.92
CA GLY A 34 -13.00 -18.75 -8.34
C GLY A 34 -13.75 -17.56 -8.90
N SER A 35 -14.72 -17.06 -8.13
CA SER A 35 -15.51 -15.91 -8.56
C SER A 35 -15.60 -14.87 -7.44
N ARG A 36 -14.84 -15.08 -6.37
CA ARG A 36 -14.83 -14.16 -5.24
C ARG A 36 -14.57 -12.73 -5.70
N GLY A 37 -14.01 -12.60 -6.90
CA GLY A 37 -13.71 -11.29 -7.44
C GLY A 37 -12.60 -10.58 -6.68
N PHE A 38 -11.87 -9.72 -7.36
CA PHE A 38 -10.78 -8.98 -6.74
C PHE A 38 -11.26 -7.63 -6.21
N ASN A 39 -10.52 -7.08 -5.26
CA ASN A 39 -10.86 -5.78 -4.67
C ASN A 39 -9.78 -4.76 -4.96
N CYS A 40 -10.12 -3.72 -5.72
CA CYS A 40 -9.16 -2.68 -6.06
C CYS A 40 -9.39 -1.42 -5.23
N GLU A 41 -8.33 -0.65 -5.02
CA GLU A 41 -8.41 0.58 -4.25
C GLU A 41 -7.09 1.32 -4.26
N SER A 42 -7.04 2.47 -3.60
CA SER A 42 -5.83 3.28 -3.54
C SER A 42 -4.80 2.64 -2.61
N LYS A 43 -3.54 2.60 -3.07
CA LYS A 43 -2.47 2.03 -2.28
C LYS A 43 -2.60 2.39 -0.81
N PRO A 44 -2.90 1.40 0.04
CA PRO A 44 -3.07 1.61 1.49
C PRO A 44 -1.75 1.94 2.18
N GLU A 45 -1.83 2.61 3.32
CA GLU A 45 -0.64 2.97 4.07
C GLU A 45 -0.14 1.81 4.92
N ALA A 46 -1.05 1.20 5.67
CA ALA A 46 -0.71 0.06 6.52
C ALA A 46 -1.94 -0.79 6.82
N GLU A 47 -1.72 -2.10 6.98
CA GLU A 47 -2.81 -3.01 7.28
C GLU A 47 -2.79 -3.41 8.75
N GLU A 48 -1.58 -3.60 9.29
CA GLU A 48 -1.43 -3.98 10.69
C GLU A 48 -1.73 -2.80 11.61
N THR A 49 -1.55 -3.01 12.91
CA THR A 49 -1.80 -1.97 13.90
C THR A 49 -3.28 -1.60 13.94
N CYS A 50 -3.58 -0.44 14.51
CA CYS A 50 -4.95 0.02 14.61
C CYS A 50 -5.00 1.53 14.85
N PHE A 51 -6.13 2.14 14.51
CA PHE A 51 -6.31 3.58 14.69
C PHE A 51 -7.31 3.87 15.80
N ASP A 52 -8.10 2.85 16.14
CA ASP A 52 -9.11 2.99 17.19
C ASP A 52 -9.72 4.38 17.18
N LYS A 53 -10.84 4.52 16.48
CA LYS A 53 -11.53 5.80 16.39
C LYS A 53 -11.80 6.37 17.77
N TYR A 54 -12.59 7.43 17.85
CA TYR A 54 -12.93 8.07 19.11
C TYR A 54 -11.83 9.05 19.53
N THR A 55 -10.60 8.57 19.62
CA THR A 55 -9.48 9.41 20.00
C THR A 55 -8.28 9.17 19.09
N GLY A 56 -8.53 8.56 17.94
CA GLY A 56 -7.47 8.28 16.99
C GLY A 56 -6.24 7.70 17.66
N ASN A 57 -6.42 6.57 18.34
CA ASN A 57 -5.31 5.91 19.02
C ASN A 57 -4.60 4.93 18.10
N THR A 58 -3.41 4.51 18.50
CA THR A 58 -2.63 3.56 17.71
C THR A 58 -2.38 2.27 18.48
N TYR A 59 -3.29 1.32 18.32
CA TYR A 59 -3.18 0.03 18.99
C TYR A 59 -2.58 -1.02 18.06
N ARG A 60 -2.64 -2.28 18.48
CA ARG A 60 -2.11 -3.38 17.69
C ARG A 60 -3.11 -4.51 17.59
N VAL A 61 -2.90 -5.40 16.63
CA VAL A 61 -3.79 -6.54 16.42
C VAL A 61 -3.54 -7.62 17.47
N GLY A 62 -2.33 -7.62 18.03
CA GLY A 62 -1.98 -8.61 19.03
C GLY A 62 -2.27 -8.14 20.44
N ASP A 63 -3.05 -7.07 20.56
CA ASP A 63 -3.40 -6.53 21.87
C ASP A 63 -4.76 -5.83 21.83
N THR A 64 -5.73 -6.40 22.54
CA THR A 64 -7.07 -5.84 22.58
C THR A 64 -7.11 -4.58 23.45
N TYR A 65 -8.29 -3.98 23.54
CA TYR A 65 -8.47 -2.77 24.33
C TYR A 65 -9.90 -2.64 24.82
N GLU A 66 -10.13 -1.71 25.74
CA GLU A 66 -11.46 -1.48 26.29
C GLU A 66 -12.01 -0.14 25.83
N ARG A 67 -13.32 -0.08 25.59
CA ARG A 67 -13.96 1.15 25.14
C ARG A 67 -15.38 1.24 25.69
N PRO A 68 -15.56 1.96 26.80
CA PRO A 68 -16.87 2.14 27.43
C PRO A 68 -17.89 2.74 26.47
N LYS A 69 -19.12 2.23 26.52
CA LYS A 69 -20.17 2.71 25.65
C LYS A 69 -21.55 2.44 26.25
N ASP A 70 -22.57 3.11 25.71
CA ASP A 70 -23.93 2.95 26.20
C ASP A 70 -23.99 3.03 27.72
N SER A 71 -23.90 1.87 28.38
CA SER A 71 -23.94 1.82 29.83
C SER A 71 -23.18 0.61 30.35
N MET A 72 -22.32 0.04 29.51
CA MET A 72 -21.53 -1.12 29.88
C MET A 72 -20.16 -1.09 29.20
N ILE A 73 -19.26 -1.95 29.65
CA ILE A 73 -17.92 -2.03 29.08
C ILE A 73 -17.74 -3.29 28.25
N TRP A 74 -17.06 -3.16 27.12
CA TRP A 74 -16.82 -4.29 26.24
C TRP A 74 -15.36 -4.38 25.82
N ASP A 75 -14.74 -5.53 26.07
CA ASP A 75 -13.34 -5.74 25.74
C ASP A 75 -13.15 -5.74 24.22
N CYS A 76 -13.27 -4.56 23.61
CA CYS A 76 -13.10 -4.42 22.17
C CYS A 76 -11.72 -4.88 21.73
N THR A 77 -11.67 -5.99 21.00
CA THR A 77 -10.40 -6.52 20.51
C THR A 77 -10.23 -6.24 19.03
N CYS A 78 -9.16 -5.51 18.70
CA CYS A 78 -8.88 -5.15 17.31
C CYS A 78 -8.72 -6.40 16.45
N ILE A 79 -9.84 -6.98 16.05
CA ILE A 79 -9.84 -8.18 15.22
C ILE A 79 -10.04 -7.84 13.75
N GLY A 80 -8.94 -7.84 12.99
CA GLY A 80 -9.02 -7.53 11.58
C GLY A 80 -7.82 -6.76 11.09
N ALA A 81 -7.77 -6.51 9.78
CA ALA A 81 -6.67 -5.77 9.18
C ALA A 81 -6.69 -4.31 9.61
N GLY A 82 -6.62 -4.07 10.91
CA GLY A 82 -6.63 -2.72 11.43
C GLY A 82 -8.03 -2.21 11.68
N ARG A 83 -9.01 -2.79 11.00
CA ARG A 83 -10.41 -2.38 11.15
C ARG A 83 -11.32 -3.27 10.32
N GLY A 84 -11.24 -4.57 10.54
CA GLY A 84 -12.08 -5.50 9.80
C GLY A 84 -13.41 -5.76 10.50
N ARG A 85 -13.38 -5.82 11.82
CA ARG A 85 -14.58 -6.06 12.60
C ARG A 85 -14.26 -6.05 14.09
N ILE A 86 -13.55 -5.01 14.53
CA ILE A 86 -13.18 -4.87 15.93
C ILE A 86 -14.30 -5.32 16.86
N SER A 87 -14.29 -6.61 17.22
CA SER A 87 -15.31 -7.16 18.10
C SER A 87 -15.16 -6.61 19.51
N CYS A 88 -16.11 -6.95 20.38
CA CYS A 88 -16.07 -6.48 21.76
C CYS A 88 -16.84 -7.42 22.68
N THR A 89 -16.18 -7.92 23.71
CA THR A 89 -16.80 -8.83 24.66
C THR A 89 -17.38 -8.07 25.85
N ILE A 90 -18.71 -7.93 25.86
CA ILE A 90 -19.39 -7.23 26.94
C ILE A 90 -18.83 -7.63 28.31
N ALA A 91 -18.89 -6.71 29.26
CA ALA A 91 -18.39 -6.98 30.60
C ALA A 91 -19.49 -6.81 31.65
N ASN A 92 -19.69 -7.83 32.47
CA ASN A 92 -20.71 -7.79 33.51
C ASN A 92 -20.27 -8.60 34.73
N ARG A 93 -21.05 -8.52 35.80
CA ARG A 93 -20.74 -9.24 37.02
C ARG A 93 -20.83 -10.75 36.81
N SER A 1 -12.94 -23.19 -18.08
CA SER A 1 -12.62 -22.81 -16.67
C SER A 1 -11.19 -22.28 -16.56
N LYS A 2 -11.06 -20.96 -16.41
CA LYS A 2 -9.75 -20.33 -16.30
C LYS A 2 -9.57 -19.70 -14.92
N PRO A 3 -9.02 -20.47 -13.97
CA PRO A 3 -8.79 -20.00 -12.60
C PRO A 3 -8.04 -18.66 -12.57
N GLY A 4 -7.59 -18.27 -11.38
CA GLY A 4 -6.87 -17.03 -11.24
C GLY A 4 -7.76 -15.82 -11.45
N CYS A 5 -7.14 -14.64 -11.59
CA CYS A 5 -7.89 -13.41 -11.81
C CYS A 5 -7.38 -12.67 -13.04
N TYR A 6 -8.30 -12.24 -13.88
CA TYR A 6 -7.95 -11.52 -15.11
C TYR A 6 -8.28 -10.03 -14.97
N ASP A 7 -7.27 -9.20 -15.16
CA ASP A 7 -7.45 -7.75 -15.06
C ASP A 7 -6.37 -7.01 -15.84
N ASN A 8 -6.79 -6.01 -16.61
CA ASN A 8 -5.87 -5.21 -17.41
C ASN A 8 -5.17 -6.07 -18.46
N GLY A 9 -5.66 -7.29 -18.64
CA GLY A 9 -5.08 -8.18 -19.62
C GLY A 9 -4.09 -9.17 -19.02
N LYS A 10 -3.71 -8.91 -17.77
CA LYS A 10 -2.76 -9.80 -17.08
C LYS A 10 -3.51 -10.90 -16.33
N HIS A 11 -2.89 -12.07 -16.25
CA HIS A 11 -3.50 -13.21 -15.56
C HIS A 11 -2.65 -13.66 -14.38
N TYR A 12 -2.93 -13.10 -13.21
CA TYR A 12 -2.19 -13.44 -12.01
C TYR A 12 -2.72 -14.74 -11.40
N GLN A 13 -2.34 -15.01 -10.16
CA GLN A 13 -2.78 -16.21 -9.47
C GLN A 13 -3.62 -15.87 -8.25
N ILE A 14 -4.43 -16.82 -7.79
CA ILE A 14 -5.30 -16.60 -6.64
C ILE A 14 -4.50 -16.07 -5.45
N ASN A 15 -5.17 -15.32 -4.58
CA ASN A 15 -4.54 -14.75 -3.40
C ASN A 15 -3.31 -13.94 -3.78
N GLN A 16 -3.26 -13.50 -5.03
CA GLN A 16 -2.15 -12.70 -5.52
C GLN A 16 -2.53 -11.22 -5.58
N GLN A 17 -1.53 -10.35 -5.43
CA GLN A 17 -1.77 -8.91 -5.47
C GLN A 17 -1.03 -8.28 -6.64
N TRP A 18 -1.65 -7.25 -7.23
CA TRP A 18 -1.06 -6.54 -8.36
C TRP A 18 -1.43 -5.06 -8.33
N GLU A 19 -0.91 -4.30 -9.28
CA GLU A 19 -1.19 -2.88 -9.36
C GLU A 19 -2.11 -2.55 -10.52
N ARG A 20 -3.13 -1.74 -10.26
CA ARG A 20 -4.08 -1.34 -11.28
C ARG A 20 -4.32 0.16 -11.24
N THR A 21 -5.33 0.63 -11.96
CA THR A 21 -5.64 2.05 -11.99
C THR A 21 -7.09 2.29 -12.41
N TYR A 22 -7.70 3.32 -11.84
CA TYR A 22 -9.09 3.66 -12.17
C TYR A 22 -9.23 5.15 -12.44
N LEU A 23 -9.89 5.50 -13.54
CA LEU A 23 -10.09 6.89 -13.90
C LEU A 23 -8.75 7.60 -14.05
N GLY A 24 -7.70 6.81 -14.29
CA GLY A 24 -6.37 7.37 -14.44
C GLY A 24 -5.70 7.65 -13.12
N ASN A 25 -5.82 6.72 -12.18
CA ASN A 25 -5.22 6.87 -10.87
C ASN A 25 -4.72 5.55 -10.34
N ALA A 26 -3.47 5.53 -9.86
CA ALA A 26 -2.87 4.32 -9.32
C ALA A 26 -3.89 3.52 -8.51
N LEU A 27 -3.65 2.22 -8.38
CA LEU A 27 -4.55 1.36 -7.63
C LEU A 27 -3.94 -0.02 -7.39
N VAL A 28 -4.46 -0.73 -6.40
CA VAL A 28 -3.97 -2.06 -6.08
C VAL A 28 -5.11 -3.06 -6.04
N CYS A 29 -4.95 -4.16 -6.76
CA CYS A 29 -5.97 -5.20 -6.82
C CYS A 29 -5.47 -6.50 -6.19
N THR A 30 -6.41 -7.28 -5.65
CA THR A 30 -6.07 -8.55 -5.02
C THR A 30 -7.04 -9.65 -5.44
N CYS A 31 -6.49 -10.80 -5.80
CA CYS A 31 -7.31 -11.93 -6.23
C CYS A 31 -7.78 -12.74 -5.02
N TYR A 32 -8.82 -13.54 -5.23
CA TYR A 32 -9.38 -14.37 -4.16
C TYR A 32 -9.61 -15.80 -4.65
N GLY A 33 -10.10 -15.92 -5.88
CA GLY A 33 -10.36 -17.23 -6.44
C GLY A 33 -11.42 -17.20 -7.52
N GLY A 34 -11.31 -16.23 -8.42
CA GLY A 34 -12.26 -16.10 -9.50
C GLY A 34 -13.66 -15.77 -9.00
N SER A 35 -14.28 -16.73 -8.34
CA SER A 35 -15.63 -16.55 -7.80
C SER A 35 -15.63 -15.45 -6.73
N ARG A 36 -14.70 -15.54 -5.80
CA ARG A 36 -14.59 -14.56 -4.72
C ARG A 36 -14.45 -13.14 -5.29
N GLY A 37 -13.97 -13.06 -6.52
CA GLY A 37 -13.79 -11.77 -7.15
C GLY A 37 -12.69 -10.94 -6.51
N PHE A 38 -11.98 -10.17 -7.33
CA PHE A 38 -10.89 -9.33 -6.84
C PHE A 38 -11.42 -7.99 -6.36
N ASN A 39 -10.55 -7.22 -5.71
CA ASN A 39 -10.92 -5.90 -5.20
C ASN A 39 -9.78 -4.91 -5.39
N CYS A 40 -10.12 -3.69 -5.81
CA CYS A 40 -9.10 -2.66 -6.02
C CYS A 40 -9.33 -1.47 -5.09
N GLU A 41 -8.28 -0.67 -4.89
CA GLU A 41 -8.37 0.49 -4.03
C GLU A 41 -7.14 1.39 -4.19
N SER A 42 -7.18 2.56 -3.57
CA SER A 42 -6.07 3.50 -3.66
C SER A 42 -4.92 3.07 -2.75
N LYS A 43 -3.70 3.45 -3.12
CA LYS A 43 -2.52 3.10 -2.35
C LYS A 43 -2.76 3.33 -0.86
N PRO A 44 -2.72 2.26 -0.05
CA PRO A 44 -2.93 2.33 1.40
C PRO A 44 -2.06 3.40 2.05
N GLU A 45 -0.96 3.74 1.39
CA GLU A 45 -0.04 4.76 1.91
C GLU A 45 -0.66 6.15 1.84
N ALA A 46 -1.81 6.31 2.48
CA ALA A 46 -2.50 7.60 2.48
C ALA A 46 -2.47 8.23 1.09
N GLU A 47 -2.87 9.50 1.02
CA GLU A 47 -2.89 10.23 -0.24
C GLU A 47 -1.46 10.61 -0.65
N GLU A 48 -0.58 10.75 0.32
CA GLU A 48 0.81 11.10 0.06
C GLU A 48 1.61 9.86 -0.33
N THR A 49 2.71 10.08 -1.04
CA THR A 49 3.56 8.97 -1.49
C THR A 49 4.70 9.46 -2.37
N CYS A 50 5.55 8.54 -2.80
CA CYS A 50 6.68 8.87 -3.65
C CYS A 50 7.56 7.64 -3.89
N PHE A 51 8.79 7.88 -4.33
CA PHE A 51 9.72 6.79 -4.59
C PHE A 51 11.12 7.32 -4.85
N ASP A 52 11.20 8.44 -5.57
CA ASP A 52 12.49 9.05 -5.89
C ASP A 52 13.45 8.02 -6.47
N LYS A 53 13.39 7.84 -7.79
CA LYS A 53 14.25 6.88 -8.46
C LYS A 53 15.72 7.21 -8.23
N TYR A 54 16.58 6.22 -8.42
CA TYR A 54 18.02 6.40 -8.23
C TYR A 54 18.38 6.40 -6.75
N THR A 55 17.47 5.88 -5.93
CA THR A 55 17.70 5.81 -4.48
C THR A 55 16.73 4.84 -3.82
N GLY A 56 15.46 4.91 -4.20
CA GLY A 56 14.47 4.02 -3.63
C GLY A 56 14.05 4.44 -2.24
N ASN A 57 13.24 5.49 -2.16
CA ASN A 57 12.77 5.99 -0.87
C ASN A 57 11.25 6.15 -0.88
N THR A 58 10.72 6.75 0.18
CA THR A 58 9.28 6.97 0.30
C THR A 58 8.98 8.27 1.04
N TYR A 59 8.67 9.31 0.29
CA TYR A 59 8.35 10.62 0.88
C TYR A 59 6.86 10.76 1.13
N ARG A 60 6.40 11.99 1.28
CA ARG A 60 4.99 12.27 1.50
C ARG A 60 4.56 13.54 0.78
N VAL A 61 4.69 13.53 -0.54
CA VAL A 61 4.33 14.67 -1.37
C VAL A 61 4.47 15.99 -0.62
N GLY A 62 5.59 16.13 0.09
CA GLY A 62 5.83 17.35 0.84
C GLY A 62 7.30 17.54 1.19
N ASP A 63 8.17 17.25 0.22
CA ASP A 63 9.61 17.39 0.42
C ASP A 63 10.33 17.46 -0.92
N THR A 64 10.84 18.65 -1.25
CA THR A 64 11.56 18.85 -2.50
C THR A 64 13.07 18.73 -2.29
N TYR A 65 13.81 18.74 -3.39
CA TYR A 65 15.28 18.63 -3.32
C TYR A 65 15.91 19.02 -4.65
N GLU A 66 17.22 18.84 -4.75
CA GLU A 66 17.95 19.17 -5.97
C GLU A 66 18.53 17.91 -6.62
N ARG A 67 18.22 17.71 -7.89
CA ARG A 67 18.71 16.54 -8.61
C ARG A 67 19.32 16.95 -9.95
N PRO A 68 20.63 17.22 -9.97
CA PRO A 68 21.35 17.61 -11.18
C PRO A 68 21.21 16.58 -12.30
N LYS A 69 20.65 16.99 -13.43
CA LYS A 69 20.46 16.10 -14.56
C LYS A 69 21.08 16.68 -15.82
N ASP A 70 21.60 15.80 -16.69
CA ASP A 70 22.22 16.22 -17.93
C ASP A 70 23.42 17.13 -17.67
N SER A 71 23.16 18.42 -17.48
CA SER A 71 24.21 19.39 -17.23
C SER A 71 23.67 20.61 -16.49
N MET A 72 22.53 20.45 -15.84
CA MET A 72 21.90 21.53 -15.10
C MET A 72 21.22 21.01 -13.83
N ILE A 73 20.90 21.93 -12.92
CA ILE A 73 20.24 21.55 -11.66
C ILE A 73 18.74 21.79 -11.74
N TRP A 74 17.98 21.00 -10.99
CA TRP A 74 16.53 21.13 -10.97
C TRP A 74 15.98 20.77 -9.59
N ASP A 75 15.29 21.73 -8.97
CA ASP A 75 14.70 21.52 -7.65
C ASP A 75 13.53 20.56 -7.72
N CYS A 76 13.79 19.35 -8.21
CA CYS A 76 12.74 18.34 -8.32
C CYS A 76 11.90 18.27 -7.06
N THR A 77 10.59 18.18 -7.22
CA THR A 77 9.68 18.12 -6.08
C THR A 77 8.81 16.86 -6.14
N CYS A 78 8.61 16.24 -4.99
CA CYS A 78 7.81 15.02 -4.91
C CYS A 78 6.33 15.33 -5.15
N ILE A 79 6.00 15.72 -6.38
CA ILE A 79 4.63 16.05 -6.73
C ILE A 79 3.80 14.79 -6.95
N GLY A 80 2.70 14.69 -6.19
CA GLY A 80 1.83 13.53 -6.31
C GLY A 80 0.37 13.87 -6.11
N ALA A 81 -0.41 12.91 -5.63
CA ALA A 81 -1.82 13.13 -5.39
C ALA A 81 -2.63 12.88 -6.66
N GLY A 82 -2.76 11.62 -7.04
CA GLY A 82 -3.51 11.27 -8.23
C GLY A 82 -2.64 11.20 -9.47
N ARG A 83 -1.98 12.31 -9.79
CA ARG A 83 -1.11 12.38 -10.95
C ARG A 83 -0.19 13.59 -10.88
N GLY A 84 0.58 13.68 -9.80
CA GLY A 84 1.50 14.79 -9.63
C GLY A 84 2.78 14.61 -10.41
N ARG A 85 3.30 13.38 -10.42
CA ARG A 85 4.54 13.08 -11.13
C ARG A 85 5.67 14.00 -10.67
N ILE A 86 6.69 13.41 -10.06
CA ILE A 86 7.84 14.18 -9.58
C ILE A 86 8.30 15.19 -10.61
N SER A 87 7.80 16.42 -10.49
CA SER A 87 8.16 17.48 -11.43
C SER A 87 9.56 18.02 -11.12
N CYS A 88 10.25 18.48 -12.16
CA CYS A 88 11.60 19.02 -12.00
C CYS A 88 11.74 20.34 -12.74
N THR A 89 11.70 21.44 -11.99
CA THR A 89 11.83 22.77 -12.58
C THR A 89 13.31 23.15 -12.75
N ILE A 90 13.60 23.85 -13.85
CA ILE A 90 14.97 24.27 -14.13
C ILE A 90 15.41 25.38 -13.17
N ALA A 91 16.66 25.30 -12.74
CA ALA A 91 17.21 26.30 -11.81
C ALA A 91 18.13 27.27 -12.54
N ASN A 92 18.12 28.52 -12.10
CA ASN A 92 18.96 29.55 -12.72
C ASN A 92 19.84 30.24 -11.66
N ARG A 93 19.93 29.62 -10.49
CA ARG A 93 20.73 30.17 -9.40
C ARG A 93 20.74 29.23 -8.19
N SER A 1 -15.58 -18.92 -18.23
CA SER A 1 -15.59 -20.00 -17.21
C SER A 1 -14.18 -20.52 -16.95
N LYS A 2 -13.46 -19.85 -16.05
CA LYS A 2 -12.10 -20.25 -15.72
C LYS A 2 -11.68 -19.68 -14.38
N PRO A 3 -10.69 -20.31 -13.73
CA PRO A 3 -10.19 -19.88 -12.42
C PRO A 3 -9.31 -18.63 -12.53
N GLY A 4 -8.54 -18.36 -11.48
CA GLY A 4 -7.66 -17.20 -11.48
C GLY A 4 -8.43 -15.90 -11.45
N CYS A 5 -7.92 -14.90 -12.14
CA CYS A 5 -8.56 -13.58 -12.19
C CYS A 5 -8.09 -12.78 -13.40
N TYR A 6 -8.19 -13.40 -14.58
CA TYR A 6 -7.77 -12.75 -15.82
C TYR A 6 -8.34 -11.34 -15.90
N ASP A 7 -7.49 -10.34 -15.64
CA ASP A 7 -7.92 -8.96 -15.69
C ASP A 7 -7.98 -8.46 -17.14
N ASN A 8 -8.10 -7.15 -17.30
CA ASN A 8 -8.17 -6.55 -18.63
C ASN A 8 -7.16 -7.19 -19.58
N GLY A 9 -5.91 -7.19 -19.17
CA GLY A 9 -4.86 -7.77 -19.98
C GLY A 9 -3.82 -8.51 -19.15
N LYS A 10 -4.10 -8.66 -17.86
CA LYS A 10 -3.19 -9.36 -16.96
C LYS A 10 -3.92 -10.46 -16.19
N HIS A 11 -3.33 -11.65 -16.17
CA HIS A 11 -3.93 -12.78 -15.48
C HIS A 11 -3.04 -13.27 -14.34
N TYR A 12 -3.21 -12.68 -13.16
CA TYR A 12 -2.42 -13.06 -11.99
C TYR A 12 -2.95 -14.35 -11.37
N GLN A 13 -2.12 -14.98 -10.56
CA GLN A 13 -2.51 -16.22 -9.89
C GLN A 13 -3.27 -15.91 -8.60
N ILE A 14 -4.34 -16.66 -8.36
CA ILE A 14 -5.14 -16.47 -7.16
C ILE A 14 -4.26 -16.14 -5.96
N ASN A 15 -4.80 -15.32 -5.05
CA ASN A 15 -4.07 -14.93 -3.84
C ASN A 15 -2.86 -14.05 -4.19
N GLN A 16 -2.81 -13.59 -5.43
CA GLN A 16 -1.71 -12.74 -5.88
C GLN A 16 -2.13 -11.28 -5.88
N GLN A 17 -1.19 -10.40 -5.54
CA GLN A 17 -1.46 -8.97 -5.50
C GLN A 17 -0.72 -8.23 -6.61
N TRP A 18 -1.24 -7.06 -6.98
CA TRP A 18 -0.61 -6.24 -8.02
C TRP A 18 -1.14 -4.82 -7.96
N GLU A 19 -0.41 -3.90 -8.59
CA GLU A 19 -0.82 -2.50 -8.61
C GLU A 19 -1.37 -2.09 -9.97
N ARG A 20 -2.58 -1.56 -9.98
CA ARG A 20 -3.22 -1.13 -11.21
C ARG A 20 -3.61 0.35 -11.12
N THR A 21 -4.39 0.82 -12.09
CA THR A 21 -4.83 2.20 -12.10
C THR A 21 -6.19 2.34 -12.79
N TYR A 22 -7.09 3.05 -12.14
CA TYR A 22 -8.44 3.26 -12.69
C TYR A 22 -8.72 4.75 -12.85
N LEU A 23 -9.37 5.13 -13.94
CA LEU A 23 -9.69 6.52 -14.19
C LEU A 23 -8.42 7.36 -14.17
N GLY A 24 -7.28 6.72 -14.34
CA GLY A 24 -6.01 7.42 -14.33
C GLY A 24 -5.54 7.75 -12.92
N ASN A 25 -5.62 6.76 -12.03
CA ASN A 25 -5.20 6.97 -10.65
C ASN A 25 -4.72 5.66 -10.04
N ALA A 26 -3.56 5.71 -9.39
CA ALA A 26 -2.98 4.53 -8.74
C ALA A 26 -4.08 3.64 -8.15
N LEU A 27 -3.84 2.34 -8.16
CA LEU A 27 -4.81 1.39 -7.63
C LEU A 27 -4.14 0.06 -7.28
N VAL A 28 -4.65 -0.60 -6.24
CA VAL A 28 -4.12 -1.88 -5.81
C VAL A 28 -5.20 -2.96 -5.83
N CYS A 29 -4.88 -4.09 -6.42
CA CYS A 29 -5.83 -5.20 -6.53
C CYS A 29 -5.32 -6.43 -5.79
N THR A 30 -6.25 -7.26 -5.32
CA THR A 30 -5.89 -8.48 -4.59
C THR A 30 -6.78 -9.64 -5.02
N CYS A 31 -6.19 -10.63 -5.67
CA CYS A 31 -6.93 -11.80 -6.13
C CYS A 31 -7.20 -12.75 -4.98
N TYR A 32 -8.44 -13.24 -4.90
CA TYR A 32 -8.83 -14.16 -3.85
C TYR A 32 -8.98 -15.59 -4.39
N GLY A 33 -9.67 -15.70 -5.53
CA GLY A 33 -9.87 -17.00 -6.14
C GLY A 33 -11.34 -17.36 -6.23
N GLY A 34 -11.63 -18.60 -6.63
CA GLY A 34 -13.00 -19.04 -6.75
C GLY A 34 -13.89 -17.99 -7.37
N SER A 35 -14.82 -17.46 -6.57
CA SER A 35 -15.74 -16.44 -7.05
C SER A 35 -15.44 -15.08 -6.42
N ARG A 36 -14.76 -15.11 -5.27
CA ARG A 36 -14.40 -13.88 -4.57
C ARG A 36 -13.80 -12.86 -5.53
N GLY A 37 -13.16 -13.34 -6.58
CA GLY A 37 -12.56 -12.46 -7.56
C GLY A 37 -11.43 -11.62 -6.98
N PHE A 38 -11.55 -10.30 -7.12
CA PHE A 38 -10.55 -9.39 -6.61
C PHE A 38 -11.14 -8.00 -6.36
N ASN A 39 -10.53 -7.25 -5.45
CA ASN A 39 -11.00 -5.91 -5.12
C ASN A 39 -9.89 -4.88 -5.31
N CYS A 40 -10.20 -3.79 -5.98
CA CYS A 40 -9.22 -2.73 -6.23
C CYS A 40 -9.57 -1.47 -5.46
N GLU A 41 -8.58 -0.59 -5.28
CA GLU A 41 -8.79 0.66 -4.56
C GLU A 41 -7.48 1.46 -4.47
N SER A 42 -7.58 2.69 -3.99
CA SER A 42 -6.42 3.55 -3.84
C SER A 42 -5.38 2.91 -2.92
N LYS A 43 -4.22 2.61 -3.48
CA LYS A 43 -3.14 2.00 -2.71
C LYS A 43 -2.93 2.73 -1.39
N PRO A 44 -2.75 1.97 -0.29
CA PRO A 44 -2.55 2.54 1.04
C PRO A 44 -1.53 3.68 1.04
N GLU A 45 -1.95 4.84 1.54
CA GLU A 45 -1.08 6.00 1.60
C GLU A 45 -0.10 5.90 2.76
N ALA A 46 -0.62 5.64 3.95
CA ALA A 46 0.20 5.52 5.14
C ALA A 46 -0.58 4.88 6.29
N GLU A 47 0.05 3.91 6.95
CA GLU A 47 -0.57 3.23 8.07
C GLU A 47 -0.91 4.19 9.20
N GLU A 48 -1.68 3.71 10.17
CA GLU A 48 -2.08 4.53 11.30
C GLU A 48 -1.33 4.13 12.55
N THR A 49 -0.09 4.58 12.66
CA THR A 49 0.75 4.28 13.82
C THR A 49 2.01 5.13 13.83
N CYS A 50 2.79 5.01 14.91
CA CYS A 50 4.03 5.77 15.04
C CYS A 50 4.64 5.56 16.42
N PHE A 51 5.71 4.78 16.47
CA PHE A 51 6.39 4.48 17.73
C PHE A 51 6.96 5.77 18.34
N ASP A 52 6.47 6.11 19.52
CA ASP A 52 6.93 7.31 20.22
C ASP A 52 8.13 7.00 21.10
N LYS A 53 9.30 6.90 20.49
CA LYS A 53 10.53 6.60 21.22
C LYS A 53 10.52 7.28 22.59
N TYR A 54 9.86 8.43 22.67
CA TYR A 54 9.77 9.17 23.92
C TYR A 54 9.55 8.23 25.10
N THR A 55 8.48 7.44 25.02
CA THR A 55 8.15 6.49 26.08
C THR A 55 7.98 5.09 25.53
N GLY A 56 7.41 4.99 24.33
CA GLY A 56 7.21 3.70 23.72
C GLY A 56 5.76 3.47 23.30
N ASN A 57 4.96 4.53 23.37
CA ASN A 57 3.55 4.45 23.01
C ASN A 57 3.33 4.90 21.57
N THR A 58 2.45 4.20 20.85
CA THR A 58 2.15 4.53 19.47
C THR A 58 0.81 5.24 19.36
N TYR A 59 0.74 6.24 18.48
CA TYR A 59 -0.49 6.99 18.27
C TYR A 59 -0.88 7.01 16.80
N ARG A 60 -1.97 7.70 16.48
CA ARG A 60 -2.44 7.79 15.10
C ARG A 60 -1.62 8.81 14.32
N VAL A 61 -1.06 8.37 13.20
CA VAL A 61 -0.25 9.24 12.36
C VAL A 61 -0.95 10.58 12.13
N GLY A 62 -2.26 10.52 11.88
CA GLY A 62 -3.01 11.74 11.64
C GLY A 62 -3.52 12.35 12.93
N ASP A 63 -2.70 12.30 13.97
CA ASP A 63 -3.08 12.88 15.26
C ASP A 63 -2.06 13.91 15.72
N THR A 64 -2.56 15.00 16.29
CA THR A 64 -1.69 16.07 16.78
C THR A 64 -1.72 16.17 18.30
N TYR A 65 -0.62 15.77 18.92
CA TYR A 65 -0.52 15.81 20.38
C TYR A 65 0.64 16.70 20.82
N GLU A 66 0.45 17.41 21.92
CA GLU A 66 1.47 18.30 22.46
C GLU A 66 2.45 17.54 23.34
N ARG A 67 3.49 18.24 23.80
CA ARG A 67 4.50 17.64 24.66
C ARG A 67 5.35 18.71 25.33
N PRO A 68 5.21 18.86 26.65
CA PRO A 68 5.97 19.87 27.42
C PRO A 68 7.48 19.60 27.36
N LYS A 69 8.23 20.68 27.19
CA LYS A 69 9.69 20.58 27.12
C LYS A 69 10.33 21.96 27.12
N ASP A 70 11.35 22.13 27.96
CA ASP A 70 12.05 23.41 28.06
C ASP A 70 11.07 24.55 28.35
N SER A 71 11.50 25.78 28.07
CA SER A 71 10.65 26.95 28.30
C SER A 71 9.81 27.25 27.08
N MET A 72 9.40 26.21 26.37
CA MET A 72 8.59 26.37 25.16
C MET A 72 7.91 25.05 24.79
N ILE A 73 6.60 25.11 24.57
CA ILE A 73 5.84 23.92 24.20
C ILE A 73 5.76 23.77 22.69
N TRP A 74 6.01 22.56 22.21
CA TRP A 74 5.95 22.28 20.77
C TRP A 74 5.05 21.08 20.49
N ASP A 75 4.06 21.29 19.64
CA ASP A 75 3.12 20.24 19.28
C ASP A 75 3.75 19.27 18.28
N CYS A 76 4.18 18.11 18.79
CA CYS A 76 4.81 17.10 17.94
C CYS A 76 3.75 16.28 17.20
N THR A 77 3.76 16.35 15.87
CA THR A 77 2.82 15.60 15.06
C THR A 77 3.35 14.22 14.74
N CYS A 78 2.53 13.20 15.02
CA CYS A 78 2.92 11.81 14.76
C CYS A 78 3.00 11.54 13.26
N ILE A 79 4.17 11.83 12.69
CA ILE A 79 4.38 11.62 11.26
C ILE A 79 5.12 10.32 10.99
N GLY A 80 4.52 9.20 11.39
CA GLY A 80 5.15 7.91 11.19
C GLY A 80 4.65 7.21 9.93
N ALA A 81 3.96 6.09 10.12
CA ALA A 81 3.43 5.33 9.01
C ALA A 81 4.55 4.70 8.18
N GLY A 82 5.72 4.56 8.81
CA GLY A 82 6.87 3.98 8.12
C GLY A 82 8.18 4.42 8.72
N ARG A 83 8.37 5.72 8.86
CA ARG A 83 9.59 6.28 9.42
C ARG A 83 9.28 7.35 10.46
N GLY A 84 9.22 6.94 11.72
CA GLY A 84 8.93 7.87 12.79
C GLY A 84 9.55 9.24 12.56
N ARG A 85 8.76 10.17 12.05
CA ARG A 85 9.24 11.53 11.78
C ARG A 85 8.48 12.54 12.63
N ILE A 86 8.38 12.27 13.92
CA ILE A 86 7.68 13.17 14.84
C ILE A 86 8.27 14.57 14.78
N SER A 87 7.57 15.48 14.10
CA SER A 87 8.01 16.85 13.98
C SER A 87 7.29 17.75 14.98
N CYS A 88 8.07 18.54 15.73
CA CYS A 88 7.50 19.43 16.73
C CYS A 88 7.41 20.86 16.19
N THR A 89 6.39 21.59 16.65
CA THR A 89 6.19 22.96 16.22
C THR A 89 5.37 23.74 17.24
N ILE A 90 6.01 24.71 17.90
CA ILE A 90 5.35 25.53 18.90
C ILE A 90 3.92 25.89 18.47
N ALA A 91 2.98 25.70 19.38
CA ALA A 91 1.58 25.99 19.10
C ALA A 91 1.20 27.38 19.60
N ASN A 92 0.99 28.31 18.67
CA ASN A 92 0.63 29.68 19.02
C ASN A 92 -0.55 30.15 18.18
N ARG A 93 -1.48 29.24 17.90
CA ARG A 93 -2.67 29.56 17.11
C ARG A 93 -2.28 30.34 15.85
N SER A 1 -13.63 -17.92 -17.28
CA SER A 1 -12.97 -19.18 -17.70
C SER A 1 -11.69 -19.42 -16.89
N LYS A 2 -11.56 -20.62 -16.35
CA LYS A 2 -10.38 -20.97 -15.55
C LYS A 2 -10.30 -20.11 -14.29
N PRO A 3 -9.77 -20.68 -13.21
CA PRO A 3 -9.62 -19.97 -11.93
C PRO A 3 -8.62 -18.81 -12.03
N GLY A 4 -8.53 -18.03 -10.97
CA GLY A 4 -7.62 -16.91 -10.95
C GLY A 4 -8.30 -15.61 -11.32
N CYS A 5 -7.55 -14.52 -11.30
CA CYS A 5 -8.09 -13.21 -11.64
C CYS A 5 -7.47 -12.69 -12.93
N TYR A 6 -8.32 -12.32 -13.88
CA TYR A 6 -7.85 -11.80 -15.17
C TYR A 6 -8.36 -10.38 -15.40
N ASP A 7 -7.42 -9.45 -15.58
CA ASP A 7 -7.76 -8.06 -15.82
C ASP A 7 -7.72 -7.72 -17.30
N ASN A 8 -7.65 -6.43 -17.61
CA ASN A 8 -7.60 -5.97 -19.00
C ASN A 8 -6.78 -6.93 -19.85
N GLY A 9 -5.57 -7.21 -19.41
CA GLY A 9 -4.69 -8.11 -20.15
C GLY A 9 -3.68 -8.80 -19.27
N LYS A 10 -3.96 -8.85 -17.97
CA LYS A 10 -3.07 -9.49 -17.01
C LYS A 10 -3.76 -10.61 -16.27
N HIS A 11 -3.11 -11.76 -16.19
CA HIS A 11 -3.67 -12.92 -15.50
C HIS A 11 -2.85 -13.29 -14.28
N TYR A 12 -3.23 -12.74 -13.13
CA TYR A 12 -2.52 -13.01 -11.88
C TYR A 12 -3.01 -14.30 -11.24
N GLN A 13 -2.46 -14.63 -10.09
CA GLN A 13 -2.84 -15.84 -9.37
C GLN A 13 -3.53 -15.50 -8.06
N ILE A 14 -4.40 -16.38 -7.59
CA ILE A 14 -5.12 -16.15 -6.34
C ILE A 14 -4.17 -15.75 -5.23
N ASN A 15 -4.70 -15.03 -4.25
CA ASN A 15 -3.90 -14.58 -3.12
C ASN A 15 -2.73 -13.70 -3.58
N GLN A 16 -2.84 -13.20 -4.81
CA GLN A 16 -1.78 -12.34 -5.36
C GLN A 16 -2.22 -10.88 -5.37
N GLN A 17 -1.28 -9.99 -5.08
CA GLN A 17 -1.57 -8.56 -5.07
C GLN A 17 -0.79 -7.82 -6.15
N TRP A 18 -1.45 -6.85 -6.77
CA TRP A 18 -0.83 -6.07 -7.84
C TRP A 18 -1.38 -4.64 -7.85
N GLU A 19 -0.98 -3.88 -8.86
CA GLU A 19 -1.44 -2.49 -8.99
C GLU A 19 -2.19 -2.29 -10.30
N ARG A 20 -3.44 -1.84 -10.20
CA ARG A 20 -4.26 -1.60 -11.37
C ARG A 20 -4.43 -0.11 -11.62
N THR A 21 -4.73 0.25 -12.87
CA THR A 21 -4.91 1.65 -13.23
C THR A 21 -6.38 1.92 -13.56
N TYR A 22 -6.87 3.07 -13.12
CA TYR A 22 -8.25 3.46 -13.36
C TYR A 22 -8.40 4.98 -13.32
N LEU A 23 -8.67 5.58 -14.47
CA LEU A 23 -8.83 7.02 -14.57
C LEU A 23 -7.52 7.73 -14.26
N GLY A 24 -6.42 7.15 -14.73
CA GLY A 24 -5.11 7.74 -14.49
C GLY A 24 -4.74 7.75 -13.03
N ASN A 25 -4.96 6.64 -12.35
CA ASN A 25 -4.65 6.52 -10.93
C ASN A 25 -3.96 5.19 -10.63
N ALA A 26 -3.54 5.02 -9.39
CA ALA A 26 -2.87 3.79 -8.97
C ALA A 26 -3.69 3.07 -7.90
N LEU A 27 -4.36 1.99 -8.30
CA LEU A 27 -5.17 1.22 -7.37
C LEU A 27 -4.62 -0.19 -7.17
N VAL A 28 -4.24 -0.51 -5.94
CA VAL A 28 -3.71 -1.82 -5.64
C VAL A 28 -4.81 -2.87 -5.71
N CYS A 29 -4.56 -3.94 -6.47
CA CYS A 29 -5.52 -5.01 -6.63
C CYS A 29 -5.11 -6.25 -5.85
N THR A 30 -6.09 -7.10 -5.55
CA THR A 30 -5.83 -8.33 -4.80
C THR A 30 -6.76 -9.45 -5.25
N CYS A 31 -6.18 -10.56 -5.71
CA CYS A 31 -6.97 -11.69 -6.17
C CYS A 31 -7.45 -12.54 -5.00
N TYR A 32 -8.72 -12.91 -5.03
CA TYR A 32 -9.32 -13.72 -3.97
C TYR A 32 -9.50 -15.17 -4.42
N GLY A 33 -10.04 -15.34 -5.62
CA GLY A 33 -10.25 -16.67 -6.16
C GLY A 33 -11.72 -16.99 -6.32
N GLY A 34 -12.02 -18.23 -6.68
CA GLY A 34 -13.40 -18.64 -6.87
C GLY A 34 -14.24 -17.58 -7.55
N SER A 35 -15.39 -17.26 -6.97
CA SER A 35 -16.28 -16.25 -7.53
C SER A 35 -16.16 -14.94 -6.77
N ARG A 36 -15.01 -14.71 -6.15
CA ARG A 36 -14.77 -13.50 -5.38
C ARG A 36 -14.23 -12.38 -6.28
N GLY A 37 -13.24 -12.71 -7.10
CA GLY A 37 -12.66 -11.72 -7.99
C GLY A 37 -11.95 -10.61 -7.24
N PHE A 38 -11.07 -9.90 -7.94
CA PHE A 38 -10.32 -8.80 -7.34
C PHE A 38 -11.22 -7.59 -7.13
N ASN A 39 -10.91 -6.80 -6.10
CA ASN A 39 -11.70 -5.60 -5.79
C ASN A 39 -10.88 -4.34 -6.03
N CYS A 40 -9.64 -4.35 -5.55
CA CYS A 40 -8.76 -3.20 -5.71
C CYS A 40 -9.19 -2.05 -4.81
N GLU A 41 -8.22 -1.30 -4.31
CA GLU A 41 -8.50 -0.16 -3.44
C GLU A 41 -7.89 1.12 -3.99
N SER A 42 -6.66 1.39 -3.59
CA SER A 42 -5.95 2.59 -4.04
C SER A 42 -4.46 2.49 -3.75
N LYS A 43 -3.71 3.50 -4.17
CA LYS A 43 -2.27 3.52 -3.94
C LYS A 43 -1.95 3.85 -2.48
N PRO A 44 -1.47 2.87 -1.72
CA PRO A 44 -1.13 3.05 -0.31
C PRO A 44 0.12 3.91 -0.11
N GLU A 45 0.52 4.09 1.14
CA GLU A 45 1.70 4.87 1.46
C GLU A 45 2.44 4.28 2.65
N ALA A 46 2.84 3.02 2.52
CA ALA A 46 3.56 2.32 3.59
C ALA A 46 2.76 2.35 4.89
N GLU A 47 3.40 1.94 5.97
CA GLU A 47 2.76 1.91 7.28
C GLU A 47 3.34 2.98 8.20
N GLU A 48 2.52 3.49 9.10
CA GLU A 48 2.97 4.53 10.04
C GLU A 48 2.68 4.12 11.47
N THR A 49 3.10 2.92 11.84
CA THR A 49 2.88 2.42 13.19
C THR A 49 3.75 1.19 13.48
N CYS A 50 4.23 1.08 14.70
CA CYS A 50 5.07 -0.04 15.10
C CYS A 50 4.49 -0.75 16.31
N PHE A 51 5.25 -1.69 16.86
CA PHE A 51 4.81 -2.44 18.03
C PHE A 51 5.98 -3.11 18.73
N ASP A 52 6.21 -2.74 19.98
CA ASP A 52 7.31 -3.31 20.76
C ASP A 52 6.83 -4.51 21.56
N LYS A 53 6.67 -5.65 20.87
CA LYS A 53 6.22 -6.88 21.51
C LYS A 53 6.76 -6.99 22.92
N TYR A 54 7.99 -6.52 23.11
CA TYR A 54 8.64 -6.57 24.42
C TYR A 54 7.65 -6.23 25.53
N THR A 55 7.05 -5.05 25.42
CA THR A 55 6.08 -4.60 26.42
C THR A 55 4.91 -3.88 25.75
N GLY A 56 4.57 -4.31 24.54
CA GLY A 56 3.47 -3.68 23.82
C GLY A 56 3.53 -2.17 23.86
N ASN A 57 4.11 -1.57 22.83
CA ASN A 57 4.23 -0.13 22.74
C ASN A 57 4.15 0.35 21.30
N THR A 58 3.89 1.64 21.12
CA THR A 58 3.79 2.22 19.79
C THR A 58 4.59 3.52 19.68
N TYR A 59 5.75 3.43 19.02
CA TYR A 59 6.61 4.59 18.85
C TYR A 59 6.58 5.08 17.40
N ARG A 60 5.62 4.60 16.64
CA ARG A 60 5.48 4.98 15.24
C ARG A 60 6.82 4.87 14.51
N VAL A 61 6.81 5.17 13.22
CA VAL A 61 8.01 5.09 12.42
C VAL A 61 8.69 6.46 12.31
N GLY A 62 8.51 7.28 13.33
CA GLY A 62 9.10 8.61 13.34
C GLY A 62 9.48 9.06 14.74
N ASP A 63 9.50 8.12 15.68
CA ASP A 63 9.85 8.43 17.06
C ASP A 63 10.84 7.41 17.61
N THR A 64 11.95 7.90 18.16
CA THR A 64 12.96 7.02 18.73
C THR A 64 12.73 6.80 20.22
N TYR A 65 13.38 5.79 20.78
CA TYR A 65 13.25 5.48 22.19
C TYR A 65 14.44 4.66 22.69
N GLU A 66 14.58 4.55 24.00
CA GLU A 66 15.67 3.81 24.61
C GLU A 66 15.13 2.64 25.42
N ARG A 67 15.48 1.42 24.99
CA ARG A 67 15.03 0.21 25.67
C ARG A 67 16.22 -0.58 26.20
N PRO A 68 16.31 -0.74 27.53
CA PRO A 68 17.39 -1.48 28.18
C PRO A 68 17.28 -2.99 27.95
N LYS A 69 18.14 -3.52 27.10
CA LYS A 69 18.13 -4.95 26.81
C LYS A 69 19.45 -5.60 27.23
N ASP A 70 19.39 -6.39 28.30
CA ASP A 70 20.57 -7.08 28.81
C ASP A 70 21.41 -6.14 29.68
N SER A 71 22.71 -6.40 29.76
CA SER A 71 23.61 -5.58 30.55
C SER A 71 24.02 -4.32 29.80
N MET A 72 23.39 -4.10 28.64
CA MET A 72 23.70 -2.93 27.82
C MET A 72 22.41 -2.32 27.26
N ILE A 73 22.43 -1.01 27.06
CA ILE A 73 21.26 -0.30 26.53
C ILE A 73 21.53 0.20 25.12
N TRP A 74 20.46 0.37 24.34
CA TRP A 74 20.57 0.85 22.97
C TRP A 74 19.40 1.77 22.62
N ASP A 75 19.65 2.72 21.73
CA ASP A 75 18.61 3.66 21.31
C ASP A 75 17.74 3.06 20.22
N CYS A 76 17.00 2.01 20.57
CA CYS A 76 16.12 1.34 19.62
C CYS A 76 15.26 2.36 18.86
N THR A 77 15.13 2.16 17.55
CA THR A 77 14.34 3.04 16.72
C THR A 77 13.63 2.27 15.61
N CYS A 78 12.37 2.61 15.36
CA CYS A 78 11.58 1.94 14.33
C CYS A 78 12.01 2.40 12.94
N ILE A 79 13.19 1.96 12.52
CA ILE A 79 13.72 2.33 11.21
C ILE A 79 13.12 1.46 10.11
N GLY A 80 11.82 1.61 9.88
CA GLY A 80 11.14 0.83 8.86
C GLY A 80 9.68 0.64 9.16
N ALA A 81 9.37 -0.36 9.98
CA ALA A 81 7.98 -0.65 10.34
C ALA A 81 7.29 -1.44 9.25
N GLY A 82 7.52 -2.76 9.23
CA GLY A 82 6.91 -3.60 8.23
C GLY A 82 7.71 -3.67 6.95
N ARG A 83 8.83 -2.96 6.92
CA ARG A 83 9.68 -2.95 5.73
C ARG A 83 11.16 -2.99 6.13
N GLY A 84 11.58 -2.04 6.96
CA GLY A 84 12.96 -1.99 7.39
C GLY A 84 13.22 -2.88 8.61
N ARG A 85 13.34 -2.25 9.77
CA ARG A 85 13.60 -2.99 11.00
C ARG A 85 13.69 -2.04 12.19
N ILE A 86 13.71 -2.60 13.39
CA ILE A 86 13.80 -1.81 14.61
C ILE A 86 15.25 -1.73 15.11
N SER A 87 16.11 -1.11 14.32
CA SER A 87 17.51 -0.97 14.68
C SER A 87 17.66 -0.54 16.13
N CYS A 88 18.80 -0.84 16.73
CA CYS A 88 19.07 -0.49 18.11
C CYS A 88 20.56 -0.28 18.35
N THR A 89 20.99 0.98 18.30
CA THR A 89 22.39 1.31 18.51
C THR A 89 22.68 1.62 19.97
N ILE A 90 23.91 1.35 20.40
CA ILE A 90 24.30 1.61 21.78
C ILE A 90 24.28 3.10 22.10
N ALA A 91 23.89 3.43 23.33
CA ALA A 91 23.84 4.83 23.75
C ALA A 91 23.21 5.70 22.68
N ASN A 92 23.39 7.02 22.80
CA ASN A 92 22.85 7.96 21.85
C ASN A 92 23.76 9.17 21.69
N ARG A 93 23.65 9.85 20.56
CA ARG A 93 24.48 11.02 20.28
C ARG A 93 23.90 11.83 19.11
N SER A 1 -12.07 -26.42 -16.15
CA SER A 1 -12.17 -24.94 -16.07
C SER A 1 -10.78 -24.31 -15.99
N LYS A 2 -10.74 -23.03 -15.64
CA LYS A 2 -9.48 -22.31 -15.53
C LYS A 2 -9.54 -21.31 -14.37
N PRO A 3 -8.79 -21.58 -13.29
CA PRO A 3 -8.76 -20.70 -12.12
C PRO A 3 -7.86 -19.48 -12.33
N GLY A 4 -8.08 -18.45 -11.53
CA GLY A 4 -7.28 -17.23 -11.64
C GLY A 4 -8.12 -15.97 -11.51
N CYS A 5 -7.66 -14.91 -12.16
CA CYS A 5 -8.37 -13.63 -12.11
C CYS A 5 -7.98 -12.75 -13.30
N TYR A 6 -8.34 -13.20 -14.49
CA TYR A 6 -8.04 -12.46 -15.71
C TYR A 6 -8.37 -10.98 -15.55
N ASP A 7 -7.48 -10.12 -16.04
CA ASP A 7 -7.69 -8.68 -15.94
C ASP A 7 -6.78 -7.93 -16.92
N ASN A 8 -7.40 -7.19 -17.84
CA ASN A 8 -6.65 -6.43 -18.83
C ASN A 8 -5.70 -7.34 -19.61
N GLY A 9 -6.08 -8.60 -19.76
CA GLY A 9 -5.25 -9.55 -20.49
C GLY A 9 -4.21 -10.19 -19.61
N LYS A 10 -4.05 -9.67 -18.39
CA LYS A 10 -3.08 -10.20 -17.45
C LYS A 10 -3.72 -11.23 -16.52
N HIS A 11 -3.11 -12.40 -16.43
CA HIS A 11 -3.62 -13.47 -15.58
C HIS A 11 -2.65 -13.79 -14.45
N TYR A 12 -2.88 -13.17 -13.30
CA TYR A 12 -2.03 -13.40 -12.13
C TYR A 12 -2.44 -14.66 -11.40
N GLN A 13 -1.89 -14.85 -10.20
CA GLN A 13 -2.20 -16.04 -9.40
C GLN A 13 -3.13 -15.67 -8.23
N ILE A 14 -4.08 -16.55 -7.93
CA ILE A 14 -5.02 -16.31 -6.85
C ILE A 14 -4.29 -15.89 -5.57
N ASN A 15 -4.92 -15.02 -4.79
CA ASN A 15 -4.35 -14.55 -3.55
C ASN A 15 -3.12 -13.67 -3.82
N GLN A 16 -2.95 -13.28 -5.08
CA GLN A 16 -1.82 -12.44 -5.47
C GLN A 16 -2.24 -10.98 -5.56
N GLN A 17 -1.30 -10.08 -5.32
CA GLN A 17 -1.58 -8.65 -5.37
C GLN A 17 -0.81 -7.99 -6.51
N TRP A 18 -1.37 -6.90 -7.04
CA TRP A 18 -0.74 -6.16 -8.12
C TRP A 18 -1.15 -4.70 -8.09
N GLU A 19 -0.63 -3.92 -9.03
CA GLU A 19 -0.94 -2.49 -9.10
C GLU A 19 -1.81 -2.17 -10.32
N ARG A 20 -2.93 -1.49 -10.07
CA ARG A 20 -3.85 -1.11 -11.13
C ARG A 20 -4.25 0.35 -11.00
N THR A 21 -4.95 0.88 -11.99
CA THR A 21 -5.38 2.27 -11.96
C THR A 21 -6.84 2.40 -12.42
N TYR A 22 -7.57 3.27 -11.73
CA TYR A 22 -8.98 3.50 -12.05
C TYR A 22 -9.24 4.98 -12.27
N LEU A 23 -9.84 5.31 -13.41
CA LEU A 23 -10.13 6.71 -13.73
C LEU A 23 -8.85 7.52 -13.84
N GLY A 24 -7.75 6.84 -14.16
CA GLY A 24 -6.48 7.51 -14.30
C GLY A 24 -5.85 7.84 -12.96
N ASN A 25 -5.91 6.91 -12.02
CA ASN A 25 -5.35 7.12 -10.70
C ASN A 25 -4.77 5.83 -10.14
N ALA A 26 -3.54 5.89 -9.66
CA ALA A 26 -2.89 4.72 -9.09
C ALA A 26 -3.89 3.88 -8.30
N LEU A 27 -3.62 2.58 -8.18
CA LEU A 27 -4.52 1.69 -7.46
C LEU A 27 -3.90 0.32 -7.23
N VAL A 28 -4.45 -0.42 -6.27
CA VAL A 28 -3.96 -1.75 -5.96
C VAL A 28 -5.11 -2.75 -6.06
N CYS A 29 -4.77 -4.02 -6.29
CA CYS A 29 -5.78 -5.06 -6.40
C CYS A 29 -5.34 -6.34 -5.70
N THR A 30 -6.32 -7.11 -5.21
CA THR A 30 -6.04 -8.35 -4.52
C THR A 30 -6.97 -9.46 -5.02
N CYS A 31 -6.38 -10.49 -5.64
CA CYS A 31 -7.14 -11.61 -6.17
C CYS A 31 -7.68 -12.47 -5.04
N TYR A 32 -8.77 -13.21 -5.32
CA TYR A 32 -9.39 -14.07 -4.33
C TYR A 32 -9.37 -15.53 -4.78
N GLY A 33 -9.88 -15.78 -5.99
CA GLY A 33 -9.91 -17.12 -6.51
C GLY A 33 -10.99 -17.31 -7.57
N GLY A 34 -10.96 -16.43 -8.57
CA GLY A 34 -11.95 -16.51 -9.64
C GLY A 34 -13.37 -16.64 -9.12
N SER A 35 -13.74 -15.77 -8.19
CA SER A 35 -15.08 -15.79 -7.61
C SER A 35 -15.52 -14.39 -7.21
N ARG A 36 -14.77 -13.78 -6.29
CA ARG A 36 -15.09 -12.44 -5.82
C ARG A 36 -14.84 -11.41 -6.92
N GLY A 37 -13.87 -11.69 -7.78
CA GLY A 37 -13.56 -10.78 -8.85
C GLY A 37 -12.55 -9.73 -8.45
N PHE A 38 -11.75 -10.02 -7.44
CA PHE A 38 -10.74 -9.10 -6.95
C PHE A 38 -11.36 -7.75 -6.56
N ASN A 39 -10.74 -7.07 -5.61
CA ASN A 39 -11.22 -5.78 -5.15
C ASN A 39 -10.09 -4.76 -5.12
N CYS A 40 -10.15 -3.80 -6.05
CA CYS A 40 -9.13 -2.76 -6.13
C CYS A 40 -9.41 -1.63 -5.14
N GLU A 41 -8.44 -0.74 -4.99
CA GLU A 41 -8.59 0.39 -4.07
C GLU A 41 -7.27 1.16 -3.94
N SER A 42 -7.35 2.36 -3.36
CA SER A 42 -6.17 3.19 -3.17
C SER A 42 -5.13 2.45 -2.32
N LYS A 43 -3.87 2.84 -2.50
CA LYS A 43 -2.77 2.22 -1.75
C LYS A 43 -2.68 2.81 -0.34
N PRO A 44 -2.57 1.94 0.67
CA PRO A 44 -2.47 2.36 2.08
C PRO A 44 -1.19 3.13 2.36
N GLU A 45 -0.24 3.08 1.41
CA GLU A 45 1.03 3.77 1.55
C GLU A 45 1.54 3.68 2.98
N ALA A 46 1.48 2.48 3.56
CA ALA A 46 1.94 2.26 4.93
C ALA A 46 3.09 1.26 4.97
N GLU A 47 3.76 1.19 6.11
CA GLU A 47 4.88 0.27 6.28
C GLU A 47 4.56 -0.78 7.35
N GLU A 48 3.60 -0.45 8.21
CA GLU A 48 3.20 -1.36 9.29
C GLU A 48 2.10 -0.74 10.13
N THR A 49 1.84 -1.34 11.29
CA THR A 49 0.81 -0.85 12.19
C THR A 49 1.05 -1.33 13.62
N CYS A 50 0.70 -0.49 14.60
CA CYS A 50 0.89 -0.82 16.00
C CYS A 50 -0.45 -0.79 16.75
N PHE A 51 -0.39 -0.99 18.06
CA PHE A 51 -1.60 -0.99 18.88
C PHE A 51 -1.36 -0.23 20.18
N ASP A 52 -2.23 0.72 20.49
CA ASP A 52 -2.11 1.51 21.71
C ASP A 52 -2.92 0.89 22.83
N LYS A 53 -2.26 0.05 23.63
CA LYS A 53 -2.93 -0.62 24.75
C LYS A 53 -3.72 0.38 25.58
N TYR A 54 -3.33 1.64 25.54
CA TYR A 54 -4.01 2.69 26.28
C TYR A 54 -5.51 2.44 26.32
N THR A 55 -6.12 2.39 25.14
CA THR A 55 -7.55 2.15 25.04
C THR A 55 -7.93 1.65 23.64
N GLY A 56 -7.01 0.94 23.01
CA GLY A 56 -7.26 0.40 21.68
C GLY A 56 -7.26 1.48 20.62
N ASN A 57 -6.08 1.97 20.27
CA ASN A 57 -5.94 3.00 19.25
C ASN A 57 -4.75 2.70 18.34
N THR A 58 -5.01 1.99 17.25
CA THR A 58 -3.96 1.64 16.30
C THR A 58 -3.48 2.87 15.54
N TYR A 59 -2.16 2.98 15.37
CA TYR A 59 -1.57 4.12 14.68
C TYR A 59 -0.65 3.63 13.56
N ARG A 60 -0.45 4.47 12.56
CA ARG A 60 0.41 4.14 11.44
C ARG A 60 1.87 4.44 11.76
N VAL A 61 2.73 3.44 11.56
CA VAL A 61 4.16 3.60 11.83
C VAL A 61 4.68 4.93 11.29
N GLY A 62 4.03 5.43 10.25
CA GLY A 62 4.43 6.69 9.66
C GLY A 62 3.76 7.89 10.28
N ASP A 63 3.35 7.75 11.55
CA ASP A 63 2.69 8.82 12.28
C ASP A 63 2.81 8.63 13.77
N THR A 64 3.14 9.70 14.48
CA THR A 64 3.29 9.65 15.93
C THR A 64 2.17 10.44 16.62
N TYR A 65 2.02 10.21 17.92
CA TYR A 65 0.99 10.90 18.69
C TYR A 65 1.48 11.23 20.10
N GLU A 66 0.68 11.97 20.85
CA GLU A 66 1.03 12.35 22.21
C GLU A 66 -0.22 12.47 23.08
N ARG A 67 -0.37 11.55 24.03
CA ARG A 67 -1.51 11.56 24.92
C ARG A 67 -1.07 11.50 26.37
N PRO A 68 -1.80 12.20 27.26
CA PRO A 68 -1.49 12.25 28.69
C PRO A 68 -1.72 10.91 29.38
N LYS A 69 -0.80 10.54 30.26
CA LYS A 69 -0.91 9.28 30.99
C LYS A 69 -0.06 9.31 32.25
N ASP A 70 -0.64 8.86 33.37
CA ASP A 70 0.07 8.83 34.64
C ASP A 70 0.59 10.22 35.01
N SER A 71 -0.31 11.20 34.98
CA SER A 71 0.06 12.58 35.31
C SER A 71 1.25 13.04 34.47
N MET A 72 1.44 12.40 33.33
CA MET A 72 2.54 12.74 32.43
C MET A 72 2.17 12.45 30.97
N ILE A 73 2.63 13.30 30.07
CA ILE A 73 2.35 13.13 28.65
C ILE A 73 3.60 12.69 27.89
N TRP A 74 3.44 11.73 27.00
CA TRP A 74 4.54 11.22 26.20
C TRP A 74 4.17 11.17 24.71
N ASP A 75 5.13 11.52 23.87
CA ASP A 75 4.90 11.52 22.42
C ASP A 75 5.01 10.09 21.87
N CYS A 76 4.27 9.17 22.47
CA CYS A 76 4.28 7.78 22.04
C CYS A 76 4.29 7.68 20.52
N THR A 77 5.40 7.21 19.97
CA THR A 77 5.54 7.06 18.53
C THR A 77 5.28 5.61 18.10
N CYS A 78 4.47 5.45 17.07
CA CYS A 78 4.15 4.11 16.57
C CYS A 78 5.38 3.43 15.98
N ILE A 79 6.38 3.21 16.82
CA ILE A 79 7.61 2.56 16.39
C ILE A 79 7.38 1.09 16.08
N GLY A 80 7.36 0.77 14.78
CA GLY A 80 7.15 -0.61 14.37
C GLY A 80 7.98 -0.98 13.16
N ALA A 81 7.31 -1.36 12.07
CA ALA A 81 7.99 -1.74 10.84
C ALA A 81 8.76 -3.05 11.04
N GLY A 82 9.89 -2.97 11.75
CA GLY A 82 10.69 -4.14 12.00
C GLY A 82 11.03 -4.31 13.47
N ARG A 83 10.08 -4.86 14.22
CA ARG A 83 10.27 -5.07 15.64
C ARG A 83 10.47 -3.74 16.37
N GLY A 84 10.17 -2.65 15.68
CA GLY A 84 10.32 -1.33 16.26
C GLY A 84 9.80 -1.26 17.69
N ARG A 85 8.57 -1.70 17.89
CA ARG A 85 7.96 -1.69 19.22
C ARG A 85 7.71 -0.25 19.68
N ILE A 86 6.42 0.11 19.79
CA ILE A 86 6.04 1.44 20.22
C ILE A 86 7.02 2.00 21.26
N SER A 87 7.15 3.31 21.29
CA SER A 87 8.05 3.96 22.24
C SER A 87 7.48 5.30 22.68
N CYS A 88 7.43 5.52 23.99
CA CYS A 88 6.91 6.76 24.55
C CYS A 88 8.02 7.58 25.21
N THR A 89 7.99 8.89 24.98
CA THR A 89 8.99 9.79 25.56
C THR A 89 8.37 11.12 25.93
N ILE A 90 8.79 11.68 27.06
CA ILE A 90 8.27 12.96 27.53
C ILE A 90 8.98 14.11 26.84
N ALA A 91 8.22 14.87 26.03
CA ALA A 91 8.78 16.00 25.31
C ALA A 91 8.17 17.32 25.81
N ASN A 92 9.00 18.36 25.86
CA ASN A 92 8.55 19.67 26.31
C ASN A 92 8.79 20.74 25.25
N ARG A 93 7.72 21.31 24.73
CA ARG A 93 7.82 22.35 23.71
C ARG A 93 8.40 21.78 22.42
N SER A 1 -15.77 -20.94 -12.86
CA SER A 1 -14.97 -21.80 -13.77
C SER A 1 -13.60 -21.20 -14.03
N LYS A 2 -12.65 -22.05 -14.41
CA LYS A 2 -11.29 -21.60 -14.70
C LYS A 2 -10.86 -20.53 -13.70
N PRO A 3 -10.62 -20.92 -12.45
CA PRO A 3 -10.20 -19.99 -11.39
C PRO A 3 -8.99 -19.17 -11.81
N GLY A 4 -8.97 -17.90 -11.40
CA GLY A 4 -7.86 -17.03 -11.74
C GLY A 4 -8.21 -15.56 -11.60
N CYS A 5 -7.53 -14.71 -12.37
CA CYS A 5 -7.78 -13.28 -12.31
C CYS A 5 -7.26 -12.59 -13.58
N TYR A 6 -8.16 -12.45 -14.56
CA TYR A 6 -7.79 -11.82 -15.82
C TYR A 6 -8.17 -10.34 -15.82
N ASP A 7 -7.17 -9.48 -15.60
CA ASP A 7 -7.41 -8.04 -15.58
C ASP A 7 -6.44 -7.31 -16.51
N ASN A 8 -6.97 -6.39 -17.29
CA ASN A 8 -6.15 -5.63 -18.23
C ASN A 8 -5.29 -6.54 -19.09
N GLY A 9 -5.79 -7.76 -19.32
CA GLY A 9 -5.05 -8.72 -20.12
C GLY A 9 -4.05 -9.52 -19.31
N LYS A 10 -3.96 -9.21 -18.03
CA LYS A 10 -3.03 -9.92 -17.15
C LYS A 10 -3.74 -11.05 -16.40
N HIS A 11 -3.07 -12.19 -16.30
CA HIS A 11 -3.63 -13.35 -15.62
C HIS A 11 -2.83 -13.68 -14.37
N TYR A 12 -3.18 -13.03 -13.26
CA TYR A 12 -2.49 -13.26 -12.00
C TYR A 12 -3.01 -14.53 -11.32
N GLN A 13 -2.39 -14.88 -10.20
CA GLN A 13 -2.79 -16.06 -9.45
C GLN A 13 -3.60 -15.68 -8.21
N ILE A 14 -4.68 -16.42 -7.96
CA ILE A 14 -5.53 -16.15 -6.82
C ILE A 14 -4.71 -15.79 -5.58
N ASN A 15 -5.26 -14.92 -4.75
CA ASN A 15 -4.59 -14.50 -3.53
C ASN A 15 -3.35 -13.67 -3.83
N GLN A 16 -3.19 -13.27 -5.09
CA GLN A 16 -2.05 -12.47 -5.50
C GLN A 16 -2.38 -10.98 -5.48
N GLN A 17 -1.38 -10.16 -5.21
CA GLN A 17 -1.59 -8.71 -5.15
C GLN A 17 -0.84 -8.01 -6.29
N TRP A 18 -1.41 -6.91 -6.77
CA TRP A 18 -0.81 -6.14 -7.85
C TRP A 18 -1.32 -4.70 -7.84
N GLU A 19 -1.11 -3.99 -8.92
CA GLU A 19 -1.56 -2.60 -9.03
C GLU A 19 -2.36 -2.37 -10.31
N ARG A 20 -3.60 -1.90 -10.15
CA ARG A 20 -4.46 -1.64 -11.29
C ARG A 20 -4.77 -0.14 -11.40
N THR A 21 -4.60 0.41 -12.59
CA THR A 21 -4.85 1.82 -12.83
C THR A 21 -6.22 2.03 -13.46
N TYR A 22 -7.00 2.92 -12.88
CA TYR A 22 -8.34 3.22 -13.39
C TYR A 22 -8.67 4.70 -13.20
N LEU A 23 -8.79 5.42 -14.31
CA LEU A 23 -9.10 6.84 -14.27
C LEU A 23 -7.86 7.65 -13.89
N GLY A 24 -6.80 7.51 -14.67
CA GLY A 24 -5.58 8.23 -14.41
C GLY A 24 -5.14 8.12 -12.96
N ASN A 25 -5.50 7.00 -12.32
CA ASN A 25 -5.16 6.78 -10.93
C ASN A 25 -4.76 5.32 -10.70
N ALA A 26 -3.72 5.11 -9.90
CA ALA A 26 -3.26 3.76 -9.59
C ALA A 26 -3.99 3.18 -8.39
N LEU A 27 -4.55 2.00 -8.56
CA LEU A 27 -5.29 1.34 -7.49
C LEU A 27 -4.73 -0.06 -7.22
N VAL A 28 -4.32 -0.30 -5.98
CA VAL A 28 -3.79 -1.60 -5.60
C VAL A 28 -4.88 -2.65 -5.65
N CYS A 29 -4.59 -3.79 -6.26
CA CYS A 29 -5.56 -4.87 -6.40
C CYS A 29 -5.14 -6.11 -5.63
N THR A 30 -6.07 -7.04 -5.48
CA THR A 30 -5.82 -8.29 -4.77
C THR A 30 -6.82 -9.36 -5.20
N CYS A 31 -6.31 -10.44 -5.76
CA CYS A 31 -7.16 -11.55 -6.22
C CYS A 31 -7.60 -12.43 -5.06
N TYR A 32 -8.88 -12.78 -5.06
CA TYR A 32 -9.43 -13.63 -4.01
C TYR A 32 -9.80 -15.00 -4.55
N GLY A 33 -10.20 -15.05 -5.81
CA GLY A 33 -10.57 -16.31 -6.42
C GLY A 33 -11.94 -16.79 -5.98
N GLY A 34 -12.28 -18.03 -6.34
CA GLY A 34 -13.56 -18.59 -5.98
C GLY A 34 -14.72 -17.71 -6.41
N SER A 35 -14.50 -16.90 -7.44
CA SER A 35 -15.53 -16.01 -7.96
C SER A 35 -15.56 -14.70 -7.19
N ARG A 36 -14.87 -14.67 -6.05
CA ARG A 36 -14.82 -13.47 -5.22
C ARG A 36 -14.27 -12.29 -6.00
N GLY A 37 -13.41 -12.58 -6.99
CA GLY A 37 -12.83 -11.53 -7.80
C GLY A 37 -12.05 -10.52 -6.97
N PHE A 38 -11.29 -9.68 -7.66
CA PHE A 38 -10.49 -8.66 -6.98
C PHE A 38 -11.33 -7.43 -6.67
N ASN A 39 -11.01 -6.77 -5.55
CA ASN A 39 -11.74 -5.57 -5.13
C ASN A 39 -10.95 -4.32 -5.45
N CYS A 40 -9.67 -4.33 -5.08
CA CYS A 40 -8.79 -3.19 -5.32
C CYS A 40 -9.15 -2.03 -4.40
N GLU A 41 -8.20 -1.11 -4.21
CA GLU A 41 -8.42 0.05 -3.35
C GLU A 41 -7.77 1.30 -3.92
N SER A 42 -6.54 1.57 -3.50
CA SER A 42 -5.81 2.74 -3.98
C SER A 42 -4.36 2.73 -3.51
N LYS A 43 -3.52 3.49 -4.18
CA LYS A 43 -2.11 3.57 -3.83
C LYS A 43 -1.67 5.02 -3.61
N PRO A 44 -0.94 5.28 -2.52
CA PRO A 44 -0.47 6.63 -2.20
C PRO A 44 0.12 7.34 -3.40
N GLU A 45 -0.58 8.38 -3.86
CA GLU A 45 -0.13 9.15 -5.01
C GLU A 45 1.33 9.56 -4.85
N ALA A 46 1.80 9.60 -3.61
CA ALA A 46 3.18 9.98 -3.32
C ALA A 46 4.15 8.87 -3.74
N GLU A 47 4.86 9.10 -4.84
CA GLU A 47 5.82 8.14 -5.36
C GLU A 47 7.24 8.69 -5.25
N GLU A 48 8.22 7.80 -5.37
CA GLU A 48 9.62 8.20 -5.29
C GLU A 48 10.53 7.05 -5.70
N THR A 49 10.20 6.40 -6.80
CA THR A 49 11.00 5.28 -7.30
C THR A 49 11.07 5.29 -8.82
N CYS A 50 11.98 4.49 -9.37
CA CYS A 50 12.16 4.41 -10.82
C CYS A 50 12.65 3.03 -11.22
N PHE A 51 12.93 2.85 -12.51
CA PHE A 51 13.41 1.58 -13.03
C PHE A 51 13.68 1.67 -14.54
N ASP A 52 14.92 1.97 -14.89
CA ASP A 52 15.31 2.09 -16.29
C ASP A 52 15.87 0.77 -16.82
N LYS A 53 15.27 -0.33 -16.38
CA LYS A 53 15.70 -1.66 -16.81
C LYS A 53 17.22 -1.71 -16.96
N TYR A 54 17.70 -2.69 -17.73
CA TYR A 54 19.13 -2.86 -17.95
C TYR A 54 19.83 -3.40 -16.71
N THR A 55 19.65 -2.72 -15.58
CA THR A 55 20.26 -3.14 -14.33
C THR A 55 19.25 -3.06 -13.18
N GLY A 56 17.98 -2.90 -13.52
CA GLY A 56 16.94 -2.81 -12.52
C GLY A 56 17.30 -1.87 -11.38
N ASN A 57 18.19 -0.92 -11.68
CA ASN A 57 18.63 0.05 -10.68
C ASN A 57 17.52 1.05 -10.37
N THR A 58 16.95 0.95 -9.17
CA THR A 58 15.88 1.85 -8.75
C THR A 58 16.45 3.20 -8.33
N TYR A 59 16.15 4.23 -9.11
CA TYR A 59 16.62 5.58 -8.82
C TYR A 59 15.58 6.37 -8.03
N ARG A 60 15.86 7.65 -7.78
CA ARG A 60 14.94 8.50 -7.04
C ARG A 60 14.23 9.46 -7.98
N VAL A 61 12.89 9.47 -7.92
CA VAL A 61 12.09 10.34 -8.77
C VAL A 61 12.38 11.81 -8.47
N GLY A 62 13.03 12.06 -7.34
CA GLY A 62 13.36 13.43 -6.97
C GLY A 62 14.80 13.77 -7.23
N ASP A 63 15.47 12.96 -8.04
CA ASP A 63 16.87 13.18 -8.37
C ASP A 63 17.23 12.53 -9.71
N THR A 64 18.36 12.94 -10.28
CA THR A 64 18.81 12.40 -11.55
C THR A 64 19.81 11.27 -11.35
N TYR A 65 20.09 10.53 -12.42
CA TYR A 65 21.02 9.41 -12.37
C TYR A 65 21.79 9.28 -13.67
N GLU A 66 23.11 9.16 -13.58
CA GLU A 66 23.96 9.02 -14.75
C GLU A 66 23.77 7.65 -15.41
N ARG A 67 23.20 7.66 -16.61
CA ARG A 67 22.98 6.42 -17.35
C ARG A 67 23.72 6.44 -18.69
N PRO A 68 25.01 6.13 -18.68
CA PRO A 68 25.85 6.11 -19.88
C PRO A 68 25.16 5.42 -21.05
N LYS A 69 24.89 6.19 -22.11
CA LYS A 69 24.24 5.65 -23.30
C LYS A 69 24.98 6.07 -24.57
N ASP A 70 25.41 5.09 -25.35
CA ASP A 70 26.13 5.36 -26.58
C ASP A 70 27.54 5.86 -26.29
N SER A 71 28.12 6.58 -27.25
CA SER A 71 29.47 7.12 -27.09
C SER A 71 29.45 8.41 -26.29
N MET A 72 28.29 8.74 -25.73
CA MET A 72 28.15 9.96 -24.94
C MET A 72 27.52 9.65 -23.59
N ILE A 73 27.69 10.55 -22.64
CA ILE A 73 27.13 10.39 -21.30
C ILE A 73 25.96 11.34 -21.07
N TRP A 74 24.83 10.79 -20.64
CA TRP A 74 23.64 11.59 -20.37
C TRP A 74 23.18 11.44 -18.93
N ASP A 75 22.82 12.55 -18.31
CA ASP A 75 22.36 12.54 -16.93
C ASP A 75 20.84 12.42 -16.85
N CYS A 76 20.31 11.36 -17.45
CA CYS A 76 18.86 11.13 -17.47
C CYS A 76 18.23 11.54 -16.15
N THR A 77 16.96 11.93 -16.19
CA THR A 77 16.23 12.34 -15.01
C THR A 77 14.91 11.60 -14.89
N CYS A 78 14.67 11.00 -13.72
CA CYS A 78 13.44 10.25 -13.49
C CYS A 78 12.22 11.17 -13.54
N ILE A 79 11.67 11.36 -14.73
CA ILE A 79 10.50 12.22 -14.91
C ILE A 79 9.23 11.39 -15.04
N GLY A 80 9.07 10.42 -14.15
CA GLY A 80 7.88 9.56 -14.19
C GLY A 80 7.97 8.41 -13.22
N ALA A 81 7.18 7.38 -13.46
CA ALA A 81 7.17 6.20 -12.60
C ALA A 81 8.17 5.16 -13.09
N GLY A 82 9.45 5.51 -13.07
CA GLY A 82 10.49 4.59 -13.52
C GLY A 82 10.41 4.33 -15.01
N ARG A 83 9.61 5.11 -15.71
CA ARG A 83 9.45 4.94 -17.15
C ARG A 83 8.31 5.81 -17.69
N GLY A 84 8.34 7.09 -17.34
CA GLY A 84 7.31 8.01 -17.79
C GLY A 84 7.83 9.03 -18.77
N ARG A 85 8.77 9.85 -18.32
CA ARG A 85 9.36 10.88 -19.16
C ARG A 85 10.86 11.02 -18.89
N ILE A 86 11.52 9.88 -18.67
CA ILE A 86 12.95 9.87 -18.40
C ILE A 86 13.73 10.54 -19.51
N SER A 87 13.92 11.84 -19.40
CA SER A 87 14.66 12.61 -20.40
C SER A 87 16.16 12.54 -20.15
N CYS A 88 16.94 12.39 -21.21
CA CYS A 88 18.39 12.30 -21.09
C CYS A 88 19.06 13.54 -21.68
N THR A 89 20.12 14.00 -21.03
CA THR A 89 20.85 15.18 -21.48
C THR A 89 22.28 15.18 -20.96
N ILE A 90 23.24 15.21 -21.86
CA ILE A 90 24.65 15.21 -21.49
C ILE A 90 25.02 16.50 -20.77
N ALA A 91 25.83 16.38 -19.72
CA ALA A 91 26.26 17.54 -18.95
C ALA A 91 27.12 18.47 -19.79
N ASN A 92 26.55 19.60 -20.18
CA ASN A 92 27.26 20.58 -20.99
C ASN A 92 27.66 21.79 -20.16
N ARG A 93 28.95 21.95 -19.94
CA ARG A 93 29.47 23.07 -19.15
C ARG A 93 29.20 22.86 -17.66
N SER A 1 -15.78 -22.05 -15.41
CA SER A 1 -15.09 -21.19 -14.41
C SER A 1 -13.59 -21.17 -14.63
N LYS A 2 -12.98 -20.00 -14.52
CA LYS A 2 -11.54 -19.85 -14.70
C LYS A 2 -10.85 -19.54 -13.38
N PRO A 3 -9.72 -20.19 -13.11
CA PRO A 3 -8.94 -19.98 -11.88
C PRO A 3 -8.15 -18.68 -11.90
N GLY A 4 -7.84 -18.17 -10.72
CA GLY A 4 -7.08 -16.93 -10.62
C GLY A 4 -7.91 -15.72 -10.98
N CYS A 5 -7.25 -14.67 -11.43
CA CYS A 5 -7.93 -13.43 -11.81
C CYS A 5 -7.31 -12.84 -13.08
N TYR A 6 -8.18 -12.42 -14.00
CA TYR A 6 -7.73 -11.84 -15.26
C TYR A 6 -8.03 -10.35 -15.31
N ASP A 7 -6.99 -9.54 -15.44
CA ASP A 7 -7.14 -8.09 -15.51
C ASP A 7 -5.85 -7.41 -15.96
N ASN A 8 -5.98 -6.26 -16.60
CA ASN A 8 -4.82 -5.53 -17.09
C ASN A 8 -3.96 -6.40 -18.00
N GLY A 9 -4.60 -7.02 -18.99
CA GLY A 9 -3.87 -7.88 -19.91
C GLY A 9 -2.95 -8.84 -19.20
N LYS A 10 -3.25 -9.13 -17.93
CA LYS A 10 -2.44 -10.04 -17.14
C LYS A 10 -3.32 -11.06 -16.42
N HIS A 11 -2.86 -12.31 -16.39
CA HIS A 11 -3.61 -13.38 -15.74
C HIS A 11 -2.90 -13.83 -14.46
N TYR A 12 -3.19 -13.13 -13.36
CA TYR A 12 -2.58 -13.46 -12.08
C TYR A 12 -3.29 -14.65 -11.43
N GLN A 13 -2.66 -15.23 -10.42
CA GLN A 13 -3.23 -16.36 -9.71
C GLN A 13 -3.87 -15.91 -8.39
N ILE A 14 -4.73 -16.76 -7.84
CA ILE A 14 -5.41 -16.45 -6.59
C ILE A 14 -4.41 -15.99 -5.53
N ASN A 15 -4.91 -15.23 -4.56
CA ASN A 15 -4.08 -14.72 -3.47
C ASN A 15 -2.92 -13.90 -4.02
N GLN A 16 -3.05 -13.43 -5.26
CA GLN A 16 -2.01 -12.64 -5.90
C GLN A 16 -2.36 -11.16 -5.86
N GLN A 17 -1.35 -10.30 -5.77
CA GLN A 17 -1.55 -8.87 -5.73
C GLN A 17 -0.92 -8.19 -6.94
N TRP A 18 -1.57 -7.13 -7.42
CA TRP A 18 -1.07 -6.39 -8.56
C TRP A 18 -1.47 -4.92 -8.49
N GLU A 19 -0.89 -4.10 -9.35
CA GLU A 19 -1.20 -2.67 -9.37
C GLU A 19 -2.16 -2.33 -10.50
N ARG A 20 -3.26 -1.67 -10.16
CA ARG A 20 -4.26 -1.27 -11.14
C ARG A 20 -4.42 0.24 -11.17
N THR A 21 -5.26 0.72 -12.08
CA THR A 21 -5.50 2.16 -12.22
C THR A 21 -6.96 2.42 -12.59
N TYR A 22 -7.57 3.37 -11.88
CA TYR A 22 -8.96 3.73 -12.14
C TYR A 22 -9.23 5.16 -11.68
N LEU A 23 -10.07 5.87 -12.43
CA LEU A 23 -10.41 7.24 -12.11
C LEU A 23 -9.18 8.15 -12.27
N GLY A 24 -8.23 7.70 -13.07
CA GLY A 24 -7.02 8.46 -13.29
C GLY A 24 -6.13 8.51 -12.07
N ASN A 25 -6.04 7.40 -11.35
CA ASN A 25 -5.22 7.33 -10.15
C ASN A 25 -4.73 5.90 -9.91
N ALA A 26 -3.59 5.78 -9.23
CA ALA A 26 -3.02 4.47 -8.94
C ALA A 26 -3.97 3.64 -8.09
N LEU A 27 -3.97 2.33 -8.30
CA LEU A 27 -4.84 1.43 -7.56
C LEU A 27 -4.13 0.11 -7.22
N VAL A 28 -4.67 -0.60 -6.25
CA VAL A 28 -4.10 -1.89 -5.83
C VAL A 28 -5.19 -2.96 -5.81
N CYS A 29 -4.96 -4.03 -6.55
CA CYS A 29 -5.93 -5.13 -6.63
C CYS A 29 -5.42 -6.38 -5.91
N THR A 30 -6.35 -7.25 -5.55
CA THR A 30 -6.02 -8.50 -4.87
C THR A 30 -6.98 -9.62 -5.26
N CYS A 31 -6.44 -10.68 -5.84
CA CYS A 31 -7.26 -11.81 -6.29
C CYS A 31 -7.72 -12.64 -5.09
N TYR A 32 -8.95 -13.15 -5.18
CA TYR A 32 -9.50 -13.98 -4.11
C TYR A 32 -9.84 -15.37 -4.62
N GLY A 33 -10.07 -15.49 -5.93
CA GLY A 33 -10.39 -16.78 -6.51
C GLY A 33 -11.70 -16.76 -7.28
N GLY A 34 -12.18 -17.93 -7.66
CA GLY A 34 -13.44 -18.01 -8.39
C GLY A 34 -14.64 -17.79 -7.50
N SER A 35 -15.01 -16.52 -7.32
CA SER A 35 -16.16 -16.18 -6.50
C SER A 35 -16.09 -14.72 -6.04
N ARG A 36 -15.05 -14.40 -5.27
CA ARG A 36 -14.87 -13.05 -4.78
C ARG A 36 -14.14 -12.18 -5.79
N GLY A 37 -13.28 -12.81 -6.60
CA GLY A 37 -12.54 -12.09 -7.60
C GLY A 37 -11.47 -11.20 -7.00
N PHE A 38 -11.67 -9.89 -7.11
CA PHE A 38 -10.72 -8.91 -6.58
C PHE A 38 -11.41 -7.60 -6.24
N ASN A 39 -10.83 -6.85 -5.30
CA ASN A 39 -11.39 -5.58 -4.89
C ASN A 39 -10.30 -4.51 -4.82
N CYS A 40 -10.14 -3.77 -5.91
CA CYS A 40 -9.13 -2.72 -5.97
C CYS A 40 -9.46 -1.57 -5.02
N GLU A 41 -8.49 -0.70 -4.80
CA GLU A 41 -8.68 0.45 -3.91
C GLU A 41 -7.77 1.60 -4.30
N SER A 42 -6.58 1.62 -3.72
CA SER A 42 -5.60 2.68 -4.01
C SER A 42 -4.20 2.28 -3.53
N LYS A 43 -3.30 3.25 -3.49
CA LYS A 43 -1.94 3.00 -3.06
C LYS A 43 -1.21 4.30 -2.74
N PRO A 44 -0.92 4.55 -1.46
CA PRO A 44 -0.23 5.76 -1.01
C PRO A 44 1.05 6.01 -1.80
N GLU A 45 1.92 6.87 -1.25
CA GLU A 45 3.18 7.20 -1.90
C GLU A 45 4.36 6.86 -0.99
N ALA A 46 4.47 7.58 0.12
CA ALA A 46 5.55 7.36 1.07
C ALA A 46 5.00 7.10 2.48
N GLU A 47 5.86 6.55 3.34
CA GLU A 47 5.46 6.26 4.70
C GLU A 47 5.86 7.41 5.64
N GLU A 48 6.77 8.24 5.18
CA GLU A 48 7.24 9.39 5.96
C GLU A 48 6.11 10.40 6.16
N THR A 49 6.47 11.58 6.66
CA THR A 49 5.49 12.64 6.88
C THR A 49 4.27 12.11 7.62
N CYS A 50 3.29 12.98 7.84
CA CYS A 50 2.07 12.61 8.53
C CYS A 50 0.88 13.44 8.04
N PHE A 51 -0.13 13.56 8.88
CA PHE A 51 -1.32 14.33 8.54
C PHE A 51 -2.21 14.55 9.76
N ASP A 52 -1.86 15.53 10.57
CA ASP A 52 -2.62 15.84 11.78
C ASP A 52 -4.11 16.03 11.45
N LYS A 53 -4.84 14.92 11.44
CA LYS A 53 -6.28 14.97 11.14
C LYS A 53 -6.98 15.98 12.03
N TYR A 54 -6.45 16.18 13.24
CA TYR A 54 -7.03 17.12 14.18
C TYR A 54 -7.55 18.37 13.46
N THR A 55 -6.66 19.02 12.72
CA THR A 55 -7.01 20.23 11.98
C THR A 55 -6.71 20.07 10.49
N GLY A 56 -6.04 18.97 10.15
CA GLY A 56 -5.71 18.72 8.76
C GLY A 56 -4.49 19.50 8.30
N ASN A 57 -3.33 19.12 8.81
CA ASN A 57 -2.08 19.79 8.46
C ASN A 57 -1.08 18.81 7.87
N THR A 58 0.19 19.21 7.84
CA THR A 58 1.25 18.36 7.31
C THR A 58 2.54 18.55 8.09
N TYR A 59 2.87 17.57 8.91
CA TYR A 59 4.08 17.62 9.73
C TYR A 59 4.99 16.44 9.42
N ARG A 60 6.26 16.58 9.76
CA ARG A 60 7.23 15.52 9.52
C ARG A 60 7.34 14.58 10.72
N VAL A 61 7.58 13.31 10.46
CA VAL A 61 7.71 12.31 11.52
C VAL A 61 8.58 12.84 12.66
N GLY A 62 9.63 13.57 12.30
CA GLY A 62 10.53 14.11 13.30
C GLY A 62 10.18 15.54 13.68
N ASP A 63 8.99 15.97 13.30
CA ASP A 63 8.54 17.32 13.60
C ASP A 63 7.47 17.32 14.69
N THR A 64 7.88 17.64 15.91
CA THR A 64 6.97 17.67 17.05
C THR A 64 6.06 18.89 16.99
N TYR A 65 4.81 18.72 17.41
CA TYR A 65 3.84 19.80 17.41
C TYR A 65 3.08 19.84 18.73
N GLU A 66 3.35 20.88 19.53
CA GLU A 66 2.70 21.04 20.82
C GLU A 66 1.19 20.91 20.69
N ARG A 67 0.51 20.79 21.82
CA ARG A 67 -0.95 20.67 21.85
C ARG A 67 -1.49 20.86 23.25
N PRO A 68 -1.75 22.11 23.64
CA PRO A 68 -2.26 22.43 24.98
C PRO A 68 -3.70 21.97 25.17
N LYS A 69 -3.86 20.76 25.69
CA LYS A 69 -5.19 20.19 25.93
C LYS A 69 -5.32 19.69 27.36
N ASP A 70 -6.41 20.05 28.01
CA ASP A 70 -6.66 19.64 29.39
C ASP A 70 -5.78 20.44 30.36
N SER A 71 -5.13 21.47 29.85
CA SER A 71 -4.26 22.32 30.66
C SER A 71 -3.04 21.53 31.15
N MET A 72 -2.61 20.56 30.34
CA MET A 72 -1.46 19.74 30.69
C MET A 72 -0.37 19.87 29.63
N ILE A 73 -0.78 20.12 28.38
CA ILE A 73 0.16 20.26 27.28
C ILE A 73 1.01 19.00 27.11
N TRP A 74 1.06 18.49 25.89
CA TRP A 74 1.84 17.29 25.59
C TRP A 74 2.63 17.46 24.30
N ASP A 75 3.90 17.10 24.34
CA ASP A 75 4.77 17.21 23.17
C ASP A 75 4.39 16.18 22.12
N CYS A 76 3.18 16.26 21.61
CA CYS A 76 2.69 15.33 20.60
C CYS A 76 3.67 15.23 19.43
N THR A 77 3.92 14.02 18.98
CA THR A 77 4.84 13.78 17.87
C THR A 77 4.17 12.96 16.77
N CYS A 78 4.17 13.50 15.56
CA CYS A 78 3.57 12.82 14.42
C CYS A 78 4.24 11.47 14.16
N ILE A 79 3.96 10.51 15.04
CA ILE A 79 4.53 9.18 14.91
C ILE A 79 3.66 8.28 14.04
N GLY A 80 3.44 8.70 12.80
CA GLY A 80 2.62 7.92 11.88
C GLY A 80 2.39 8.64 10.57
N ALA A 81 1.99 7.89 9.55
CA ALA A 81 1.72 8.45 8.23
C ALA A 81 0.23 8.49 7.95
N GLY A 82 -0.53 9.09 8.85
CA GLY A 82 -1.97 9.17 8.68
C GLY A 82 -2.71 8.05 9.39
N ARG A 83 -1.96 7.14 10.00
CA ARG A 83 -2.56 6.02 10.72
C ARG A 83 -1.50 5.22 11.46
N GLY A 84 -0.55 5.93 12.06
CA GLY A 84 0.52 5.27 12.79
C GLY A 84 0.22 5.15 14.28
N ARG A 85 0.43 6.23 15.00
CA ARG A 85 0.18 6.26 16.44
C ARG A 85 0.71 7.55 17.07
N ILE A 86 0.32 8.68 16.50
CA ILE A 86 0.76 9.97 17.00
C ILE A 86 0.83 9.97 18.53
N SER A 87 2.03 9.77 19.06
CA SER A 87 2.24 9.75 20.50
C SER A 87 2.11 11.15 21.09
N CYS A 88 1.82 11.21 22.39
CA CYS A 88 1.67 12.49 23.08
C CYS A 88 2.06 12.37 24.54
N THR A 89 3.13 13.06 24.92
CA THR A 89 3.61 13.03 26.30
C THR A 89 3.84 14.43 26.84
N ILE A 90 3.75 14.58 28.15
CA ILE A 90 3.95 15.87 28.80
C ILE A 90 5.42 16.11 29.11
N ALA A 91 5.94 17.23 28.61
CA ALA A 91 7.34 17.57 28.85
C ALA A 91 7.66 18.97 28.32
N ASN A 92 8.06 19.86 29.23
CA ASN A 92 8.39 21.23 28.86
C ASN A 92 9.75 21.62 29.41
N ARG A 93 10.29 22.73 28.91
CA ARG A 93 11.58 23.22 29.34
C ARG A 93 11.62 23.39 30.86
N SER A 1 -15.74 -22.39 -15.03
CA SER A 1 -14.93 -22.15 -13.81
C SER A 1 -13.44 -22.12 -14.14
N LYS A 2 -12.74 -21.11 -13.63
CA LYS A 2 -11.31 -20.96 -13.87
C LYS A 2 -10.64 -20.20 -12.73
N PRO A 3 -9.56 -20.77 -12.17
CA PRO A 3 -8.83 -20.15 -11.07
C PRO A 3 -7.93 -19.02 -11.54
N GLY A 4 -7.91 -17.93 -10.77
CA GLY A 4 -7.08 -16.79 -11.12
C GLY A 4 -7.90 -15.57 -11.47
N CYS A 5 -7.26 -14.40 -11.47
CA CYS A 5 -7.94 -13.15 -11.77
C CYS A 5 -7.37 -12.52 -13.05
N TYR A 6 -8.19 -12.43 -14.07
CA TYR A 6 -7.78 -11.85 -15.34
C TYR A 6 -8.06 -10.35 -15.38
N ASP A 7 -7.01 -9.54 -15.42
CA ASP A 7 -7.15 -8.10 -15.47
C ASP A 7 -5.94 -7.45 -16.12
N ASN A 8 -6.14 -6.24 -16.66
CA ASN A 8 -5.06 -5.52 -17.31
C ASN A 8 -4.38 -6.37 -18.37
N GLY A 9 -5.13 -7.32 -18.92
CA GLY A 9 -4.59 -8.20 -19.94
C GLY A 9 -3.67 -9.26 -19.36
N LYS A 10 -3.51 -9.26 -18.05
CA LYS A 10 -2.66 -10.23 -17.37
C LYS A 10 -3.49 -11.21 -16.55
N HIS A 11 -3.01 -12.44 -16.44
CA HIS A 11 -3.70 -13.47 -15.68
C HIS A 11 -2.86 -13.93 -14.49
N TYR A 12 -3.02 -13.26 -13.36
CA TYR A 12 -2.28 -13.59 -12.16
C TYR A 12 -2.90 -14.79 -11.45
N GLN A 13 -2.36 -15.13 -10.27
CA GLN A 13 -2.87 -16.25 -9.50
C GLN A 13 -3.66 -15.76 -8.29
N ILE A 14 -4.55 -16.62 -7.79
CA ILE A 14 -5.37 -16.27 -6.63
C ILE A 14 -4.51 -15.79 -5.46
N ASN A 15 -5.12 -15.01 -4.58
CA ASN A 15 -4.41 -14.49 -3.41
C ASN A 15 -3.21 -13.63 -3.83
N GLN A 16 -3.18 -13.26 -5.11
CA GLN A 16 -2.09 -12.44 -5.63
C GLN A 16 -2.48 -10.97 -5.64
N GLN A 17 -1.48 -10.10 -5.59
CA GLN A 17 -1.71 -8.67 -5.60
C GLN A 17 -0.98 -8.00 -6.76
N TRP A 18 -1.68 -7.10 -7.45
CA TRP A 18 -1.10 -6.39 -8.59
C TRP A 18 -1.46 -4.91 -8.54
N GLU A 19 -0.90 -4.15 -9.48
CA GLU A 19 -1.16 -2.71 -9.54
C GLU A 19 -2.18 -2.39 -10.62
N ARG A 20 -3.22 -1.65 -10.24
CA ARG A 20 -4.28 -1.27 -11.17
C ARG A 20 -4.52 0.23 -11.12
N THR A 21 -5.19 0.76 -12.14
CA THR A 21 -5.47 2.18 -12.22
C THR A 21 -6.88 2.41 -12.77
N TYR A 22 -7.66 3.24 -12.08
CA TYR A 22 -9.02 3.54 -12.49
C TYR A 22 -9.24 5.05 -12.56
N LEU A 23 -9.56 5.54 -13.74
CA LEU A 23 -9.81 6.97 -13.94
C LEU A 23 -8.49 7.74 -13.97
N GLY A 24 -7.39 7.00 -14.11
CA GLY A 24 -6.08 7.62 -14.15
C GLY A 24 -5.51 7.88 -12.77
N ASN A 25 -5.72 6.95 -11.85
CA ASN A 25 -5.22 7.08 -10.50
C ASN A 25 -4.73 5.75 -9.96
N ALA A 26 -3.48 5.72 -9.50
CA ALA A 26 -2.89 4.49 -8.97
C ALA A 26 -3.93 3.67 -8.21
N LEU A 27 -3.77 2.35 -8.26
CA LEU A 27 -4.71 1.45 -7.60
C LEU A 27 -4.07 0.09 -7.34
N VAL A 28 -4.52 -0.58 -6.28
CA VAL A 28 -4.01 -1.90 -5.93
C VAL A 28 -5.16 -2.91 -5.88
N CYS A 29 -4.93 -4.08 -6.47
CA CYS A 29 -5.94 -5.12 -6.50
C CYS A 29 -5.46 -6.38 -5.77
N THR A 30 -6.42 -7.20 -5.33
CA THR A 30 -6.11 -8.43 -4.62
C THR A 30 -7.05 -9.56 -5.05
N CYS A 31 -6.50 -10.59 -5.67
CA CYS A 31 -7.29 -11.72 -6.13
C CYS A 31 -7.69 -12.61 -4.96
N TYR A 32 -8.97 -12.97 -4.91
CA TYR A 32 -9.48 -13.83 -3.85
C TYR A 32 -9.73 -15.25 -4.36
N GLY A 33 -9.99 -15.36 -5.66
CA GLY A 33 -10.25 -16.65 -6.26
C GLY A 33 -11.70 -17.05 -6.18
N GLY A 34 -12.09 -18.03 -6.99
CA GLY A 34 -13.46 -18.49 -7.00
C GLY A 34 -14.44 -17.38 -7.34
N SER A 35 -15.48 -17.23 -6.52
CA SER A 35 -16.49 -16.20 -6.74
C SER A 35 -16.20 -14.97 -5.91
N ARG A 36 -15.28 -15.10 -4.95
CA ARG A 36 -14.91 -13.99 -4.09
C ARG A 36 -14.57 -12.74 -4.90
N GLY A 37 -14.00 -12.96 -6.08
CA GLY A 37 -13.66 -11.85 -6.94
C GLY A 37 -12.59 -10.95 -6.32
N PHE A 38 -11.92 -10.16 -7.16
CA PHE A 38 -10.88 -9.25 -6.69
C PHE A 38 -11.47 -7.88 -6.36
N ASN A 39 -10.72 -7.11 -5.57
CA ASN A 39 -11.16 -5.77 -5.18
C ASN A 39 -9.99 -4.79 -5.21
N CYS A 40 -10.12 -3.74 -6.01
CA CYS A 40 -9.08 -2.73 -6.13
C CYS A 40 -9.31 -1.60 -5.14
N GLU A 41 -8.30 -0.75 -4.97
CA GLU A 41 -8.39 0.37 -4.05
C GLU A 41 -7.14 1.25 -4.13
N SER A 42 -7.09 2.29 -3.29
CA SER A 42 -5.96 3.19 -3.27
C SER A 42 -4.80 2.60 -2.46
N LYS A 43 -3.60 3.11 -2.69
CA LYS A 43 -2.42 2.64 -1.99
C LYS A 43 -2.31 3.29 -0.61
N PRO A 44 -2.51 2.49 0.45
CA PRO A 44 -2.43 2.99 1.83
C PRO A 44 -1.14 3.75 2.10
N GLU A 45 -1.21 5.07 2.01
CA GLU A 45 -0.04 5.92 2.25
C GLU A 45 -0.23 6.75 3.51
N ALA A 46 -1.07 6.26 4.42
CA ALA A 46 -1.33 6.97 5.67
C ALA A 46 -1.17 6.03 6.87
N GLU A 47 -0.37 6.46 7.84
CA GLU A 47 -0.13 5.68 9.04
C GLU A 47 -1.41 5.52 9.85
N GLU A 48 -1.85 4.27 10.02
CA GLU A 48 -3.06 3.99 10.79
C GLU A 48 -2.85 4.30 12.27
N THR A 49 -3.78 3.83 13.11
CA THR A 49 -3.70 4.06 14.54
C THR A 49 -3.37 5.53 14.84
N CYS A 50 -3.19 5.84 16.12
CA CYS A 50 -2.87 7.19 16.55
C CYS A 50 -2.25 7.21 17.93
N PHE A 51 -2.02 8.40 18.45
CA PHE A 51 -1.43 8.56 19.78
C PHE A 51 -2.25 9.53 20.63
N ASP A 52 -2.34 9.24 21.92
CA ASP A 52 -3.10 10.09 22.83
C ASP A 52 -2.18 10.69 23.90
N LYS A 53 -1.49 11.76 23.55
CA LYS A 53 -0.59 12.43 24.48
C LYS A 53 -1.22 12.57 25.85
N TYR A 54 -2.54 12.77 25.86
CA TYR A 54 -3.28 12.93 27.11
C TYR A 54 -2.83 11.89 28.14
N THR A 55 -3.02 10.62 27.81
CA THR A 55 -2.63 9.53 28.70
C THR A 55 -1.89 8.44 27.94
N GLY A 56 -1.22 8.83 26.86
CA GLY A 56 -0.48 7.88 26.05
C GLY A 56 -1.27 6.61 25.77
N ASN A 57 -2.13 6.68 24.76
CA ASN A 57 -2.94 5.53 24.39
C ASN A 57 -3.22 5.52 22.90
N THR A 58 -2.65 4.54 22.19
CA THR A 58 -2.83 4.43 20.75
C THR A 58 -4.18 3.76 20.43
N TYR A 59 -4.96 4.43 19.60
CA TYR A 59 -6.27 3.91 19.21
C TYR A 59 -6.36 3.75 17.71
N ARG A 60 -7.47 3.20 17.23
CA ARG A 60 -7.67 3.00 15.80
C ARG A 60 -8.40 4.19 15.18
N VAL A 61 -8.20 4.38 13.88
CA VAL A 61 -8.82 5.48 13.17
C VAL A 61 -10.34 5.43 13.29
N GLY A 62 -10.94 4.36 12.77
CA GLY A 62 -12.37 4.21 12.83
C GLY A 62 -12.83 3.61 14.14
N ASP A 63 -12.40 4.20 15.25
CA ASP A 63 -12.76 3.72 16.57
C ASP A 63 -12.85 4.87 17.57
N THR A 64 -13.99 5.00 18.23
CA THR A 64 -14.19 6.06 19.20
C THR A 64 -13.69 5.64 20.58
N TYR A 65 -13.25 6.62 21.37
CA TYR A 65 -12.75 6.36 22.71
C TYR A 65 -13.02 7.54 23.64
N GLU A 66 -13.86 7.31 24.64
CA GLU A 66 -14.21 8.34 25.60
C GLU A 66 -12.99 8.74 26.43
N ARG A 67 -12.88 10.03 26.71
CA ARG A 67 -11.76 10.55 27.50
C ARG A 67 -12.24 11.55 28.55
N PRO A 68 -12.64 11.04 29.73
CA PRO A 68 -13.13 11.89 30.82
C PRO A 68 -12.19 13.05 31.12
N LYS A 69 -12.50 14.21 30.56
CA LYS A 69 -11.69 15.40 30.78
C LYS A 69 -12.51 16.52 31.39
N ASP A 70 -11.93 17.20 32.38
CA ASP A 70 -12.61 18.30 33.06
C ASP A 70 -13.98 17.86 33.57
N SER A 71 -14.88 18.82 33.74
CA SER A 71 -16.22 18.53 34.22
C SER A 71 -17.17 18.23 33.06
N MET A 72 -16.69 17.42 32.12
CA MET A 72 -17.49 17.04 30.95
C MET A 72 -16.75 16.03 30.09
N ILE A 73 -17.41 14.90 29.81
CA ILE A 73 -16.81 13.85 29.00
C ILE A 73 -17.08 14.11 27.51
N TRP A 74 -16.01 14.07 26.71
CA TRP A 74 -16.13 14.29 25.28
C TRP A 74 -15.64 13.08 24.49
N ASP A 75 -16.53 12.50 23.69
CA ASP A 75 -16.18 11.34 22.89
C ASP A 75 -15.04 11.66 21.93
N CYS A 76 -13.81 11.49 22.40
CA CYS A 76 -12.64 11.75 21.57
C CYS A 76 -12.52 10.75 20.43
N THR A 77 -12.48 11.26 19.21
CA THR A 77 -12.37 10.41 18.03
C THR A 77 -11.01 10.58 17.35
N CYS A 78 -10.41 9.46 16.96
CA CYS A 78 -9.11 9.50 16.30
C CYS A 78 -9.22 10.08 14.89
N ILE A 79 -9.62 11.34 14.81
CA ILE A 79 -9.76 12.02 13.53
C ILE A 79 -8.40 12.31 12.91
N GLY A 80 -7.97 11.43 12.02
CA GLY A 80 -6.69 11.62 11.36
C GLY A 80 -5.77 10.42 11.56
N ALA A 81 -5.63 9.61 10.50
CA ALA A 81 -4.80 8.42 10.56
C ALA A 81 -3.41 8.75 11.12
N GLY A 82 -3.29 8.75 12.44
CA GLY A 82 -2.02 9.03 13.07
C GLY A 82 -2.07 10.25 13.97
N ARG A 83 -3.27 10.75 14.25
CA ARG A 83 -3.44 11.91 15.11
C ARG A 83 -3.26 13.20 14.32
N GLY A 84 -4.36 13.90 14.07
CA GLY A 84 -4.30 15.15 13.33
C GLY A 84 -5.39 16.12 13.74
N ARG A 85 -6.58 15.59 14.02
CA ARG A 85 -7.70 16.42 14.43
C ARG A 85 -8.60 15.68 15.43
N ILE A 86 -7.97 14.92 16.31
CA ILE A 86 -8.71 14.16 17.33
C ILE A 86 -9.76 15.04 18.00
N SER A 87 -10.97 15.04 17.45
CA SER A 87 -12.06 15.83 18.00
C SER A 87 -12.81 15.04 19.08
N CYS A 88 -13.35 15.76 20.05
CA CYS A 88 -14.09 15.13 21.14
C CYS A 88 -15.40 15.87 21.41
N THR A 89 -16.51 15.26 21.06
CA THR A 89 -17.82 15.86 21.27
C THR A 89 -18.56 15.19 22.43
N ILE A 90 -19.29 15.98 23.20
CA ILE A 90 -20.04 15.47 24.34
C ILE A 90 -21.16 14.54 23.88
N ALA A 91 -20.89 13.24 23.84
CA ALA A 91 -21.87 12.26 23.43
C ALA A 91 -22.00 11.14 24.46
N ASN A 92 -23.17 11.07 25.10
CA ASN A 92 -23.43 10.05 26.11
C ASN A 92 -24.87 10.13 26.61
N ARG A 93 -25.81 9.79 25.72
CA ARG A 93 -27.22 9.82 26.07
C ARG A 93 -28.10 9.66 24.83
N SER A 1 -14.15 -24.12 -11.53
CA SER A 1 -13.89 -23.42 -12.81
C SER A 1 -12.43 -23.00 -12.92
N LYS A 2 -11.95 -22.83 -14.15
CA LYS A 2 -10.57 -22.43 -14.40
C LYS A 2 -10.12 -21.41 -13.36
N PRO A 3 -9.42 -21.86 -12.31
CA PRO A 3 -8.91 -20.99 -11.26
C PRO A 3 -8.06 -19.84 -11.80
N GLY A 4 -8.18 -18.67 -11.18
CA GLY A 4 -7.41 -17.53 -11.62
C GLY A 4 -8.20 -16.23 -11.54
N CYS A 5 -7.64 -15.16 -12.07
CA CYS A 5 -8.30 -13.85 -12.05
C CYS A 5 -7.71 -12.94 -13.11
N TYR A 6 -8.51 -12.65 -14.15
CA TYR A 6 -8.07 -11.78 -15.23
C TYR A 6 -8.41 -10.33 -14.93
N ASP A 7 -7.50 -9.43 -15.28
CA ASP A 7 -7.70 -8.00 -15.05
C ASP A 7 -7.49 -7.22 -16.34
N ASN A 8 -7.26 -5.90 -16.19
CA ASN A 8 -7.05 -5.04 -17.33
C ASN A 8 -6.30 -5.76 -18.46
N GLY A 9 -5.17 -6.36 -18.10
CA GLY A 9 -4.38 -7.09 -19.09
C GLY A 9 -3.37 -8.02 -18.44
N LYS A 10 -3.63 -8.42 -17.20
CA LYS A 10 -2.74 -9.31 -16.48
C LYS A 10 -3.50 -10.49 -15.90
N HIS A 11 -2.87 -11.66 -15.88
CA HIS A 11 -3.50 -12.86 -15.35
C HIS A 11 -2.71 -13.43 -14.17
N TYR A 12 -2.98 -12.91 -12.97
CA TYR A 12 -2.30 -13.37 -11.77
C TYR A 12 -2.99 -14.60 -11.20
N GLN A 13 -2.30 -15.27 -10.27
CA GLN A 13 -2.85 -16.47 -9.64
C GLN A 13 -3.60 -16.10 -8.36
N ILE A 14 -4.61 -16.88 -8.04
CA ILE A 14 -5.41 -16.64 -6.83
C ILE A 14 -4.52 -16.25 -5.66
N ASN A 15 -5.03 -15.39 -4.79
CA ASN A 15 -4.30 -14.95 -3.62
C ASN A 15 -3.10 -14.09 -4.01
N GLN A 16 -3.05 -13.69 -5.28
CA GLN A 16 -1.96 -12.86 -5.77
C GLN A 16 -2.37 -11.39 -5.83
N GLN A 17 -1.44 -10.51 -5.55
CA GLN A 17 -1.72 -9.08 -5.56
C GLN A 17 -0.97 -8.38 -6.69
N TRP A 18 -1.50 -7.22 -7.11
CA TRP A 18 -0.89 -6.45 -8.19
C TRP A 18 -1.37 -5.01 -8.17
N GLU A 19 -0.78 -4.18 -9.03
CA GLU A 19 -1.15 -2.77 -9.10
C GLU A 19 -2.11 -2.51 -10.25
N ARG A 20 -3.08 -1.63 -10.03
CA ARG A 20 -4.06 -1.28 -11.05
C ARG A 20 -4.36 0.21 -11.03
N THR A 21 -5.08 0.69 -12.04
CA THR A 21 -5.42 2.10 -12.14
C THR A 21 -6.88 2.26 -12.58
N TYR A 22 -7.65 3.01 -11.79
CA TYR A 22 -9.05 3.25 -12.12
C TYR A 22 -9.32 4.75 -12.29
N LEU A 23 -10.08 5.09 -13.33
CA LEU A 23 -10.40 6.48 -13.60
C LEU A 23 -9.15 7.26 -13.97
N GLY A 24 -8.06 6.53 -14.24
CA GLY A 24 -6.81 7.16 -14.59
C GLY A 24 -5.99 7.55 -13.39
N ASN A 25 -6.14 6.81 -12.29
CA ASN A 25 -5.40 7.09 -11.08
C ASN A 25 -4.79 5.82 -10.50
N ALA A 26 -3.61 5.95 -9.90
CA ALA A 26 -2.93 4.81 -9.30
C ALA A 26 -3.92 3.94 -8.52
N LEU A 27 -3.62 2.65 -8.43
CA LEU A 27 -4.50 1.73 -7.72
C LEU A 27 -3.85 0.36 -7.55
N VAL A 28 -4.42 -0.45 -6.66
CA VAL A 28 -3.92 -1.79 -6.41
C VAL A 28 -5.07 -2.80 -6.43
N CYS A 29 -4.75 -4.04 -6.78
CA CYS A 29 -5.76 -5.09 -6.84
C CYS A 29 -5.32 -6.32 -6.07
N THR A 30 -6.31 -7.10 -5.60
CA THR A 30 -6.03 -8.31 -4.84
C THR A 30 -6.98 -9.43 -5.27
N CYS A 31 -6.42 -10.61 -5.54
CA CYS A 31 -7.22 -11.75 -5.94
C CYS A 31 -7.63 -12.60 -4.75
N TYR A 32 -8.65 -13.43 -4.94
CA TYR A 32 -9.15 -14.30 -3.88
C TYR A 32 -9.47 -15.69 -4.43
N GLY A 33 -10.13 -15.72 -5.58
CA GLY A 33 -10.49 -16.99 -6.19
C GLY A 33 -11.97 -17.31 -6.01
N GLY A 34 -12.44 -18.31 -6.74
CA GLY A 34 -13.83 -18.71 -6.66
C GLY A 34 -14.78 -17.64 -7.17
N SER A 35 -15.57 -17.07 -6.26
CA SER A 35 -16.53 -16.03 -6.62
C SER A 35 -16.02 -14.65 -6.19
N ARG A 36 -15.17 -14.64 -5.17
CA ARG A 36 -14.62 -13.38 -4.66
C ARG A 36 -13.96 -12.58 -5.77
N GLY A 37 -13.32 -13.29 -6.70
CA GLY A 37 -12.65 -12.62 -7.81
C GLY A 37 -11.51 -11.73 -7.35
N PHE A 38 -11.76 -10.43 -7.36
CA PHE A 38 -10.74 -9.47 -6.94
C PHE A 38 -11.38 -8.14 -6.53
N ASN A 39 -10.59 -7.28 -5.89
CA ASN A 39 -11.07 -5.98 -5.44
C ASN A 39 -9.94 -4.96 -5.44
N CYS A 40 -10.03 -3.98 -6.34
CA CYS A 40 -9.01 -2.95 -6.45
C CYS A 40 -9.25 -1.84 -5.43
N GLU A 41 -8.28 -0.94 -5.31
CA GLU A 41 -8.38 0.17 -4.37
C GLU A 41 -7.06 0.94 -4.29
N SER A 42 -7.04 1.99 -3.47
CA SER A 42 -5.85 2.81 -3.30
C SER A 42 -4.68 1.98 -2.78
N LYS A 43 -3.51 2.58 -2.73
CA LYS A 43 -2.31 1.89 -2.24
C LYS A 43 -1.72 2.61 -1.03
N PRO A 44 -2.24 2.30 0.17
CA PRO A 44 -1.76 2.91 1.42
C PRO A 44 -0.27 2.70 1.63
N GLU A 45 0.52 3.73 1.29
CA GLU A 45 1.96 3.66 1.44
C GLU A 45 2.46 4.72 2.43
N ALA A 46 2.07 4.56 3.69
CA ALA A 46 2.46 5.50 4.72
C ALA A 46 2.38 6.94 4.23
N GLU A 47 2.93 7.87 5.02
CA GLU A 47 2.91 9.27 4.66
C GLU A 47 4.27 9.69 4.08
N GLU A 48 5.32 9.01 4.51
CA GLU A 48 6.67 9.31 4.04
C GLU A 48 7.03 8.46 2.82
N THR A 49 7.26 9.13 1.69
CA THR A 49 7.61 8.44 0.45
C THR A 49 8.04 9.42 -0.63
N CYS A 50 8.68 8.90 -1.67
CA CYS A 50 9.14 9.73 -2.77
C CYS A 50 9.93 8.90 -3.78
N PHE A 51 10.26 9.51 -4.91
CA PHE A 51 11.02 8.83 -5.95
C PHE A 51 11.28 9.75 -7.13
N ASP A 52 12.43 10.40 -7.13
CA ASP A 52 12.80 11.32 -8.20
C ASP A 52 13.07 10.55 -9.49
N LYS A 53 12.01 10.22 -10.21
CA LYS A 53 12.13 9.48 -11.46
C LYS A 53 13.28 10.01 -12.29
N TYR A 54 13.56 11.30 -12.17
CA TYR A 54 14.65 11.93 -12.90
C TYR A 54 15.94 11.15 -12.71
N THR A 55 16.06 10.47 -11.59
CA THR A 55 17.25 9.68 -11.28
C THR A 55 16.88 8.33 -10.67
N GLY A 56 16.10 8.38 -9.60
CA GLY A 56 15.67 7.16 -8.93
C GLY A 56 16.00 7.16 -7.45
N ASN A 57 16.50 8.29 -6.96
CA ASN A 57 16.85 8.41 -5.55
C ASN A 57 15.59 8.48 -4.68
N THR A 58 15.70 7.99 -3.46
CA THR A 58 14.57 7.99 -2.53
C THR A 58 14.73 9.09 -1.49
N TYR A 59 13.81 10.04 -1.49
CA TYR A 59 13.85 11.15 -0.54
C TYR A 59 12.78 10.98 0.54
N ARG A 60 12.45 12.07 1.21
CA ARG A 60 11.43 12.04 2.27
C ARG A 60 10.58 13.30 2.23
N VAL A 61 9.27 13.12 2.31
CA VAL A 61 8.34 14.24 2.29
C VAL A 61 8.75 15.31 3.29
N GLY A 62 9.46 14.90 4.33
CA GLY A 62 9.91 15.84 5.35
C GLY A 62 11.26 16.44 5.02
N ASP A 63 11.63 16.42 3.74
CA ASP A 63 12.91 16.96 3.30
C ASP A 63 12.79 17.58 1.91
N THR A 64 13.37 18.77 1.75
CA THR A 64 13.33 19.47 0.47
C THR A 64 14.70 19.43 -0.21
N TYR A 65 14.75 19.89 -1.45
CA TYR A 65 15.99 19.92 -2.22
C TYR A 65 15.85 20.80 -3.45
N GLU A 66 16.96 21.41 -3.87
CA GLU A 66 16.95 22.28 -5.04
C GLU A 66 17.18 21.49 -6.32
N ARG A 67 16.37 21.77 -7.33
CA ARG A 67 16.48 21.09 -8.61
C ARG A 67 16.44 22.09 -9.76
N PRO A 68 17.52 22.86 -9.95
CA PRO A 68 17.62 23.86 -11.00
C PRO A 68 17.14 23.34 -12.36
N LYS A 69 16.67 24.25 -13.20
CA LYS A 69 16.17 23.89 -14.52
C LYS A 69 15.70 25.12 -15.28
N ASP A 70 15.62 25.00 -16.60
CA ASP A 70 15.18 26.10 -17.45
C ASP A 70 16.02 27.35 -17.18
N SER A 71 17.30 27.14 -16.91
CA SER A 71 18.21 28.26 -16.64
C SER A 71 17.76 29.05 -15.41
N MET A 72 17.45 28.33 -14.34
CA MET A 72 17.00 28.96 -13.09
C MET A 72 16.96 27.95 -11.95
N ILE A 73 16.96 28.46 -10.73
CA ILE A 73 16.93 27.61 -9.55
C ILE A 73 15.52 27.53 -8.97
N TRP A 74 15.08 26.30 -8.66
CA TRP A 74 13.76 26.10 -8.10
C TRP A 74 13.81 25.14 -6.92
N ASP A 75 13.52 25.66 -5.72
CA ASP A 75 13.54 24.84 -4.51
C ASP A 75 12.40 23.84 -4.53
N CYS A 76 12.61 22.72 -5.23
CA CYS A 76 11.60 21.68 -5.31
C CYS A 76 11.17 21.21 -3.93
N THR A 77 10.23 20.27 -3.89
CA THR A 77 9.74 19.74 -2.63
C THR A 77 9.13 18.35 -2.81
N CYS A 78 9.53 17.41 -1.97
CA CYS A 78 9.02 16.05 -2.04
C CYS A 78 7.58 15.97 -1.58
N ILE A 79 6.66 16.45 -2.41
CA ILE A 79 5.25 16.43 -2.08
C ILE A 79 4.63 15.05 -2.28
N GLY A 80 4.18 14.44 -1.19
CA GLY A 80 3.58 13.13 -1.27
C GLY A 80 2.52 12.90 -0.22
N ALA A 81 1.26 13.10 -0.59
CA ALA A 81 0.15 12.91 0.34
C ALA A 81 -1.16 12.69 -0.42
N GLY A 82 -1.21 11.62 -1.20
CA GLY A 82 -2.41 11.32 -1.96
C GLY A 82 -2.61 12.27 -3.13
N ARG A 83 -1.60 13.10 -3.40
CA ARG A 83 -1.67 14.06 -4.49
C ARG A 83 -0.64 15.17 -4.31
N GLY A 84 0.59 14.78 -3.97
CA GLY A 84 1.65 15.75 -3.77
C GLY A 84 2.40 16.04 -5.05
N ARG A 85 2.88 14.99 -5.71
CA ARG A 85 3.63 15.14 -6.95
C ARG A 85 4.71 16.20 -6.82
N ILE A 86 5.97 15.75 -6.72
CA ILE A 86 7.10 16.66 -6.60
C ILE A 86 6.89 17.91 -7.44
N SER A 87 7.09 19.07 -6.81
CA SER A 87 6.91 20.34 -7.51
C SER A 87 8.15 21.23 -7.37
N CYS A 88 8.28 22.20 -8.26
CA CYS A 88 9.42 23.12 -8.23
C CYS A 88 8.96 24.55 -8.42
N THR A 89 9.37 25.42 -7.50
CA THR A 89 9.00 26.83 -7.57
C THR A 89 10.09 27.72 -7.00
N ILE A 90 10.59 28.64 -7.82
CA ILE A 90 11.64 29.55 -7.40
C ILE A 90 11.36 30.11 -6.02
N ALA A 91 12.42 30.44 -5.29
CA ALA A 91 12.28 30.99 -3.94
C ALA A 91 12.15 32.51 -3.97
N ASN A 92 11.05 33.01 -3.41
CA ASN A 92 10.80 34.44 -3.38
C ASN A 92 11.91 35.19 -2.62
N ARG A 93 12.22 36.39 -3.06
CA ARG A 93 13.26 37.20 -2.43
C ARG A 93 14.56 36.41 -2.33
N SER A 1 -14.30 -24.54 -18.58
CA SER A 1 -14.19 -23.50 -17.52
C SER A 1 -12.93 -23.70 -16.69
N LYS A 2 -12.63 -22.72 -15.84
CA LYS A 2 -11.45 -22.78 -14.99
C LYS A 2 -11.29 -21.49 -14.19
N PRO A 3 -10.87 -21.61 -12.92
CA PRO A 3 -10.68 -20.45 -12.04
C PRO A 3 -9.50 -19.58 -12.49
N GLY A 4 -9.03 -18.74 -11.58
CA GLY A 4 -7.92 -17.85 -11.90
C GLY A 4 -8.37 -16.44 -12.21
N CYS A 5 -7.63 -15.46 -11.70
CA CYS A 5 -7.97 -14.07 -11.93
C CYS A 5 -7.38 -13.58 -13.25
N TYR A 6 -8.03 -12.60 -13.87
CA TYR A 6 -7.57 -12.05 -15.14
C TYR A 6 -8.12 -10.65 -15.35
N ASP A 7 -7.24 -9.66 -15.29
CA ASP A 7 -7.64 -8.27 -15.48
C ASP A 7 -6.48 -7.44 -16.04
N ASN A 8 -6.82 -6.32 -16.67
CA ASN A 8 -5.81 -5.44 -17.25
C ASN A 8 -4.94 -6.19 -18.25
N GLY A 9 -5.49 -7.25 -18.83
CA GLY A 9 -4.74 -8.04 -19.80
C GLY A 9 -3.73 -8.95 -19.14
N LYS A 10 -3.76 -9.01 -17.81
CA LYS A 10 -2.83 -9.84 -17.06
C LYS A 10 -3.57 -10.95 -16.32
N HIS A 11 -2.97 -12.14 -16.28
CA HIS A 11 -3.58 -13.27 -15.60
C HIS A 11 -2.76 -13.69 -14.38
N TYR A 12 -3.06 -13.09 -13.24
CA TYR A 12 -2.36 -13.40 -12.00
C TYR A 12 -3.00 -14.58 -11.29
N GLN A 13 -2.18 -15.39 -10.64
CA GLN A 13 -2.68 -16.55 -9.91
C GLN A 13 -3.60 -16.11 -8.79
N ILE A 14 -4.55 -16.96 -8.43
CA ILE A 14 -5.48 -16.63 -7.36
C ILE A 14 -4.74 -16.17 -6.11
N ASN A 15 -5.33 -15.20 -5.41
CA ASN A 15 -4.73 -14.65 -4.20
C ASN A 15 -3.51 -13.80 -4.54
N GLN A 16 -3.24 -13.62 -5.82
CA GLN A 16 -2.12 -12.82 -6.28
C GLN A 16 -2.45 -11.33 -6.21
N GLN A 17 -1.44 -10.50 -6.01
CA GLN A 17 -1.64 -9.07 -5.94
C GLN A 17 -0.93 -8.36 -7.09
N TRP A 18 -1.55 -7.31 -7.61
CA TRP A 18 -0.97 -6.56 -8.71
C TRP A 18 -1.32 -5.08 -8.61
N GLU A 19 -0.69 -4.26 -9.45
CA GLU A 19 -0.92 -2.83 -9.46
C GLU A 19 -1.88 -2.42 -10.57
N ARG A 20 -2.76 -1.48 -10.26
CA ARG A 20 -3.73 -0.99 -11.23
C ARG A 20 -3.85 0.53 -11.13
N THR A 21 -4.87 1.09 -11.78
CA THR A 21 -5.07 2.53 -11.75
C THR A 21 -6.54 2.90 -11.89
N TYR A 22 -7.18 2.35 -12.92
CA TYR A 22 -8.59 2.61 -13.18
C TYR A 22 -8.92 4.09 -13.05
N LEU A 23 -9.11 4.76 -14.18
CA LEU A 23 -9.43 6.17 -14.18
C LEU A 23 -8.16 7.01 -14.06
N GLY A 24 -7.01 6.37 -14.29
CA GLY A 24 -5.74 7.07 -14.19
C GLY A 24 -5.43 7.52 -12.78
N ASN A 25 -5.50 6.61 -11.83
CA ASN A 25 -5.21 6.92 -10.44
C ASN A 25 -4.68 5.70 -9.70
N ALA A 26 -3.55 5.87 -9.02
CA ALA A 26 -2.93 4.79 -8.26
C ALA A 26 -3.98 3.84 -7.69
N LEU A 27 -3.92 2.57 -8.11
CA LEU A 27 -4.88 1.58 -7.64
C LEU A 27 -4.21 0.22 -7.48
N VAL A 28 -4.67 -0.54 -6.50
CA VAL A 28 -4.14 -1.88 -6.23
C VAL A 28 -5.27 -2.89 -6.10
N CYS A 29 -5.07 -4.07 -6.67
CA CYS A 29 -6.07 -5.12 -6.63
C CYS A 29 -5.51 -6.41 -6.02
N THR A 30 -6.38 -7.19 -5.38
CA THR A 30 -5.97 -8.43 -4.76
C THR A 30 -6.96 -9.55 -5.08
N CYS A 31 -6.48 -10.59 -5.76
CA CYS A 31 -7.33 -11.72 -6.13
C CYS A 31 -7.70 -12.54 -4.90
N TYR A 32 -8.86 -13.21 -4.97
CA TYR A 32 -9.34 -14.03 -3.87
C TYR A 32 -9.64 -15.45 -4.34
N GLY A 33 -10.06 -15.58 -5.60
CA GLY A 33 -10.37 -16.90 -6.14
C GLY A 33 -11.82 -17.28 -5.91
N GLY A 34 -12.19 -18.46 -6.40
CA GLY A 34 -13.57 -18.93 -6.24
C GLY A 34 -14.57 -17.92 -6.73
N SER A 35 -15.37 -17.37 -5.81
CA SER A 35 -16.38 -16.39 -6.16
C SER A 35 -16.01 -15.01 -5.60
N ARG A 36 -15.20 -15.00 -4.55
CA ARG A 36 -14.77 -13.75 -3.94
C ARG A 36 -14.24 -12.77 -4.98
N GLY A 37 -13.51 -13.31 -5.95
CA GLY A 37 -12.94 -12.47 -6.99
C GLY A 37 -11.83 -11.58 -6.50
N PHE A 38 -11.89 -10.30 -6.85
CA PHE A 38 -10.88 -9.34 -6.44
C PHE A 38 -11.49 -7.96 -6.22
N ASN A 39 -10.76 -7.10 -5.51
CA ASN A 39 -11.23 -5.75 -5.24
C ASN A 39 -10.07 -4.76 -5.27
N CYS A 40 -10.21 -3.71 -6.07
CA CYS A 40 -9.18 -2.69 -6.20
C CYS A 40 -9.33 -1.62 -5.13
N GLU A 41 -8.29 -0.80 -4.97
CA GLU A 41 -8.31 0.28 -3.98
C GLU A 41 -7.10 1.18 -4.14
N SER A 42 -7.34 2.49 -4.08
CA SER A 42 -6.27 3.48 -4.23
C SER A 42 -5.09 3.14 -3.31
N LYS A 43 -3.88 3.33 -3.82
CA LYS A 43 -2.68 3.06 -3.04
C LYS A 43 -2.76 3.69 -1.66
N PRO A 44 -2.46 2.92 -0.61
CA PRO A 44 -2.51 3.40 0.77
C PRO A 44 -1.47 4.49 1.03
N GLU A 45 -1.46 5.01 2.26
CA GLU A 45 -0.52 6.05 2.64
C GLU A 45 -0.81 7.34 1.88
N ALA A 46 -1.97 7.39 1.23
CA ALA A 46 -2.36 8.57 0.47
C ALA A 46 -1.26 9.00 -0.51
N GLU A 47 -1.59 9.91 -1.41
CA GLU A 47 -0.64 10.39 -2.39
C GLU A 47 -0.44 11.90 -2.25
N GLU A 48 0.82 12.31 -2.08
CA GLU A 48 1.14 13.73 -1.93
C GLU A 48 2.66 13.92 -1.84
N THR A 49 3.10 15.16 -2.09
CA THR A 49 4.51 15.49 -2.02
C THR A 49 5.35 14.45 -2.76
N CYS A 50 6.67 14.64 -2.73
CA CYS A 50 7.59 13.74 -3.39
C CYS A 50 9.04 14.12 -3.10
N PHE A 51 9.95 13.19 -3.34
CA PHE A 51 11.37 13.43 -3.10
C PHE A 51 12.17 13.33 -4.40
N ASP A 52 12.94 14.37 -4.69
CA ASP A 52 13.76 14.40 -5.90
C ASP A 52 15.07 13.64 -5.68
N LYS A 53 15.16 12.45 -6.25
CA LYS A 53 16.36 11.63 -6.11
C LYS A 53 17.50 12.19 -6.96
N TYR A 54 17.23 13.26 -7.69
CA TYR A 54 18.24 13.89 -8.54
C TYR A 54 18.95 15.02 -7.81
N THR A 55 18.27 15.59 -6.82
CA THR A 55 18.84 16.68 -6.04
C THR A 55 18.44 16.58 -4.57
N GLY A 56 17.15 16.37 -4.33
CA GLY A 56 16.66 16.26 -2.97
C GLY A 56 15.74 17.40 -2.60
N ASN A 57 14.88 17.80 -3.53
CA ASN A 57 13.95 18.89 -3.28
C ASN A 57 12.51 18.38 -3.28
N THR A 58 11.83 18.57 -2.15
CA THR A 58 10.45 18.12 -2.02
C THR A 58 9.52 18.95 -2.90
N TYR A 59 8.71 18.27 -3.70
CA TYR A 59 7.78 18.94 -4.59
C TYR A 59 6.38 18.34 -4.46
N ARG A 60 5.48 18.75 -5.34
CA ARG A 60 4.11 18.24 -5.32
C ARG A 60 3.89 17.22 -6.43
N VAL A 61 3.25 16.11 -6.08
CA VAL A 61 2.98 15.05 -7.04
C VAL A 61 2.19 15.57 -8.24
N GLY A 62 1.47 16.68 -8.02
CA GLY A 62 0.69 17.26 -9.10
C GLY A 62 1.45 18.32 -9.87
N ASP A 63 2.77 18.23 -9.83
CA ASP A 63 3.62 19.19 -10.54
C ASP A 63 4.85 18.49 -11.13
N THR A 64 5.08 18.70 -12.42
CA THR A 64 6.22 18.10 -13.11
C THR A 64 7.35 19.10 -13.28
N TYR A 65 8.47 18.64 -13.82
CA TYR A 65 9.62 19.50 -14.04
C TYR A 65 10.50 18.96 -15.18
N GLU A 66 10.97 19.87 -16.03
CA GLU A 66 11.81 19.49 -17.15
C GLU A 66 13.17 19.02 -16.68
N ARG A 67 13.66 17.92 -17.27
CA ARG A 67 14.95 17.36 -16.90
C ARG A 67 15.55 16.58 -18.07
N PRO A 68 16.38 17.23 -18.89
CA PRO A 68 17.03 16.60 -20.04
C PRO A 68 18.02 15.52 -19.63
N LYS A 69 18.45 14.71 -20.59
CA LYS A 69 19.40 13.64 -20.33
C LYS A 69 19.69 12.84 -21.59
N ASP A 70 20.82 12.15 -21.60
CA ASP A 70 21.22 11.34 -22.75
C ASP A 70 21.34 12.20 -24.01
N SER A 71 20.23 12.34 -24.73
CA SER A 71 20.22 13.13 -25.95
C SER A 71 18.80 13.61 -26.27
N MET A 72 17.97 13.72 -25.24
CA MET A 72 16.59 14.15 -25.41
C MET A 72 16.06 14.78 -24.13
N ILE A 73 15.10 15.69 -24.28
CA ILE A 73 14.50 16.36 -23.13
C ILE A 73 13.27 15.63 -22.65
N TRP A 74 13.20 15.38 -21.33
CA TRP A 74 12.08 14.68 -20.74
C TRP A 74 11.50 15.46 -19.57
N ASP A 75 10.19 15.65 -19.56
CA ASP A 75 9.52 16.39 -18.49
C ASP A 75 9.23 15.48 -17.31
N CYS A 76 10.29 15.07 -16.61
CA CYS A 76 10.16 14.20 -15.45
C CYS A 76 9.00 14.65 -14.56
N THR A 77 8.10 13.72 -14.25
CA THR A 77 6.95 14.02 -13.41
C THR A 77 7.14 13.42 -12.01
N CYS A 78 7.12 14.28 -11.00
CA CYS A 78 7.29 13.84 -9.62
C CYS A 78 6.21 12.84 -9.23
N ILE A 79 6.38 11.60 -9.68
CA ILE A 79 5.42 10.54 -9.38
C ILE A 79 5.78 9.82 -8.08
N GLY A 80 4.78 9.65 -7.21
CA GLY A 80 5.02 8.97 -5.95
C GLY A 80 4.82 9.89 -4.76
N ALA A 81 5.66 9.72 -3.74
CA ALA A 81 5.58 10.53 -2.54
C ALA A 81 6.87 10.43 -1.73
N GLY A 82 8.00 10.50 -2.42
CA GLY A 82 9.29 10.42 -1.75
C GLY A 82 9.84 9.00 -1.71
N ARG A 83 9.22 8.11 -2.49
CA ARG A 83 9.65 6.72 -2.54
C ARG A 83 9.00 5.99 -3.71
N GLY A 84 8.87 6.68 -4.83
CA GLY A 84 8.26 6.08 -6.01
C GLY A 84 9.22 6.04 -7.19
N ARG A 85 9.18 7.07 -8.02
CA ARG A 85 10.03 7.15 -9.19
C ARG A 85 9.60 8.29 -10.11
N ILE A 86 10.41 9.34 -10.17
CA ILE A 86 10.11 10.49 -11.02
C ILE A 86 10.23 10.13 -12.50
N SER A 87 9.26 9.40 -13.01
CA SER A 87 9.26 8.99 -14.41
C SER A 87 9.70 10.14 -15.31
N CYS A 88 10.21 9.80 -16.49
CA CYS A 88 10.66 10.80 -17.44
C CYS A 88 10.25 10.44 -18.87
N THR A 89 9.14 11.02 -19.32
CA THR A 89 8.63 10.75 -20.66
C THR A 89 8.93 11.91 -21.61
N ILE A 90 9.39 11.59 -22.81
CA ILE A 90 9.71 12.60 -23.81
C ILE A 90 8.58 13.61 -23.94
N ALA A 91 8.94 14.86 -24.19
CA ALA A 91 7.95 15.92 -24.35
C ALA A 91 7.20 15.77 -25.67
N ASN A 92 6.01 15.19 -25.60
CA ASN A 92 5.18 14.99 -26.79
C ASN A 92 3.72 15.32 -26.50
N ARG A 93 3.09 16.03 -27.42
CA ARG A 93 1.68 16.41 -27.27
C ARG A 93 1.40 16.87 -25.84
N SER A 1 -16.58 -21.81 -13.92
CA SER A 1 -15.86 -21.33 -12.71
C SER A 1 -14.43 -21.85 -12.68
N LYS A 2 -13.48 -21.01 -13.07
CA LYS A 2 -12.08 -21.38 -13.08
C LYS A 2 -11.27 -20.52 -12.12
N PRO A 3 -10.26 -21.11 -11.48
CA PRO A 3 -9.41 -20.40 -10.51
C PRO A 3 -8.51 -19.38 -11.19
N GLY A 4 -8.15 -18.33 -10.46
CA GLY A 4 -7.29 -17.29 -11.00
C GLY A 4 -8.04 -16.01 -11.28
N CYS A 5 -7.44 -15.13 -12.08
CA CYS A 5 -8.06 -13.86 -12.42
C CYS A 5 -7.51 -13.32 -13.74
N TYR A 6 -8.29 -12.49 -14.41
CA TYR A 6 -7.88 -11.92 -15.69
C TYR A 6 -8.36 -10.47 -15.82
N ASP A 7 -7.45 -9.59 -16.18
CA ASP A 7 -7.78 -8.17 -16.33
C ASP A 7 -6.74 -7.44 -17.17
N ASN A 8 -7.20 -6.49 -17.97
CA ASN A 8 -6.30 -5.71 -18.83
C ASN A 8 -5.29 -6.61 -19.53
N GLY A 9 -5.69 -7.86 -19.77
CA GLY A 9 -4.81 -8.80 -20.45
C GLY A 9 -3.86 -9.49 -19.50
N LYS A 10 -3.80 -9.02 -18.25
CA LYS A 10 -2.92 -9.61 -17.26
C LYS A 10 -3.64 -10.73 -16.50
N HIS A 11 -2.91 -11.80 -16.22
CA HIS A 11 -3.47 -12.94 -15.51
C HIS A 11 -2.73 -13.21 -14.21
N TYR A 12 -3.21 -12.62 -13.12
CA TYR A 12 -2.59 -12.80 -11.82
C TYR A 12 -3.07 -14.09 -11.16
N GLN A 13 -2.37 -14.52 -10.12
CA GLN A 13 -2.73 -15.74 -9.40
C GLN A 13 -3.60 -15.42 -8.19
N ILE A 14 -4.53 -16.31 -7.89
CA ILE A 14 -5.43 -16.13 -6.76
C ILE A 14 -4.65 -15.76 -5.49
N ASN A 15 -5.30 -15.01 -4.60
CA ASN A 15 -4.68 -14.60 -3.35
C ASN A 15 -3.42 -13.79 -3.61
N GLN A 16 -3.28 -13.27 -4.83
CA GLN A 16 -2.12 -12.47 -5.19
C GLN A 16 -2.47 -10.99 -5.21
N GLN A 17 -1.47 -10.15 -5.01
CA GLN A 17 -1.67 -8.70 -5.00
C GLN A 17 -0.82 -8.03 -6.09
N TRP A 18 -1.40 -7.06 -6.77
CA TRP A 18 -0.69 -6.34 -7.82
C TRP A 18 -1.14 -4.88 -7.88
N GLU A 19 -0.61 -4.14 -8.85
CA GLU A 19 -0.94 -2.73 -9.01
C GLU A 19 -1.81 -2.51 -10.25
N ARG A 20 -2.98 -1.92 -10.06
CA ARG A 20 -3.89 -1.66 -11.16
C ARG A 20 -4.39 -0.22 -11.11
N THR A 21 -5.02 0.23 -12.19
CA THR A 21 -5.55 1.58 -12.26
C THR A 21 -6.97 1.59 -12.82
N TYR A 22 -7.84 2.38 -12.20
CA TYR A 22 -9.23 2.47 -12.63
C TYR A 22 -9.49 3.80 -13.32
N LEU A 23 -9.67 3.76 -14.64
CA LEU A 23 -9.93 4.97 -15.41
C LEU A 23 -8.63 5.70 -15.74
N GLY A 24 -7.81 5.90 -14.71
CA GLY A 24 -6.55 6.58 -14.90
C GLY A 24 -5.92 7.03 -13.60
N ASN A 25 -6.08 6.21 -12.56
CA ASN A 25 -5.53 6.53 -11.25
C ASN A 25 -4.96 5.29 -10.57
N ALA A 26 -3.72 5.38 -10.11
CA ALA A 26 -3.08 4.26 -9.44
C ALA A 26 -4.07 3.48 -8.60
N LEU A 27 -3.82 2.19 -8.42
CA LEU A 27 -4.70 1.34 -7.64
C LEU A 27 -4.05 -0.01 -7.35
N VAL A 28 -4.48 -0.63 -6.25
CA VAL A 28 -3.96 -1.94 -5.85
C VAL A 28 -5.08 -2.96 -5.80
N CYS A 29 -4.92 -4.03 -6.55
CA CYS A 29 -5.93 -5.08 -6.62
C CYS A 29 -5.50 -6.32 -5.81
N THR A 30 -6.48 -7.14 -5.45
CA THR A 30 -6.23 -8.34 -4.69
C THR A 30 -7.11 -9.49 -5.18
N CYS A 31 -6.49 -10.53 -5.71
CA CYS A 31 -7.23 -11.69 -6.23
C CYS A 31 -7.62 -12.64 -5.09
N TYR A 32 -8.86 -13.08 -5.11
CA TYR A 32 -9.37 -14.00 -4.10
C TYR A 32 -9.80 -15.32 -4.73
N GLY A 33 -10.18 -15.25 -6.00
CA GLY A 33 -10.61 -16.44 -6.71
C GLY A 33 -11.83 -16.17 -7.58
N GLY A 34 -12.22 -17.18 -8.36
CA GLY A 34 -13.37 -17.02 -9.24
C GLY A 34 -14.68 -17.08 -8.48
N SER A 35 -14.90 -16.11 -7.61
CA SER A 35 -16.13 -16.05 -6.82
C SER A 35 -16.21 -14.75 -6.02
N ARG A 36 -15.28 -14.57 -5.10
CA ARG A 36 -15.25 -13.37 -4.27
C ARG A 36 -14.91 -12.13 -5.08
N GLY A 37 -14.23 -12.34 -6.21
CA GLY A 37 -13.85 -11.23 -7.06
C GLY A 37 -12.77 -10.37 -6.44
N PHE A 38 -11.77 -10.02 -7.24
CA PHE A 38 -10.66 -9.19 -6.74
C PHE A 38 -11.12 -7.76 -6.48
N ASN A 39 -10.74 -7.25 -5.31
CA ASN A 39 -11.09 -5.88 -4.93
C ASN A 39 -9.86 -4.99 -4.98
N CYS A 40 -10.04 -3.75 -5.44
CA CYS A 40 -8.93 -2.81 -5.54
C CYS A 40 -9.25 -1.49 -4.83
N GLU A 41 -8.27 -0.60 -4.80
CA GLU A 41 -8.43 0.69 -4.16
C GLU A 41 -7.13 1.49 -4.21
N SER A 42 -7.10 2.63 -3.51
CA SER A 42 -5.92 3.47 -3.47
C SER A 42 -4.70 2.70 -2.98
N LYS A 43 -3.54 2.97 -3.58
CA LYS A 43 -2.30 2.30 -3.21
C LYS A 43 -1.80 2.80 -1.86
N PRO A 44 -1.69 1.90 -0.87
CA PRO A 44 -1.21 2.26 0.47
C PRO A 44 0.05 3.11 0.42
N GLU A 45 0.16 4.03 1.39
CA GLU A 45 1.31 4.91 1.46
C GLU A 45 2.58 4.13 1.79
N ALA A 46 2.41 3.05 2.56
CA ALA A 46 3.54 2.22 2.95
C ALA A 46 3.21 0.74 2.78
N GLU A 47 4.24 -0.07 2.58
CA GLU A 47 4.06 -1.51 2.40
C GLU A 47 4.63 -2.27 3.59
N GLU A 48 5.91 -2.05 3.86
CA GLU A 48 6.59 -2.72 4.97
C GLU A 48 8.09 -2.44 4.94
N THR A 49 8.80 -2.94 5.95
CA THR A 49 10.24 -2.76 6.04
C THR A 49 10.60 -1.28 6.12
N CYS A 50 11.90 -1.00 6.16
CA CYS A 50 12.38 0.38 6.23
C CYS A 50 13.90 0.40 6.36
N PHE A 51 14.54 1.20 5.50
CA PHE A 51 15.99 1.31 5.51
C PHE A 51 16.45 2.37 6.53
N ASP A 52 17.03 1.90 7.63
CA ASP A 52 17.52 2.80 8.67
C ASP A 52 18.88 3.38 8.30
N LYS A 53 18.87 4.46 7.54
CA LYS A 53 20.11 5.11 7.12
C LYS A 53 21.13 5.11 8.26
N TYR A 54 22.39 5.37 7.91
CA TYR A 54 23.47 5.41 8.90
C TYR A 54 24.00 4.00 9.17
N THR A 55 23.09 3.06 9.36
CA THR A 55 23.47 1.67 9.63
C THR A 55 23.09 0.77 8.47
N GLY A 56 21.89 0.98 7.93
CA GLY A 56 21.43 0.17 6.81
C GLY A 56 20.66 -1.04 7.26
N ASN A 57 20.42 -1.15 8.58
CA ASN A 57 19.69 -2.28 9.13
C ASN A 57 18.20 -2.17 8.82
N THR A 58 17.74 -2.99 7.88
CA THR A 58 16.33 -2.99 7.49
C THR A 58 15.43 -3.19 8.70
N TYR A 59 14.60 -2.18 8.98
CA TYR A 59 13.68 -2.24 10.10
C TYR A 59 12.24 -2.37 9.62
N ARG A 60 11.30 -2.48 10.56
CA ARG A 60 9.90 -2.62 10.23
C ARG A 60 9.15 -1.32 10.48
N VAL A 61 8.21 -1.00 9.58
CA VAL A 61 7.43 0.21 9.71
C VAL A 61 6.90 0.39 11.13
N GLY A 62 6.66 -0.73 11.80
CA GLY A 62 6.15 -0.68 13.16
C GLY A 62 7.21 -1.01 14.19
N ASP A 63 8.47 -1.01 13.77
CA ASP A 63 9.58 -1.32 14.66
C ASP A 63 10.44 -0.08 14.91
N THR A 64 10.39 0.44 16.13
CA THR A 64 11.16 1.62 16.49
C THR A 64 12.60 1.25 16.84
N TYR A 65 13.52 2.18 16.59
CA TYR A 65 14.94 1.96 16.87
C TYR A 65 15.48 3.03 17.82
N GLU A 66 14.94 4.23 17.70
CA GLU A 66 15.38 5.35 18.55
C GLU A 66 16.73 5.89 18.08
N ARG A 67 17.08 7.08 18.58
CA ARG A 67 18.34 7.70 18.21
C ARG A 67 18.59 8.95 19.05
N PRO A 68 19.53 8.87 20.00
CA PRO A 68 19.87 10.00 20.89
C PRO A 68 20.55 11.14 20.14
N LYS A 69 19.74 12.06 19.62
CA LYS A 69 20.27 13.20 18.89
C LYS A 69 20.06 14.50 19.66
N ASP A 70 21.07 15.35 19.68
CA ASP A 70 21.00 16.62 20.39
C ASP A 70 20.94 16.41 21.89
N SER A 71 21.16 15.16 22.32
CA SER A 71 21.13 14.84 23.74
C SER A 71 19.71 14.93 24.29
N MET A 72 18.74 15.00 23.40
CA MET A 72 17.34 15.09 23.80
C MET A 72 16.63 13.75 23.63
N ILE A 73 17.17 12.90 22.77
CA ILE A 73 16.60 11.58 22.52
C ILE A 73 15.16 11.70 22.02
N TRP A 74 14.92 11.14 20.84
CA TRP A 74 13.58 11.17 20.25
C TRP A 74 13.16 9.79 19.76
N ASP A 75 12.19 9.19 20.45
CA ASP A 75 11.69 7.87 20.08
C ASP A 75 11.18 7.87 18.65
N CYS A 76 12.10 7.79 17.69
CA CYS A 76 11.74 7.77 16.28
C CYS A 76 11.33 6.38 15.82
N THR A 77 10.48 6.33 14.80
CA THR A 77 10.01 5.05 14.27
C THR A 77 10.26 4.97 12.76
N CYS A 78 10.92 3.90 12.35
CA CYS A 78 11.23 3.70 10.93
C CYS A 78 9.95 3.69 10.08
N ILE A 79 9.45 4.89 9.79
CA ILE A 79 8.23 5.02 8.99
C ILE A 79 8.56 5.30 7.53
N GLY A 80 7.79 4.69 6.63
CA GLY A 80 8.01 4.88 5.21
C GLY A 80 8.14 3.57 4.45
N ALA A 81 7.99 3.64 3.14
CA ALA A 81 8.09 2.44 2.31
C ALA A 81 9.49 2.31 1.70
N GLY A 82 10.49 2.25 2.56
CA GLY A 82 11.86 2.12 2.10
C GLY A 82 12.54 3.46 1.94
N ARG A 83 11.88 4.52 2.38
CA ARG A 83 12.43 5.87 2.28
C ARG A 83 11.34 6.92 2.44
N GLY A 84 10.40 6.66 3.35
CA GLY A 84 9.33 7.58 3.59
C GLY A 84 9.76 8.79 4.41
N ARG A 85 9.71 8.65 5.73
CA ARG A 85 10.10 9.73 6.63
C ARG A 85 10.04 9.28 8.09
N ILE A 86 11.18 8.85 8.61
CA ILE A 86 11.24 8.40 10.00
C ILE A 86 10.82 9.51 10.95
N SER A 87 9.58 9.44 11.40
CA SER A 87 9.05 10.45 12.33
C SER A 87 9.64 10.28 13.73
N CYS A 88 10.22 11.35 14.25
CA CYS A 88 10.81 11.33 15.57
C CYS A 88 9.97 12.13 16.57
N THR A 89 10.23 11.92 17.85
CA THR A 89 9.49 12.62 18.90
C THR A 89 10.00 12.23 20.29
N ILE A 90 9.90 13.17 21.22
CA ILE A 90 10.35 12.93 22.59
C ILE A 90 9.28 12.19 23.39
N ALA A 91 9.71 11.21 24.18
CA ALA A 91 8.79 10.43 25.01
C ALA A 91 9.52 9.78 26.18
N ASN A 92 8.80 9.58 27.28
CA ASN A 92 9.38 8.96 28.46
C ASN A 92 8.34 8.86 29.58
N ARG A 93 7.24 8.16 29.31
CA ARG A 93 6.18 8.00 30.29
C ARG A 93 5.27 9.21 30.32
N SER A 1 -13.83 -24.82 -11.07
CA SER A 1 -12.60 -24.10 -11.48
C SER A 1 -12.62 -22.65 -10.99
N LYS A 2 -11.48 -22.19 -10.49
CA LYS A 2 -11.38 -20.83 -9.98
C LYS A 2 -9.94 -20.31 -10.12
N PRO A 3 -9.48 -20.11 -11.36
CA PRO A 3 -8.13 -19.62 -11.64
C PRO A 3 -7.88 -18.24 -11.05
N GLY A 4 -6.90 -17.53 -11.61
CA GLY A 4 -6.58 -16.20 -11.12
C GLY A 4 -7.64 -15.17 -11.48
N CYS A 5 -7.23 -13.94 -11.69
CA CYS A 5 -8.16 -12.87 -12.02
C CYS A 5 -7.61 -12.02 -13.18
N TYR A 6 -8.00 -12.37 -14.40
CA TYR A 6 -7.56 -11.65 -15.58
C TYR A 6 -7.71 -10.14 -15.40
N ASP A 7 -6.81 -9.37 -16.01
CA ASP A 7 -6.84 -7.93 -15.92
C ASP A 7 -5.73 -7.30 -16.76
N ASN A 8 -6.09 -6.30 -17.56
CA ASN A 8 -5.11 -5.63 -18.40
C ASN A 8 -4.31 -6.63 -19.22
N GLY A 9 -4.87 -7.81 -19.41
CA GLY A 9 -4.19 -8.84 -20.18
C GLY A 9 -3.29 -9.70 -19.32
N LYS A 10 -3.09 -9.29 -18.08
CA LYS A 10 -2.26 -10.04 -17.15
C LYS A 10 -3.09 -11.02 -16.33
N HIS A 11 -2.63 -12.27 -16.26
CA HIS A 11 -3.33 -13.30 -15.51
C HIS A 11 -2.52 -13.76 -14.32
N TYR A 12 -2.74 -13.11 -13.17
CA TYR A 12 -2.02 -13.47 -11.95
C TYR A 12 -2.65 -14.70 -11.30
N GLN A 13 -2.04 -15.15 -10.20
CA GLN A 13 -2.53 -16.32 -9.48
C GLN A 13 -3.51 -15.91 -8.39
N ILE A 14 -4.48 -16.78 -8.13
CA ILE A 14 -5.49 -16.51 -7.11
C ILE A 14 -4.85 -16.05 -5.80
N ASN A 15 -5.56 -15.20 -5.07
CA ASN A 15 -5.06 -14.68 -3.80
C ASN A 15 -3.80 -13.85 -4.01
N GLN A 16 -3.53 -13.46 -5.25
CA GLN A 16 -2.36 -12.67 -5.56
C GLN A 16 -2.71 -11.19 -5.66
N GLN A 17 -1.76 -10.33 -5.35
CA GLN A 17 -1.98 -8.89 -5.39
C GLN A 17 -1.19 -8.25 -6.54
N TRP A 18 -1.65 -7.09 -6.99
CA TRP A 18 -0.99 -6.37 -8.07
C TRP A 18 -1.45 -4.92 -8.12
N GLU A 19 -1.06 -4.21 -9.16
CA GLU A 19 -1.42 -2.80 -9.32
C GLU A 19 -2.38 -2.60 -10.48
N ARG A 20 -3.45 -1.86 -10.24
CA ARG A 20 -4.44 -1.57 -11.26
C ARG A 20 -4.80 -0.08 -11.25
N THR A 21 -5.78 0.30 -12.06
CA THR A 21 -6.20 1.69 -12.14
C THR A 21 -7.71 1.81 -12.37
N TYR A 22 -8.35 2.69 -11.61
CA TYR A 22 -9.78 2.91 -11.73
C TYR A 22 -10.09 4.39 -11.91
N LEU A 23 -10.76 4.73 -13.00
CA LEU A 23 -11.11 6.13 -13.28
C LEU A 23 -9.91 6.88 -13.84
N GLY A 24 -8.85 6.13 -14.15
CA GLY A 24 -7.65 6.73 -14.70
C GLY A 24 -6.68 7.18 -13.63
N ASN A 25 -6.50 6.36 -12.61
CA ASN A 25 -5.58 6.66 -11.52
C ASN A 25 -5.04 5.39 -10.88
N ALA A 26 -3.74 5.39 -10.60
CA ALA A 26 -3.10 4.24 -9.97
C ALA A 26 -4.03 3.59 -8.95
N LEU A 27 -3.88 2.30 -8.73
CA LEU A 27 -4.72 1.59 -7.78
C LEU A 27 -4.16 0.21 -7.47
N VAL A 28 -4.54 -0.32 -6.31
CA VAL A 28 -4.10 -1.64 -5.88
C VAL A 28 -5.28 -2.61 -5.92
N CYS A 29 -4.99 -3.89 -6.05
CA CYS A 29 -6.05 -4.90 -6.10
C CYS A 29 -5.52 -6.29 -5.80
N THR A 30 -6.44 -7.25 -5.71
CA THR A 30 -6.08 -8.63 -5.42
C THR A 30 -6.91 -9.59 -6.27
N CYS A 31 -6.88 -10.87 -5.94
CA CYS A 31 -7.63 -11.88 -6.67
C CYS A 31 -8.35 -12.83 -5.73
N TYR A 32 -9.57 -13.20 -6.09
CA TYR A 32 -10.37 -14.11 -5.27
C TYR A 32 -10.53 -15.46 -5.97
N GLY A 33 -10.67 -15.43 -7.29
CA GLY A 33 -10.82 -16.65 -8.05
C GLY A 33 -12.04 -16.61 -8.95
N GLY A 34 -12.08 -17.52 -9.92
CA GLY A 34 -13.20 -17.58 -10.83
C GLY A 34 -13.75 -16.21 -11.19
N SER A 35 -12.87 -15.21 -11.17
CA SER A 35 -13.27 -13.84 -11.49
C SER A 35 -14.50 -13.43 -10.70
N ARG A 36 -14.60 -13.93 -9.46
CA ARG A 36 -15.73 -13.61 -8.60
C ARG A 36 -15.84 -12.09 -8.39
N GLY A 37 -14.75 -11.48 -7.98
CA GLY A 37 -14.74 -10.06 -7.74
C GLY A 37 -13.65 -9.62 -6.78
N PHE A 38 -12.47 -9.32 -7.33
CA PHE A 38 -11.34 -8.89 -6.51
C PHE A 38 -11.70 -7.65 -5.69
N ASN A 39 -10.70 -7.07 -5.04
CA ASN A 39 -10.90 -5.88 -4.23
C ASN A 39 -9.80 -4.86 -4.47
N CYS A 40 -10.16 -3.72 -5.05
CA CYS A 40 -9.18 -2.66 -5.34
C CYS A 40 -9.13 -1.64 -4.21
N GLU A 41 -8.30 -0.62 -4.37
CA GLU A 41 -8.18 0.42 -3.36
C GLU A 41 -7.32 1.58 -3.87
N SER A 42 -6.02 1.51 -3.59
CA SER A 42 -5.09 2.55 -4.01
C SER A 42 -3.69 2.28 -3.47
N LYS A 43 -2.76 3.20 -3.75
CA LYS A 43 -1.39 3.06 -3.29
C LYS A 43 -1.19 3.72 -1.94
N PRO A 44 -0.14 3.33 -1.21
CA PRO A 44 0.17 3.88 0.11
C PRO A 44 0.14 5.41 0.12
N GLU A 45 0.35 5.98 1.29
CA GLU A 45 0.36 7.43 1.45
C GLU A 45 1.48 7.88 2.37
N ALA A 46 2.47 7.00 2.57
CA ALA A 46 3.60 7.31 3.42
C ALA A 46 4.91 7.17 2.66
N GLU A 47 5.64 8.27 2.54
CA GLU A 47 6.92 8.28 1.83
C GLU A 47 8.06 7.93 2.78
N GLU A 48 8.60 6.72 2.63
CA GLU A 48 9.70 6.27 3.47
C GLU A 48 10.17 4.88 3.05
N THR A 49 10.22 4.66 1.74
CA THR A 49 10.66 3.37 1.21
C THR A 49 11.39 3.56 -0.12
N CYS A 50 11.59 2.45 -0.83
CA CYS A 50 12.28 2.49 -2.12
C CYS A 50 11.89 1.28 -2.97
N PHE A 51 12.24 0.09 -2.49
CA PHE A 51 11.93 -1.14 -3.20
C PHE A 51 12.92 -1.38 -4.33
N ASP A 52 13.99 -2.12 -4.02
CA ASP A 52 15.03 -2.42 -5.00
C ASP A 52 14.68 -3.69 -5.77
N LYS A 53 13.43 -3.81 -6.19
CA LYS A 53 12.98 -4.97 -6.95
C LYS A 53 13.67 -6.24 -6.44
N TYR A 54 13.96 -7.17 -7.36
CA TYR A 54 14.61 -8.43 -7.01
C TYR A 54 13.61 -9.42 -6.44
N THR A 55 12.82 -8.97 -5.47
CA THR A 55 11.82 -9.83 -4.85
C THR A 55 10.92 -9.04 -3.91
N GLY A 56 11.49 -8.05 -3.23
CA GLY A 56 10.72 -7.24 -2.32
C GLY A 56 11.50 -6.89 -1.06
N ASN A 57 12.67 -6.28 -1.24
CA ASN A 57 13.50 -5.89 -0.11
C ASN A 57 13.42 -4.38 0.13
N THR A 58 12.20 -3.86 0.20
CA THR A 58 11.99 -2.43 0.43
C THR A 58 12.93 -1.92 1.52
N TYR A 59 13.65 -0.84 1.21
CA TYR A 59 14.59 -0.24 2.16
C TYR A 59 14.05 1.09 2.68
N ARG A 60 14.82 1.72 3.55
CA ARG A 60 14.42 3.00 4.13
C ARG A 60 15.34 4.12 3.64
N VAL A 61 14.74 5.23 3.21
CA VAL A 61 15.50 6.37 2.71
C VAL A 61 16.52 6.82 3.75
N GLY A 62 16.31 6.44 5.01
CA GLY A 62 17.21 6.82 6.07
C GLY A 62 17.99 5.64 6.63
N ASP A 63 18.33 4.69 5.76
CA ASP A 63 19.07 3.51 6.17
C ASP A 63 19.87 2.93 5.01
N THR A 64 21.17 2.76 5.22
CA THR A 64 22.04 2.22 4.20
C THR A 64 21.91 0.70 4.11
N TYR A 65 22.47 0.12 3.05
CA TYR A 65 22.41 -1.32 2.87
C TYR A 65 23.40 -1.76 1.78
N GLU A 66 23.63 -3.07 1.69
CA GLU A 66 24.55 -3.62 0.70
C GLU A 66 23.98 -4.90 0.10
N ARG A 67 24.03 -4.99 -1.23
CA ARG A 67 23.52 -6.16 -1.94
C ARG A 67 24.48 -6.59 -3.04
N PRO A 68 24.65 -7.91 -3.22
CA PRO A 68 25.54 -8.47 -4.24
C PRO A 68 24.92 -8.42 -5.64
N LYS A 69 25.63 -7.80 -6.56
CA LYS A 69 25.15 -7.69 -7.94
C LYS A 69 26.22 -8.14 -8.93
N ASP A 70 26.01 -9.30 -9.54
CA ASP A 70 26.95 -9.86 -10.50
C ASP A 70 28.01 -10.70 -9.81
N SER A 71 28.41 -10.28 -8.61
CA SER A 71 29.42 -11.01 -7.84
C SER A 71 30.06 -10.09 -6.80
N MET A 72 29.99 -8.79 -7.04
CA MET A 72 30.56 -7.81 -6.11
C MET A 72 29.49 -7.23 -5.21
N ILE A 73 29.89 -6.75 -4.04
CA ILE A 73 28.97 -6.17 -3.08
C ILE A 73 29.11 -4.65 -3.03
N TRP A 74 27.98 -3.96 -3.05
CA TRP A 74 27.97 -2.50 -3.00
C TRP A 74 27.02 -1.99 -1.92
N ASP A 75 27.52 -1.07 -1.10
CA ASP A 75 26.71 -0.51 -0.02
C ASP A 75 25.66 0.44 -0.57
N CYS A 76 24.75 -0.09 -1.37
CA CYS A 76 23.68 0.70 -1.97
C CYS A 76 22.98 1.56 -0.91
N THR A 77 22.55 2.75 -1.30
CA THR A 77 21.87 3.66 -0.40
C THR A 77 20.60 4.22 -1.03
N CYS A 78 19.48 4.05 -0.35
CA CYS A 78 18.20 4.54 -0.84
C CYS A 78 18.23 6.06 -1.00
N ILE A 79 18.84 6.53 -2.08
CA ILE A 79 18.95 7.96 -2.34
C ILE A 79 17.77 8.44 -3.19
N GLY A 80 16.66 8.75 -2.53
CA GLY A 80 15.48 9.22 -3.24
C GLY A 80 14.21 9.00 -2.46
N ALA A 81 14.24 8.03 -1.55
CA ALA A 81 13.07 7.71 -0.73
C ALA A 81 11.89 7.30 -1.61
N GLY A 82 12.16 6.47 -2.60
CA GLY A 82 11.10 6.02 -3.49
C GLY A 82 11.65 5.50 -4.81
N ARG A 83 12.42 6.33 -5.50
CA ARG A 83 13.00 5.95 -6.78
C ARG A 83 13.81 7.09 -7.37
N GLY A 84 14.63 7.73 -6.54
CA GLY A 84 15.45 8.83 -6.99
C GLY A 84 16.63 8.37 -7.82
N ARG A 85 17.54 7.63 -7.18
CA ARG A 85 18.72 7.12 -7.87
C ARG A 85 19.57 6.26 -6.94
N ILE A 86 19.00 5.16 -6.47
CA ILE A 86 19.70 4.25 -5.57
C ILE A 86 21.17 4.17 -5.92
N SER A 87 21.98 5.02 -5.29
CA SER A 87 23.42 5.04 -5.53
C SER A 87 24.09 3.84 -4.88
N CYS A 88 25.14 3.34 -5.51
CA CYS A 88 25.88 2.19 -5.00
C CYS A 88 27.36 2.30 -5.35
N THR A 89 28.21 1.97 -4.39
CA THR A 89 29.66 2.02 -4.59
C THR A 89 30.36 0.88 -3.88
N ILE A 90 31.18 0.13 -4.61
CA ILE A 90 31.91 -0.98 -4.05
C ILE A 90 32.47 -0.64 -2.68
N ALA A 91 32.14 -1.48 -1.69
CA ALA A 91 32.62 -1.26 -0.33
C ALA A 91 33.70 -2.26 0.05
N ASN A 92 34.94 -1.80 0.09
CA ASN A 92 36.07 -2.65 0.44
C ASN A 92 36.01 -3.06 1.91
N ARG A 93 35.22 -4.08 2.20
CA ARG A 93 35.08 -4.58 3.57
C ARG A 93 34.05 -3.75 4.34
N SER A 1 -15.15 -24.11 -14.17
CA SER A 1 -14.87 -22.94 -13.30
C SER A 1 -13.70 -22.14 -13.83
N LYS A 2 -13.54 -20.91 -13.32
CA LYS A 2 -12.46 -20.04 -13.75
C LYS A 2 -11.70 -19.49 -12.54
N PRO A 3 -10.59 -20.16 -12.16
CA PRO A 3 -9.76 -19.74 -11.03
C PRO A 3 -8.80 -18.62 -11.40
N GLY A 4 -8.88 -17.51 -10.67
CA GLY A 4 -7.99 -16.39 -10.94
C GLY A 4 -8.75 -15.08 -11.13
N CYS A 5 -8.03 -14.04 -11.50
CA CYS A 5 -8.63 -12.73 -11.73
C CYS A 5 -7.92 -11.98 -12.85
N TYR A 6 -8.42 -12.15 -14.07
CA TYR A 6 -7.83 -11.50 -15.24
C TYR A 6 -7.81 -9.98 -15.06
N ASP A 7 -6.64 -9.39 -15.28
CA ASP A 7 -6.48 -7.95 -15.14
C ASP A 7 -5.23 -7.47 -15.88
N ASN A 8 -5.37 -6.37 -16.62
CA ASN A 8 -4.25 -5.81 -17.36
C ASN A 8 -3.75 -6.80 -18.42
N GLY A 9 -4.69 -7.50 -19.05
CA GLY A 9 -4.32 -8.47 -20.07
C GLY A 9 -3.44 -9.57 -19.54
N LYS A 10 -3.41 -9.72 -18.22
CA LYS A 10 -2.60 -10.75 -17.58
C LYS A 10 -3.41 -11.51 -16.53
N HIS A 11 -3.24 -12.83 -16.51
CA HIS A 11 -3.95 -13.67 -15.56
C HIS A 11 -3.01 -14.15 -14.44
N TYR A 12 -3.03 -13.44 -13.32
CA TYR A 12 -2.19 -13.79 -12.18
C TYR A 12 -2.79 -14.94 -11.39
N GLN A 13 -2.02 -15.47 -10.46
CA GLN A 13 -2.48 -16.58 -9.63
C GLN A 13 -3.17 -16.06 -8.37
N ILE A 14 -4.36 -16.58 -8.08
CA ILE A 14 -5.12 -16.18 -6.92
C ILE A 14 -4.20 -15.82 -5.75
N ASN A 15 -4.64 -14.87 -4.94
CA ASN A 15 -3.86 -14.42 -3.79
C ASN A 15 -2.71 -13.52 -4.23
N GLN A 16 -2.67 -13.21 -5.52
CA GLN A 16 -1.63 -12.34 -6.06
C GLN A 16 -2.07 -10.88 -6.04
N GLN A 17 -1.19 -10.01 -5.59
CA GLN A 17 -1.50 -8.59 -5.51
C GLN A 17 -0.83 -7.82 -6.64
N TRP A 18 -1.48 -6.75 -7.09
CA TRP A 18 -0.96 -5.94 -8.17
C TRP A 18 -1.55 -4.53 -8.12
N GLU A 19 -1.13 -3.68 -9.04
CA GLU A 19 -1.62 -2.30 -9.10
C GLU A 19 -2.34 -2.02 -10.41
N ARG A 20 -3.61 -1.61 -10.30
CA ARG A 20 -4.41 -1.29 -11.47
C ARG A 20 -4.76 0.20 -11.49
N THR A 21 -4.75 0.78 -12.68
CA THR A 21 -5.06 2.20 -12.84
C THR A 21 -6.48 2.39 -13.36
N TYR A 22 -7.01 3.60 -13.20
CA TYR A 22 -8.36 3.92 -13.65
C TYR A 22 -8.72 5.36 -13.28
N LEU A 23 -8.93 6.19 -14.29
CA LEU A 23 -9.28 7.58 -14.07
C LEU A 23 -8.07 8.39 -13.60
N GLY A 24 -6.90 8.03 -14.10
CA GLY A 24 -5.68 8.71 -13.72
C GLY A 24 -5.31 8.47 -12.27
N ASN A 25 -5.67 7.30 -11.76
CA ASN A 25 -5.36 6.93 -10.38
C ASN A 25 -4.80 5.52 -10.30
N ALA A 26 -3.88 5.31 -9.36
CA ALA A 26 -3.27 4.01 -9.17
C ALA A 26 -3.91 3.25 -8.01
N LEU A 27 -4.61 2.17 -8.32
CA LEU A 27 -5.28 1.38 -7.30
C LEU A 27 -4.64 0.00 -7.18
N VAL A 28 -4.56 -0.51 -5.96
CA VAL A 28 -3.98 -1.83 -5.71
C VAL A 28 -5.07 -2.89 -5.71
N CYS A 29 -4.88 -3.92 -6.52
CA CYS A 29 -5.85 -5.00 -6.63
C CYS A 29 -5.37 -6.27 -5.92
N THR A 30 -6.28 -7.21 -5.73
CA THR A 30 -5.97 -8.47 -5.07
C THR A 30 -6.88 -9.59 -5.59
N CYS A 31 -6.26 -10.65 -6.09
CA CYS A 31 -7.02 -11.78 -6.63
C CYS A 31 -7.52 -12.68 -5.50
N TYR A 32 -8.82 -13.00 -5.55
CA TYR A 32 -9.43 -13.85 -4.53
C TYR A 32 -9.84 -15.19 -5.13
N GLY A 33 -10.08 -15.21 -6.43
CA GLY A 33 -10.48 -16.43 -7.10
C GLY A 33 -11.99 -16.57 -7.22
N GLY A 34 -12.44 -17.67 -7.80
CA GLY A 34 -13.86 -17.90 -7.96
C GLY A 34 -14.60 -16.66 -8.40
N SER A 35 -15.68 -16.34 -7.69
CA SER A 35 -16.48 -15.16 -8.03
C SER A 35 -15.97 -13.92 -7.30
N ARG A 36 -15.35 -14.14 -6.14
CA ARG A 36 -14.81 -13.04 -5.35
C ARG A 36 -13.96 -12.12 -6.20
N GLY A 37 -13.34 -12.68 -7.24
CA GLY A 37 -12.50 -11.89 -8.11
C GLY A 37 -11.48 -11.05 -7.36
N PHE A 38 -11.49 -9.75 -7.63
CA PHE A 38 -10.56 -8.84 -6.96
C PHE A 38 -11.29 -7.60 -6.45
N ASN A 39 -10.68 -6.90 -5.49
CA ASN A 39 -11.27 -5.71 -4.92
C ASN A 39 -10.21 -4.62 -4.73
N CYS A 40 -9.97 -3.85 -5.79
CA CYS A 40 -8.98 -2.79 -5.74
C CYS A 40 -9.37 -1.71 -4.73
N GLU A 41 -8.38 -0.95 -4.28
CA GLU A 41 -8.62 0.11 -3.31
C GLU A 41 -7.85 1.37 -3.67
N SER A 42 -6.53 1.31 -3.54
CA SER A 42 -5.67 2.44 -3.86
C SER A 42 -4.20 2.04 -3.79
N LYS A 43 -3.32 2.98 -4.13
CA LYS A 43 -1.88 2.72 -4.09
C LYS A 43 -1.24 3.35 -2.86
N PRO A 44 -0.96 2.52 -1.84
CA PRO A 44 -0.35 2.98 -0.59
C PRO A 44 0.92 3.79 -0.84
N GLU A 45 0.81 5.10 -0.70
CA GLU A 45 1.95 5.99 -0.90
C GLU A 45 3.24 5.35 -0.36
N ALA A 46 3.36 5.34 0.96
CA ALA A 46 4.54 4.76 1.61
C ALA A 46 4.13 3.82 2.74
N GLU A 47 4.82 2.68 2.83
CA GLU A 47 4.53 1.70 3.87
C GLU A 47 5.27 2.04 5.15
N GLU A 48 6.56 2.35 5.02
CA GLU A 48 7.39 2.69 6.16
C GLU A 48 6.87 3.95 6.85
N THR A 49 5.81 3.80 7.64
CA THR A 49 5.22 4.92 8.35
C THR A 49 4.75 4.51 9.74
N CYS A 50 4.76 5.46 10.67
CA CYS A 50 4.34 5.21 12.04
C CYS A 50 3.80 6.48 12.69
N PHE A 51 3.35 6.36 13.93
CA PHE A 51 2.81 7.50 14.66
C PHE A 51 2.63 7.17 16.13
N ASP A 52 3.57 7.64 16.95
CA ASP A 52 3.51 7.40 18.39
C ASP A 52 3.01 8.63 19.13
N LYS A 53 2.13 9.39 18.48
CA LYS A 53 1.57 10.60 19.06
C LYS A 53 2.61 11.37 19.85
N TYR A 54 2.17 12.31 20.67
CA TYR A 54 3.06 13.13 21.48
C TYR A 54 3.79 14.17 20.62
N THR A 55 4.45 13.70 19.58
CA THR A 55 5.19 14.58 18.69
C THR A 55 4.79 14.36 17.23
N GLY A 56 3.94 13.37 17.00
CA GLY A 56 3.49 13.07 15.65
C GLY A 56 4.65 12.90 14.69
N ASN A 57 5.80 12.51 15.22
CA ASN A 57 6.99 12.31 14.40
C ASN A 57 6.91 10.99 13.63
N THR A 58 6.36 11.04 12.42
CA THR A 58 6.22 9.85 11.58
C THR A 58 7.54 9.08 11.51
N TYR A 59 7.52 7.84 11.97
CA TYR A 59 8.71 7.00 11.95
C TYR A 59 8.64 5.99 10.81
N ARG A 60 9.74 5.27 10.59
CA ARG A 60 9.80 4.27 9.54
C ARG A 60 9.88 2.87 10.13
N VAL A 61 9.07 1.96 9.60
CA VAL A 61 9.05 0.57 10.06
C VAL A 61 10.46 0.01 10.15
N GLY A 62 11.31 0.38 9.19
CA GLY A 62 12.67 -0.10 9.18
C GLY A 62 13.59 0.73 10.05
N ASP A 63 13.11 1.12 11.22
CA ASP A 63 13.90 1.93 12.14
C ASP A 63 13.29 1.90 13.54
N THR A 64 13.95 2.59 14.48
CA THR A 64 13.47 2.65 15.86
C THR A 64 13.49 4.08 16.37
N TYR A 65 12.59 4.38 17.31
CA TYR A 65 12.51 5.72 17.88
C TYR A 65 12.33 5.64 19.40
N GLU A 66 13.32 6.13 20.14
CA GLU A 66 13.27 6.12 21.60
C GLU A 66 12.46 7.30 22.11
N ARG A 67 11.31 7.01 22.71
CA ARG A 67 10.44 8.04 23.26
C ARG A 67 10.36 7.94 24.77
N PRO A 68 11.02 8.86 25.49
CA PRO A 68 11.03 8.89 26.96
C PRO A 68 9.71 9.39 27.54
N LYS A 69 9.27 8.78 28.62
CA LYS A 69 8.02 9.17 29.27
C LYS A 69 8.07 8.88 30.77
N ASP A 70 8.34 9.91 31.56
CA ASP A 70 8.42 9.76 33.00
C ASP A 70 9.77 9.17 33.42
N SER A 71 9.86 8.77 34.68
CA SER A 71 11.10 8.19 35.21
C SER A 71 11.21 6.72 34.83
N MET A 72 11.15 6.44 33.53
CA MET A 72 11.24 5.07 33.04
C MET A 72 11.96 5.02 31.70
N ILE A 73 11.38 5.70 30.70
CA ILE A 73 11.97 5.74 29.37
C ILE A 73 12.03 4.35 28.75
N TRP A 74 11.55 4.23 27.52
CA TRP A 74 11.55 2.96 26.81
C TRP A 74 11.97 3.14 25.36
N ASP A 75 12.15 2.02 24.66
CA ASP A 75 12.56 2.07 23.26
C ASP A 75 11.42 1.61 22.35
N CYS A 76 10.50 2.52 22.04
CA CYS A 76 9.37 2.21 21.19
C CYS A 76 9.81 1.96 19.75
N THR A 77 9.27 0.91 19.15
CA THR A 77 9.61 0.55 17.77
C THR A 77 8.39 0.67 16.87
N CYS A 78 8.60 0.47 15.57
CA CYS A 78 7.52 0.56 14.60
C CYS A 78 7.17 -0.82 14.05
N ILE A 79 7.16 -1.81 14.94
CA ILE A 79 6.85 -3.18 14.54
C ILE A 79 5.48 -3.27 13.88
N GLY A 80 5.47 -3.54 12.58
CA GLY A 80 4.22 -3.64 11.85
C GLY A 80 4.31 -3.02 10.47
N ALA A 81 3.76 -3.73 9.47
CA ALA A 81 3.78 -3.24 8.10
C ALA A 81 3.03 -1.92 7.98
N GLY A 82 2.25 -1.59 9.00
CA GLY A 82 1.49 -0.35 8.99
C GLY A 82 1.40 0.29 10.36
N ARG A 83 2.37 -0.01 11.22
CA ARG A 83 2.40 0.54 12.56
C ARG A 83 1.20 0.05 13.38
N GLY A 84 1.48 -0.41 14.59
CA GLY A 84 0.42 -0.90 15.46
C GLY A 84 0.96 -1.69 16.64
N ARG A 85 2.04 -2.43 16.41
CA ARG A 85 2.64 -3.23 17.47
C ARG A 85 3.90 -2.55 18.01
N ILE A 86 3.82 -1.24 18.22
CA ILE A 86 4.94 -0.47 18.72
C ILE A 86 5.47 -1.06 20.02
N SER A 87 6.50 -1.90 19.91
CA SER A 87 7.11 -2.52 21.08
C SER A 87 8.00 -1.55 21.82
N CYS A 88 7.74 -1.35 23.11
CA CYS A 88 8.53 -0.43 23.92
C CYS A 88 9.00 -1.11 25.20
N THR A 89 10.32 -1.14 25.39
CA THR A 89 10.90 -1.75 26.58
C THR A 89 12.00 -0.89 27.17
N ILE A 90 12.05 -0.80 28.49
CA ILE A 90 13.05 0.01 29.17
C ILE A 90 14.46 -0.50 28.85
N ALA A 91 15.40 0.43 28.72
CA ALA A 91 16.79 0.08 28.41
C ALA A 91 17.61 1.33 28.11
N ASN A 92 18.62 1.58 28.93
CA ASN A 92 19.49 2.74 28.75
C ASN A 92 20.78 2.58 29.55
N ARG A 93 21.91 2.53 28.84
CA ARG A 93 23.21 2.38 29.49
C ARG A 93 23.98 3.69 29.44
N SER A 1 -14.75 -26.05 -10.80
CA SER A 1 -13.90 -24.95 -10.24
C SER A 1 -12.99 -24.36 -11.31
N LYS A 2 -12.83 -23.04 -11.29
CA LYS A 2 -11.98 -22.36 -12.25
C LYS A 2 -11.39 -21.08 -11.66
N PRO A 3 -10.53 -21.22 -10.64
CA PRO A 3 -9.89 -20.10 -9.98
C PRO A 3 -9.10 -19.22 -10.94
N GLY A 4 -8.66 -18.06 -10.47
CA GLY A 4 -7.91 -17.16 -11.32
C GLY A 4 -8.64 -15.86 -11.59
N CYS A 5 -7.92 -14.88 -12.14
CA CYS A 5 -8.51 -13.59 -12.46
C CYS A 5 -7.76 -12.92 -13.62
N TYR A 6 -8.50 -12.59 -14.67
CA TYR A 6 -7.90 -11.95 -15.84
C TYR A 6 -7.98 -10.43 -15.73
N ASP A 7 -6.90 -9.83 -15.24
CA ASP A 7 -6.84 -8.38 -15.07
C ASP A 7 -5.74 -7.78 -15.96
N ASN A 8 -6.04 -6.64 -16.57
CA ASN A 8 -5.08 -5.97 -17.43
C ASN A 8 -4.50 -6.93 -18.46
N GLY A 9 -5.38 -7.73 -19.07
CA GLY A 9 -4.94 -8.69 -20.06
C GLY A 9 -3.93 -9.67 -19.50
N LYS A 10 -3.85 -9.75 -18.17
CA LYS A 10 -2.91 -10.65 -17.52
C LYS A 10 -3.63 -11.53 -16.49
N HIS A 11 -3.09 -12.71 -16.24
CA HIS A 11 -3.68 -13.64 -15.28
C HIS A 11 -2.73 -13.90 -14.11
N TYR A 12 -2.96 -13.19 -13.01
CA TYR A 12 -2.13 -13.34 -11.82
C TYR A 12 -2.54 -14.57 -11.02
N GLN A 13 -1.88 -14.79 -9.90
CA GLN A 13 -2.18 -15.94 -9.05
C GLN A 13 -3.17 -15.55 -7.96
N ILE A 14 -4.31 -16.22 -7.93
CA ILE A 14 -5.35 -15.94 -6.95
C ILE A 14 -4.74 -15.53 -5.61
N ASN A 15 -5.34 -14.54 -4.98
CA ASN A 15 -4.86 -14.04 -3.70
C ASN A 15 -3.62 -13.17 -3.89
N GLN A 16 -3.27 -12.91 -5.15
CA GLN A 16 -2.11 -12.08 -5.45
C GLN A 16 -2.49 -10.60 -5.48
N GLN A 17 -1.51 -9.74 -5.22
CA GLN A 17 -1.75 -8.31 -5.21
C GLN A 17 -0.84 -7.59 -6.20
N TRP A 18 -1.44 -6.82 -7.10
CA TRP A 18 -0.69 -6.07 -8.10
C TRP A 18 -1.15 -4.62 -8.14
N GLU A 19 -0.47 -3.82 -8.96
CA GLU A 19 -0.82 -2.41 -9.09
C GLU A 19 -1.64 -2.15 -10.35
N ARG A 20 -2.79 -1.51 -10.17
CA ARG A 20 -3.68 -1.18 -11.27
C ARG A 20 -4.23 0.23 -11.13
N THR A 21 -5.32 0.51 -11.84
CA THR A 21 -5.94 1.83 -11.79
C THR A 21 -7.46 1.73 -11.88
N TYR A 22 -8.14 2.58 -11.11
CA TYR A 22 -9.60 2.60 -11.10
C TYR A 22 -10.11 4.03 -11.24
N LEU A 23 -11.08 4.22 -12.14
CA LEU A 23 -11.64 5.54 -12.38
C LEU A 23 -10.57 6.48 -12.92
N GLY A 24 -9.48 5.89 -13.42
CA GLY A 24 -8.40 6.68 -13.96
C GLY A 24 -7.45 7.19 -12.89
N ASN A 25 -7.20 6.36 -11.88
CA ASN A 25 -6.31 6.73 -10.79
C ASN A 25 -5.57 5.51 -10.26
N ALA A 26 -4.29 5.70 -9.95
CA ALA A 26 -3.46 4.62 -9.42
C ALA A 26 -4.18 3.90 -8.28
N LEU A 27 -4.15 2.57 -8.32
CA LEU A 27 -4.81 1.76 -7.30
C LEU A 27 -4.34 0.31 -7.36
N VAL A 28 -4.28 -0.34 -6.20
CA VAL A 28 -3.86 -1.73 -6.12
C VAL A 28 -5.06 -2.66 -6.26
N CYS A 29 -4.89 -3.69 -7.08
CA CYS A 29 -5.94 -4.67 -7.31
C CYS A 29 -5.51 -6.06 -6.89
N THR A 30 -6.28 -6.67 -5.99
CA THR A 30 -5.98 -8.01 -5.51
C THR A 30 -6.75 -9.07 -6.30
N CYS A 31 -6.64 -10.32 -5.87
CA CYS A 31 -7.33 -11.42 -6.55
C CYS A 31 -7.93 -12.38 -5.54
N TYR A 32 -9.24 -12.55 -5.59
CA TYR A 32 -9.95 -13.45 -4.68
C TYR A 32 -10.07 -14.85 -5.27
N GLY A 33 -10.46 -14.92 -6.54
CA GLY A 33 -10.62 -16.20 -7.19
C GLY A 33 -12.07 -16.63 -7.31
N GLY A 34 -12.32 -17.64 -8.14
CA GLY A 34 -13.68 -18.13 -8.31
C GLY A 34 -14.59 -17.10 -8.96
N SER A 35 -15.62 -16.66 -8.24
CA SER A 35 -16.56 -15.68 -8.76
C SER A 35 -16.67 -14.47 -7.83
N ARG A 36 -16.03 -14.57 -6.66
CA ARG A 36 -16.05 -13.49 -5.69
C ARG A 36 -15.53 -12.19 -6.30
N GLY A 37 -14.64 -12.32 -7.26
CA GLY A 37 -14.08 -11.16 -7.92
C GLY A 37 -13.26 -10.29 -6.98
N PHE A 38 -12.11 -9.82 -7.46
CA PHE A 38 -11.23 -8.97 -6.66
C PHE A 38 -11.96 -7.70 -6.23
N ASN A 39 -11.21 -6.73 -5.72
CA ASN A 39 -11.81 -5.47 -5.27
C ASN A 39 -10.85 -4.30 -5.48
N CYS A 40 -9.62 -4.46 -5.02
CA CYS A 40 -8.61 -3.40 -5.16
C CYS A 40 -8.71 -2.42 -3.99
N GLU A 41 -7.96 -1.33 -4.06
CA GLU A 41 -7.97 -0.33 -3.01
C GLU A 41 -7.52 1.04 -3.52
N SER A 42 -6.22 1.28 -3.45
CA SER A 42 -5.66 2.55 -3.90
C SER A 42 -4.18 2.65 -3.52
N LYS A 43 -3.40 3.31 -4.37
CA LYS A 43 -1.97 3.48 -4.10
C LYS A 43 -1.72 3.77 -2.62
N PRO A 44 -1.01 2.86 -1.93
CA PRO A 44 -0.70 3.02 -0.51
C PRO A 44 0.12 4.27 -0.23
N GLU A 45 0.49 4.47 1.03
CA GLU A 45 1.27 5.62 1.44
C GLU A 45 2.68 5.21 1.83
N ALA A 46 2.80 4.42 2.88
CA ALA A 46 4.09 3.96 3.36
C ALA A 46 3.95 2.69 4.22
N GLU A 47 5.07 2.05 4.51
CA GLU A 47 5.08 0.84 5.31
C GLU A 47 5.82 1.07 6.62
N GLU A 48 5.13 0.82 7.74
CA GLU A 48 5.72 1.00 9.05
C GLU A 48 4.90 0.30 10.12
N THR A 49 5.58 -0.35 11.07
CA THR A 49 4.91 -1.06 12.15
C THR A 49 4.00 -0.14 12.94
N CYS A 50 3.38 -0.68 13.99
CA CYS A 50 2.48 0.09 14.83
C CYS A 50 3.04 0.25 16.24
N PHE A 51 2.60 1.29 16.93
CA PHE A 51 3.06 1.55 18.30
C PHE A 51 1.94 1.35 19.30
N ASP A 52 1.79 0.11 19.77
CA ASP A 52 0.75 -0.22 20.74
C ASP A 52 0.92 0.61 22.01
N LYS A 53 0.35 1.82 22.01
CA LYS A 53 0.43 2.70 23.16
C LYS A 53 0.25 1.92 24.46
N TYR A 54 -0.49 0.82 24.39
CA TYR A 54 -0.75 -0.02 25.55
C TYR A 54 0.50 -0.14 26.41
N THR A 55 1.48 -0.90 25.92
CA THR A 55 2.73 -1.10 26.65
C THR A 55 3.91 -0.57 25.87
N GLY A 56 3.63 0.33 24.92
CA GLY A 56 4.69 0.91 24.11
C GLY A 56 5.50 -0.15 23.39
N ASN A 57 4.83 -1.02 22.64
CA ASN A 57 5.50 -2.08 21.91
C ASN A 57 5.48 -1.79 20.41
N THR A 58 5.74 -2.83 19.62
CA THR A 58 5.75 -2.69 18.17
C THR A 58 5.25 -3.96 17.49
N TYR A 59 4.35 -3.79 16.53
CA TYR A 59 3.78 -4.92 15.80
C TYR A 59 4.02 -4.77 14.30
N ARG A 60 4.56 -5.82 13.69
CA ARG A 60 4.84 -5.81 12.26
C ARG A 60 3.65 -5.25 11.48
N VAL A 61 3.93 -4.41 10.49
CA VAL A 61 2.89 -3.81 9.67
C VAL A 61 2.44 -4.76 8.57
N GLY A 62 3.25 -5.78 8.30
CA GLY A 62 2.92 -6.74 7.26
C GLY A 62 2.39 -8.04 7.83
N ASP A 63 2.12 -8.04 9.13
CA ASP A 63 1.60 -9.23 9.80
C ASP A 63 0.51 -8.87 10.79
N THR A 64 -0.33 -9.84 11.13
CA THR A 64 -1.41 -9.63 12.08
C THR A 64 -1.11 -10.28 13.43
N TYR A 65 -2.09 -10.25 14.33
CA TYR A 65 -1.92 -10.84 15.65
C TYR A 65 -3.27 -11.03 16.34
N GLU A 66 -3.23 -11.51 17.57
CA GLU A 66 -4.46 -11.74 18.35
C GLU A 66 -4.30 -11.22 19.78
N ARG A 67 -5.01 -10.15 20.09
CA ARG A 67 -4.95 -9.56 21.42
C ARG A 67 -6.21 -9.90 22.23
N PRO A 68 -6.13 -10.95 23.06
CA PRO A 68 -7.27 -11.39 23.89
C PRO A 68 -7.57 -10.40 25.01
N LYS A 69 -8.35 -9.37 24.68
CA LYS A 69 -8.73 -8.36 25.66
C LYS A 69 -10.09 -8.67 26.28
N ASP A 70 -10.20 -8.45 27.58
CA ASP A 70 -11.45 -8.72 28.29
C ASP A 70 -12.03 -10.08 27.90
N SER A 71 -13.33 -10.24 28.10
CA SER A 71 -14.01 -11.49 27.77
C SER A 71 -14.40 -11.52 26.29
N MET A 72 -13.39 -11.49 25.42
CA MET A 72 -13.62 -11.51 23.99
C MET A 72 -12.32 -11.33 23.22
N ILE A 73 -12.24 -11.92 22.03
CA ILE A 73 -11.05 -11.81 21.20
C ILE A 73 -11.32 -10.96 19.96
N TRP A 74 -10.26 -10.42 19.39
CA TRP A 74 -10.38 -9.59 18.19
C TRP A 74 -9.18 -9.77 17.28
N ASP A 75 -9.44 -9.93 15.98
CA ASP A 75 -8.38 -10.11 15.00
C ASP A 75 -7.63 -8.80 14.77
N CYS A 76 -6.99 -8.30 15.81
CA CYS A 76 -6.23 -7.06 15.72
C CYS A 76 -5.19 -7.13 14.61
N THR A 77 -4.94 -5.99 13.96
CA THR A 77 -3.97 -5.93 12.88
C THR A 77 -3.23 -4.60 12.89
N CYS A 78 -1.94 -4.63 12.61
CA CYS A 78 -1.12 -3.43 12.59
C CYS A 78 -1.54 -2.49 11.46
N ILE A 79 -2.80 -2.06 11.51
CA ILE A 79 -3.33 -1.16 10.49
C ILE A 79 -2.68 0.22 10.59
N GLY A 80 -1.48 0.34 10.04
CA GLY A 80 -0.78 1.62 10.08
C GLY A 80 -0.60 2.22 8.71
N ALA A 81 0.63 2.18 8.20
CA ALA A 81 0.94 2.72 6.88
C ALA A 81 0.50 4.19 6.78
N GLY A 82 1.31 5.08 7.32
CA GLY A 82 0.99 6.50 7.28
C GLY A 82 0.04 6.91 8.38
N ARG A 83 -1.11 6.23 8.45
CA ARG A 83 -2.10 6.53 9.46
C ARG A 83 -3.32 5.61 9.33
N GLY A 84 -3.08 4.31 9.51
CA GLY A 84 -4.16 3.35 9.41
C GLY A 84 -4.86 3.12 10.73
N ARG A 85 -4.14 3.31 11.83
CA ARG A 85 -4.71 3.13 13.16
C ARG A 85 -5.06 1.66 13.42
N ILE A 86 -4.23 0.99 14.20
CA ILE A 86 -4.44 -0.41 14.53
C ILE A 86 -5.93 -0.72 14.67
N SER A 87 -6.39 -1.75 13.97
CA SER A 87 -7.80 -2.14 14.02
C SER A 87 -7.96 -3.48 14.73
N CYS A 88 -9.20 -3.77 15.14
CA CYS A 88 -9.49 -5.02 15.85
C CYS A 88 -10.95 -5.42 15.65
N THR A 89 -11.17 -6.59 15.07
CA THR A 89 -12.52 -7.08 14.84
C THR A 89 -12.65 -8.54 15.27
N ILE A 90 -13.62 -8.81 16.14
CA ILE A 90 -13.86 -10.16 16.62
C ILE A 90 -14.17 -11.12 15.47
N ALA A 91 -13.12 -11.69 14.89
CA ALA A 91 -13.28 -12.62 13.79
C ALA A 91 -12.98 -14.05 14.21
N ASN A 92 -13.74 -15.00 13.68
CA ASN A 92 -13.56 -16.40 14.02
C ASN A 92 -12.39 -17.00 13.22
N ARG A 93 -11.54 -17.75 13.90
CA ARG A 93 -10.39 -18.37 13.26
C ARG A 93 -10.45 -19.89 13.39
N SER A 1 -15.03 -22.74 -8.54
CA SER A 1 -15.33 -22.49 -9.97
C SER A 1 -14.32 -21.52 -10.58
N LYS A 2 -13.46 -22.02 -11.44
CA LYS A 2 -12.44 -21.19 -12.09
C LYS A 2 -11.53 -20.55 -11.06
N PRO A 3 -10.50 -21.29 -10.60
CA PRO A 3 -9.54 -20.80 -9.61
C PRO A 3 -8.49 -19.87 -10.23
N GLY A 4 -8.84 -18.60 -10.35
CA GLY A 4 -7.91 -17.63 -10.93
C GLY A 4 -8.52 -16.25 -11.06
N CYS A 5 -7.91 -15.42 -11.90
CA CYS A 5 -8.39 -14.06 -12.13
C CYS A 5 -7.87 -13.51 -13.44
N TYR A 6 -8.27 -12.28 -13.77
CA TYR A 6 -7.84 -11.64 -15.01
C TYR A 6 -8.05 -10.14 -14.94
N ASP A 7 -6.99 -9.38 -15.22
CA ASP A 7 -7.06 -7.93 -15.19
C ASP A 7 -5.86 -7.31 -15.91
N ASN A 8 -6.02 -6.06 -16.33
CA ASN A 8 -4.95 -5.35 -17.03
C ASN A 8 -4.34 -6.22 -18.12
N GLY A 9 -5.17 -7.09 -18.70
CA GLY A 9 -4.69 -7.97 -19.76
C GLY A 9 -3.68 -8.99 -19.26
N LYS A 10 -3.69 -9.23 -17.95
CA LYS A 10 -2.76 -10.18 -17.35
C LYS A 10 -3.51 -11.24 -16.56
N HIS A 11 -2.92 -12.43 -16.44
CA HIS A 11 -3.54 -13.53 -15.72
C HIS A 11 -2.69 -13.94 -14.52
N TYR A 12 -3.04 -13.41 -13.34
CA TYR A 12 -2.32 -13.72 -12.12
C TYR A 12 -2.90 -14.97 -11.45
N GLN A 13 -2.58 -15.15 -10.17
CA GLN A 13 -3.07 -16.28 -9.41
C GLN A 13 -3.79 -15.83 -8.14
N ILE A 14 -4.68 -16.67 -7.63
CA ILE A 14 -5.42 -16.34 -6.42
C ILE A 14 -4.50 -15.91 -5.30
N ASN A 15 -5.01 -15.04 -4.42
CA ASN A 15 -4.22 -14.55 -3.30
C ASN A 15 -3.05 -13.70 -3.80
N GLN A 16 -3.09 -13.33 -5.08
CA GLN A 16 -2.03 -12.53 -5.66
C GLN A 16 -2.42 -11.06 -5.71
N GLN A 17 -1.44 -10.18 -5.53
CA GLN A 17 -1.68 -8.75 -5.55
C GLN A 17 -0.92 -8.07 -6.68
N TRP A 18 -1.54 -7.07 -7.28
CA TRP A 18 -0.91 -6.34 -8.38
C TRP A 18 -1.26 -4.86 -8.32
N GLU A 19 -0.89 -4.12 -9.36
CA GLU A 19 -1.17 -2.69 -9.41
C GLU A 19 -2.11 -2.35 -10.57
N ARG A 20 -3.13 -1.55 -10.27
CA ARG A 20 -4.11 -1.15 -11.28
C ARG A 20 -4.41 0.35 -11.16
N THR A 21 -5.14 0.88 -12.13
CA THR A 21 -5.49 2.29 -12.11
C THR A 21 -6.97 2.49 -12.46
N TYR A 22 -7.60 3.45 -11.80
CA TYR A 22 -9.00 3.75 -12.02
C TYR A 22 -9.31 5.20 -11.65
N LEU A 23 -9.80 5.96 -12.64
CA LEU A 23 -10.13 7.36 -12.41
C LEU A 23 -8.87 8.23 -12.48
N GLY A 24 -7.85 7.71 -13.15
CA GLY A 24 -6.60 8.44 -13.27
C GLY A 24 -5.86 8.57 -11.95
N ASN A 25 -5.92 7.52 -11.15
CA ASN A 25 -5.26 7.51 -9.85
C ASN A 25 -4.78 6.11 -9.49
N ALA A 26 -3.53 6.01 -9.04
CA ALA A 26 -2.97 4.72 -8.65
C ALA A 26 -4.03 3.83 -8.00
N LEU A 27 -3.83 2.53 -8.09
CA LEU A 27 -4.78 1.57 -7.53
C LEU A 27 -4.14 0.20 -7.35
N VAL A 28 -4.55 -0.50 -6.31
CA VAL A 28 -4.02 -1.84 -6.03
C VAL A 28 -5.15 -2.85 -5.99
N CYS A 29 -4.92 -4.01 -6.61
CA CYS A 29 -5.92 -5.06 -6.66
C CYS A 29 -5.46 -6.31 -5.93
N THR A 30 -6.40 -7.18 -5.57
CA THR A 30 -6.10 -8.42 -4.87
C THR A 30 -7.01 -9.55 -5.33
N CYS A 31 -6.42 -10.67 -5.72
CA CYS A 31 -7.19 -11.82 -6.18
C CYS A 31 -7.58 -12.72 -5.01
N TYR A 32 -8.82 -13.21 -5.04
CA TYR A 32 -9.33 -14.07 -3.99
C TYR A 32 -9.79 -15.41 -4.56
N GLY A 33 -10.31 -15.38 -5.79
CA GLY A 33 -10.77 -16.60 -6.43
C GLY A 33 -11.96 -17.21 -5.70
N GLY A 34 -12.26 -18.46 -6.04
CA GLY A 34 -13.38 -19.14 -5.40
C GLY A 34 -14.69 -18.39 -5.57
N SER A 35 -14.82 -17.67 -6.68
CA SER A 35 -16.03 -16.91 -6.95
C SER A 35 -15.98 -15.55 -6.26
N ARG A 36 -14.99 -15.36 -5.39
CA ARG A 36 -14.83 -14.10 -4.68
C ARG A 36 -14.44 -12.97 -5.62
N GLY A 37 -13.46 -13.24 -6.48
CA GLY A 37 -13.01 -12.25 -7.42
C GLY A 37 -11.85 -11.42 -6.90
N PHE A 38 -11.85 -10.13 -7.20
CA PHE A 38 -10.79 -9.24 -6.75
C PHE A 38 -11.35 -7.87 -6.38
N ASN A 39 -10.61 -7.14 -5.54
CA ASN A 39 -11.03 -5.81 -5.10
C ASN A 39 -9.89 -4.82 -5.24
N CYS A 40 -10.14 -3.73 -5.96
CA CYS A 40 -9.12 -2.71 -6.17
C CYS A 40 -9.36 -1.51 -5.24
N GLU A 41 -8.33 -0.69 -5.08
CA GLU A 41 -8.43 0.49 -4.22
C GLU A 41 -7.17 1.33 -4.31
N SER A 42 -7.12 2.41 -3.53
CA SER A 42 -5.97 3.30 -3.52
C SER A 42 -4.73 2.59 -2.97
N LYS A 43 -3.61 3.31 -2.95
CA LYS A 43 -2.37 2.74 -2.44
C LYS A 43 -2.35 2.73 -0.91
N PRO A 44 -1.52 1.86 -0.33
CA PRO A 44 -1.41 1.74 1.13
C PRO A 44 -1.22 3.09 1.81
N GLU A 45 -0.08 3.71 1.54
CA GLU A 45 0.24 5.01 2.13
C GLU A 45 1.73 5.31 2.01
N ALA A 46 2.54 4.29 2.27
CA ALA A 46 4.00 4.44 2.20
C ALA A 46 4.51 4.15 0.79
N GLU A 47 5.18 5.13 0.21
CA GLU A 47 5.73 5.00 -1.12
C GLU A 47 6.68 3.81 -1.22
N GLU A 48 7.10 3.31 -0.06
CA GLU A 48 8.02 2.18 -0.01
C GLU A 48 7.36 0.92 -0.58
N THR A 49 7.97 0.36 -1.62
CA THR A 49 7.45 -0.84 -2.27
C THR A 49 8.27 -1.21 -3.49
N CYS A 50 7.78 -2.20 -4.25
CA CYS A 50 8.48 -2.64 -5.45
C CYS A 50 7.68 -3.75 -6.15
N PHE A 51 8.09 -4.08 -7.37
CA PHE A 51 7.43 -5.12 -8.14
C PHE A 51 8.39 -6.26 -8.47
N ASP A 52 9.52 -5.91 -9.05
CA ASP A 52 10.53 -6.90 -9.42
C ASP A 52 10.07 -7.72 -10.61
N LYS A 53 10.29 -7.19 -11.81
CA LYS A 53 9.89 -7.89 -13.04
C LYS A 53 10.55 -9.27 -13.12
N TYR A 54 10.42 -9.91 -14.27
CA TYR A 54 11.00 -11.23 -14.49
C TYR A 54 10.06 -12.32 -13.98
N THR A 55 8.95 -11.91 -13.36
CA THR A 55 7.98 -12.86 -12.83
C THR A 55 7.01 -12.18 -11.87
N GLY A 56 7.46 -11.08 -11.26
CA GLY A 56 6.62 -10.36 -10.33
C GLY A 56 6.90 -10.73 -8.89
N ASN A 57 8.00 -10.21 -8.34
CA ASN A 57 8.38 -10.50 -6.97
C ASN A 57 8.51 -9.20 -6.17
N THR A 58 7.37 -8.67 -5.73
CA THR A 58 7.37 -7.44 -4.94
C THR A 58 8.35 -7.52 -3.78
N TYR A 59 9.42 -6.76 -3.87
CA TYR A 59 10.44 -6.74 -2.82
C TYR A 59 10.40 -5.43 -2.05
N ARG A 60 11.04 -5.42 -0.88
CA ARG A 60 11.07 -4.22 -0.03
C ARG A 60 12.09 -3.22 -0.56
N VAL A 61 11.62 -2.05 -0.95
CA VAL A 61 12.50 -1.01 -1.47
C VAL A 61 13.70 -0.80 -0.56
N GLY A 62 13.56 -1.19 0.70
CA GLY A 62 14.65 -1.04 1.65
C GLY A 62 15.49 -2.29 1.77
N ASP A 63 15.28 -3.24 0.87
CA ASP A 63 16.03 -4.49 0.88
C ASP A 63 16.29 -4.98 -0.54
N THR A 64 17.40 -5.70 -0.70
CA THR A 64 17.78 -6.24 -2.01
C THR A 64 17.31 -7.69 -2.17
N TYR A 65 18.00 -8.42 -3.05
CA TYR A 65 17.66 -9.82 -3.30
C TYR A 65 18.70 -10.49 -4.18
N GLU A 66 19.26 -9.73 -5.13
CA GLU A 66 20.27 -10.25 -6.03
C GLU A 66 19.62 -10.89 -7.26
N ARG A 67 20.38 -10.98 -8.35
CA ARG A 67 19.89 -11.57 -9.59
C ARG A 67 20.95 -11.51 -10.67
N PRO A 68 21.38 -12.68 -11.18
CA PRO A 68 22.39 -12.75 -12.24
C PRO A 68 21.87 -12.27 -13.58
N LYS A 69 22.79 -12.07 -14.53
CA LYS A 69 22.42 -11.61 -15.87
C LYS A 69 23.63 -11.66 -16.80
N ASP A 70 23.36 -11.87 -18.08
CA ASP A 70 24.43 -11.94 -19.08
C ASP A 70 25.43 -13.02 -18.72
N SER A 71 26.40 -12.66 -17.87
CA SER A 71 27.43 -13.61 -17.44
C SER A 71 28.09 -13.13 -16.14
N MET A 72 27.38 -12.31 -15.39
CA MET A 72 27.89 -11.79 -14.13
C MET A 72 26.75 -11.54 -13.14
N ILE A 73 27.04 -11.75 -11.86
CA ILE A 73 26.04 -11.56 -10.81
C ILE A 73 26.09 -10.13 -10.27
N TRP A 74 24.92 -9.52 -10.12
CA TRP A 74 24.83 -8.16 -9.62
C TRP A 74 23.90 -8.07 -8.41
N ASP A 75 24.25 -7.21 -7.46
CA ASP A 75 23.44 -7.04 -6.26
C ASP A 75 22.24 -6.14 -6.55
N CYS A 76 21.31 -6.64 -7.36
CA CYS A 76 20.11 -5.90 -7.71
C CYS A 76 19.36 -5.45 -6.46
N THR A 77 19.12 -4.14 -6.36
CA THR A 77 18.40 -3.59 -5.22
C THR A 77 17.10 -2.92 -5.66
N CYS A 78 15.98 -3.49 -5.24
CA CYS A 78 14.67 -2.96 -5.60
C CYS A 78 14.55 -1.49 -5.22
N ILE A 79 14.98 -0.62 -6.12
CA ILE A 79 14.93 0.82 -5.88
C ILE A 79 13.99 1.52 -6.87
N GLY A 80 12.75 1.72 -6.46
CA GLY A 80 11.78 2.38 -7.32
C GLY A 80 10.80 3.24 -6.56
N ALA A 81 9.65 2.67 -6.23
CA ALA A 81 8.63 3.39 -5.49
C ALA A 81 8.11 4.59 -6.29
N GLY A 82 7.92 4.38 -7.59
CA GLY A 82 7.44 5.45 -8.45
C GLY A 82 8.15 5.47 -9.79
N ARG A 83 9.39 5.00 -9.81
CA ARG A 83 10.17 4.97 -11.04
C ARG A 83 10.59 3.55 -11.39
N GLY A 84 10.81 2.73 -10.36
CA GLY A 84 11.21 1.36 -10.58
C GLY A 84 12.53 1.25 -11.32
N ARG A 85 13.54 1.97 -10.84
CA ARG A 85 14.86 1.95 -11.46
C ARG A 85 15.81 1.02 -10.72
N ILE A 86 15.39 -0.23 -10.56
CA ILE A 86 16.20 -1.23 -9.86
C ILE A 86 17.68 -1.04 -10.18
N SER A 87 18.49 -0.94 -9.13
CA SER A 87 19.93 -0.76 -9.29
C SER A 87 20.66 -2.08 -9.11
N CYS A 88 21.54 -2.39 -10.05
CA CYS A 88 22.31 -3.63 -10.00
C CYS A 88 23.78 -3.38 -10.32
N THR A 89 24.66 -3.66 -9.36
CA THR A 89 26.08 -3.46 -9.54
C THR A 89 26.87 -4.69 -9.11
N ILE A 90 28.12 -4.79 -9.57
CA ILE A 90 28.96 -5.93 -9.23
C ILE A 90 29.63 -5.72 -7.87
N ALA A 91 29.38 -6.64 -6.95
CA ALA A 91 29.95 -6.57 -5.61
C ALA A 91 31.46 -6.32 -5.68
N ASN A 92 31.96 -5.48 -4.77
CA ASN A 92 33.38 -5.17 -4.73
C ASN A 92 34.13 -6.16 -3.85
N ARG A 93 33.48 -6.61 -2.79
CA ARG A 93 34.09 -7.56 -1.87
C ARG A 93 33.07 -8.59 -1.39
N SER A 1 -11.43 -21.45 -19.12
CA SER A 1 -10.60 -20.43 -18.42
C SER A 1 -9.86 -21.03 -17.24
N LYS A 2 -8.86 -20.31 -16.74
CA LYS A 2 -8.08 -20.77 -15.60
C LYS A 2 -8.30 -19.90 -14.38
N PRO A 3 -8.11 -20.47 -13.18
CA PRO A 3 -8.29 -19.75 -11.91
C PRO A 3 -7.58 -18.40 -11.92
N GLY A 4 -7.62 -17.70 -10.79
CA GLY A 4 -6.98 -16.40 -10.68
C GLY A 4 -7.94 -15.26 -10.91
N CYS A 5 -7.41 -14.11 -11.30
CA CYS A 5 -8.22 -12.93 -11.55
C CYS A 5 -7.62 -12.07 -12.66
N TYR A 6 -8.13 -12.25 -13.88
CA TYR A 6 -7.64 -11.50 -15.02
C TYR A 6 -7.94 -10.01 -14.86
N ASP A 7 -7.09 -9.17 -15.44
CA ASP A 7 -7.26 -7.73 -15.36
C ASP A 7 -7.08 -7.07 -16.72
N ASN A 8 -6.80 -5.77 -16.72
CA ASN A 8 -6.59 -5.01 -17.95
C ASN A 8 -5.92 -5.87 -19.01
N GLY A 9 -4.90 -6.63 -18.60
CA GLY A 9 -4.19 -7.48 -19.54
C GLY A 9 -3.20 -8.39 -18.86
N LYS A 10 -3.51 -8.80 -17.63
CA LYS A 10 -2.62 -9.68 -16.87
C LYS A 10 -3.43 -10.73 -16.11
N HIS A 11 -2.97 -11.98 -16.18
CA HIS A 11 -3.65 -13.07 -15.51
C HIS A 11 -2.79 -13.65 -14.39
N TYR A 12 -2.88 -13.05 -13.20
CA TYR A 12 -2.11 -13.51 -12.06
C TYR A 12 -2.74 -14.74 -11.42
N GLN A 13 -2.25 -15.09 -10.24
CA GLN A 13 -2.77 -16.26 -9.51
C GLN A 13 -3.62 -15.82 -8.34
N ILE A 14 -4.39 -16.75 -7.78
CA ILE A 14 -5.25 -16.48 -6.65
C ILE A 14 -4.47 -15.94 -5.46
N ASN A 15 -5.11 -15.11 -4.64
CA ASN A 15 -4.47 -14.53 -3.47
C ASN A 15 -3.26 -13.69 -3.85
N GLN A 16 -3.14 -13.39 -5.15
CA GLN A 16 -2.03 -12.57 -5.64
C GLN A 16 -2.40 -11.10 -5.64
N GLN A 17 -1.39 -10.25 -5.46
CA GLN A 17 -1.61 -8.80 -5.44
C GLN A 17 -0.94 -8.13 -6.63
N TRP A 18 -1.56 -7.08 -7.14
CA TRP A 18 -1.02 -6.33 -8.27
C TRP A 18 -1.49 -4.88 -8.23
N GLU A 19 -0.98 -4.08 -9.17
CA GLU A 19 -1.34 -2.67 -9.22
C GLU A 19 -2.20 -2.36 -10.45
N ARG A 20 -3.40 -1.87 -10.21
CA ARG A 20 -4.31 -1.51 -11.30
C ARG A 20 -4.50 0.00 -11.37
N THR A 21 -5.31 0.45 -12.31
CA THR A 21 -5.55 1.88 -12.48
C THR A 21 -7.04 2.16 -12.69
N TYR A 22 -7.44 3.40 -12.44
CA TYR A 22 -8.83 3.82 -12.61
C TYR A 22 -8.99 5.30 -12.28
N LEU A 23 -9.75 6.00 -13.11
CA LEU A 23 -9.98 7.43 -12.92
C LEU A 23 -8.65 8.19 -12.94
N GLY A 24 -7.68 7.63 -13.66
CA GLY A 24 -6.37 8.26 -13.76
C GLY A 24 -5.62 8.27 -12.45
N ASN A 25 -5.54 7.10 -11.81
CA ASN A 25 -4.84 6.98 -10.54
C ASN A 25 -4.31 5.56 -10.35
N ALA A 26 -3.44 5.39 -9.36
CA ALA A 26 -2.87 4.08 -9.07
C ALA A 26 -3.77 3.29 -8.13
N LEU A 27 -4.03 2.04 -8.48
CA LEU A 27 -4.88 1.18 -7.66
C LEU A 27 -4.20 -0.15 -7.36
N VAL A 28 -4.63 -0.77 -6.26
CA VAL A 28 -4.06 -2.06 -5.85
C VAL A 28 -5.16 -3.11 -5.79
N CYS A 29 -4.98 -4.18 -6.56
CA CYS A 29 -5.96 -5.27 -6.59
C CYS A 29 -5.44 -6.51 -5.87
N THR A 30 -6.36 -7.41 -5.56
CA THR A 30 -6.00 -8.65 -4.86
C THR A 30 -6.95 -9.78 -5.26
N CYS A 31 -6.39 -10.82 -5.87
CA CYS A 31 -7.19 -11.96 -6.31
C CYS A 31 -7.60 -12.83 -5.12
N TYR A 32 -8.87 -13.22 -5.10
CA TYR A 32 -9.40 -14.04 -4.02
C TYR A 32 -9.64 -15.47 -4.50
N GLY A 33 -9.96 -15.61 -5.78
CA GLY A 33 -10.21 -16.93 -6.35
C GLY A 33 -11.69 -17.22 -6.49
N GLY A 34 -12.02 -18.28 -7.21
CA GLY A 34 -13.41 -18.65 -7.40
C GLY A 34 -14.26 -17.48 -7.84
N SER A 35 -15.30 -17.19 -7.07
CA SER A 35 -16.21 -16.08 -7.38
C SER A 35 -15.96 -14.90 -6.44
N ARG A 36 -15.07 -15.10 -5.47
CA ARG A 36 -14.76 -14.05 -4.51
C ARG A 36 -14.48 -12.72 -5.22
N GLY A 37 -14.00 -12.81 -6.46
CA GLY A 37 -13.71 -11.62 -7.22
C GLY A 37 -12.66 -10.74 -6.56
N PHE A 38 -11.86 -10.07 -7.37
CA PHE A 38 -10.81 -9.20 -6.86
C PHE A 38 -11.40 -7.89 -6.33
N ASN A 39 -10.55 -7.03 -5.79
CA ASN A 39 -10.99 -5.75 -5.26
C ASN A 39 -9.85 -4.74 -5.28
N CYS A 40 -10.05 -3.65 -6.02
CA CYS A 40 -9.04 -2.60 -6.12
C CYS A 40 -9.42 -1.40 -5.26
N GLU A 41 -8.41 -0.67 -4.78
CA GLU A 41 -8.63 0.50 -3.94
C GLU A 41 -7.73 1.66 -4.37
N SER A 42 -6.51 1.67 -3.84
CA SER A 42 -5.56 2.72 -4.16
C SER A 42 -4.17 2.37 -3.61
N LYS A 43 -3.29 3.37 -3.60
CA LYS A 43 -1.93 3.17 -3.11
C LYS A 43 -1.41 4.43 -2.41
N PRO A 44 -1.56 4.52 -1.09
CA PRO A 44 -1.11 5.66 -0.30
C PRO A 44 0.33 6.04 -0.62
N GLU A 45 0.50 7.06 -1.45
CA GLU A 45 1.83 7.52 -1.83
C GLU A 45 2.78 7.51 -0.63
N ALA A 46 2.22 7.71 0.56
CA ALA A 46 3.02 7.73 1.78
C ALA A 46 2.56 6.65 2.75
N GLU A 47 3.48 5.77 3.13
CA GLU A 47 3.17 4.69 4.05
C GLU A 47 4.05 4.79 5.31
N GLU A 48 3.41 4.71 6.47
CA GLU A 48 4.13 4.80 7.74
C GLU A 48 4.98 6.07 7.80
N THR A 49 4.32 7.22 7.66
CA THR A 49 5.02 8.50 7.69
C THR A 49 4.04 9.64 7.98
N CYS A 50 4.55 10.86 7.97
CA CYS A 50 3.71 12.04 8.23
C CYS A 50 4.50 13.31 7.96
N PHE A 51 3.82 14.45 8.07
CA PHE A 51 4.44 15.75 7.84
C PHE A 51 3.57 16.88 8.39
N ASP A 52 4.03 17.51 9.45
CA ASP A 52 3.29 18.61 10.06
C ASP A 52 3.99 19.94 9.80
N LYS A 53 4.51 20.10 8.60
CA LYS A 53 5.20 21.33 8.22
C LYS A 53 5.94 21.94 9.40
N TYR A 54 6.14 23.25 9.35
CA TYR A 54 6.84 23.96 10.42
C TYR A 54 8.34 23.70 10.36
N THR A 55 8.73 22.43 10.35
CA THR A 55 10.13 22.06 10.30
C THR A 55 10.35 20.88 9.35
N GLY A 56 9.75 19.74 9.69
CA GLY A 56 9.89 18.56 8.86
C GLY A 56 10.22 17.32 9.66
N ASN A 57 9.52 17.13 10.77
CA ASN A 57 9.75 15.97 11.64
C ASN A 57 8.89 14.79 11.20
N THR A 58 9.27 14.16 10.09
CA THR A 58 8.52 13.01 9.58
C THR A 58 8.20 12.03 10.70
N TYR A 59 6.92 11.98 11.08
CA TYR A 59 6.47 11.09 12.13
C TYR A 59 6.16 9.70 11.58
N ARG A 60 5.33 8.96 12.31
CA ARG A 60 4.95 7.61 11.88
C ARG A 60 3.50 7.33 12.25
N VAL A 61 2.77 6.74 11.31
CA VAL A 61 1.36 6.41 11.53
C VAL A 61 1.14 5.81 12.91
N GLY A 62 2.18 5.14 13.42
CA GLY A 62 2.09 4.53 14.73
C GLY A 62 2.93 5.24 15.77
N ASP A 63 3.08 6.56 15.60
CA ASP A 63 3.87 7.36 16.53
C ASP A 63 3.07 8.57 17.02
N THR A 64 2.62 8.51 18.25
CA THR A 64 1.84 9.60 18.84
C THR A 64 2.76 10.66 19.43
N TYR A 65 2.65 11.88 18.91
CA TYR A 65 3.47 12.99 19.38
C TYR A 65 2.59 14.12 19.90
N GLU A 66 3.21 15.13 20.48
CA GLU A 66 2.49 16.28 21.02
C GLU A 66 3.23 17.58 20.72
N ARG A 67 2.49 18.69 20.69
CA ARG A 67 3.07 19.99 20.42
C ARG A 67 2.52 21.04 21.38
N PRO A 68 3.40 21.66 22.17
CA PRO A 68 3.00 22.70 23.13
C PRO A 68 2.58 23.99 22.45
N LYS A 69 1.28 24.15 22.23
CA LYS A 69 0.74 25.34 21.59
C LYS A 69 -0.63 25.69 22.14
N ASP A 70 -1.07 26.91 21.88
CA ASP A 70 -2.38 27.37 22.36
C ASP A 70 -2.49 27.23 23.87
N SER A 71 -1.49 27.71 24.59
CA SER A 71 -1.46 27.63 26.04
C SER A 71 -1.92 26.26 26.51
N MET A 72 -1.63 25.24 25.71
CA MET A 72 -2.00 23.87 26.05
C MET A 72 -1.15 22.87 25.29
N ILE A 73 -1.34 21.59 25.58
CA ILE A 73 -0.60 20.53 24.92
C ILE A 73 -1.54 19.48 24.31
N TRP A 74 -1.26 19.10 23.08
CA TRP A 74 -2.09 18.10 22.39
C TRP A 74 -1.22 17.01 21.78
N ASP A 75 -1.50 15.76 22.13
CA ASP A 75 -0.74 14.63 21.61
C ASP A 75 -1.18 14.27 20.20
N CYS A 76 -0.83 15.13 19.24
CA CYS A 76 -1.18 14.91 17.85
C CYS A 76 -0.89 13.46 17.44
N THR A 77 -1.83 12.86 16.71
CA THR A 77 -1.67 11.48 16.26
C THR A 77 -1.59 11.40 14.75
N CYS A 78 -0.50 10.84 14.24
CA CYS A 78 -0.29 10.70 12.81
C CYS A 78 -1.30 9.71 12.21
N ILE A 79 -2.55 10.11 12.17
CA ILE A 79 -3.62 9.26 11.64
C ILE A 79 -3.49 9.12 10.13
N GLY A 80 -2.59 9.89 9.53
CA GLY A 80 -2.40 9.83 8.08
C GLY A 80 -0.94 9.71 7.70
N ALA A 81 -0.65 9.95 6.43
CA ALA A 81 0.71 9.88 5.92
C ALA A 81 0.99 10.99 4.92
N GLY A 82 0.01 11.25 4.06
CA GLY A 82 0.16 12.29 3.06
C GLY A 82 -1.18 12.87 2.64
N ARG A 83 -2.20 12.64 3.45
CA ARG A 83 -3.54 13.16 3.16
C ARG A 83 -4.57 12.56 4.12
N GLY A 84 -4.17 12.38 5.37
CA GLY A 84 -5.07 11.83 6.36
C GLY A 84 -5.73 12.89 7.21
N ARG A 85 -5.17 13.14 8.39
CA ARG A 85 -5.70 14.14 9.30
C ARG A 85 -5.03 14.07 10.66
N ILE A 86 -3.79 14.55 10.74
CA ILE A 86 -3.04 14.54 11.98
C ILE A 86 -3.78 15.29 13.08
N SER A 87 -4.77 14.64 13.68
CA SER A 87 -5.56 15.24 14.75
C SER A 87 -4.67 15.67 15.91
N CYS A 88 -5.24 16.45 16.82
CA CYS A 88 -4.51 16.93 17.99
C CYS A 88 -5.44 17.06 19.19
N THR A 89 -5.33 16.13 20.12
CA THR A 89 -6.16 16.13 21.32
C THR A 89 -5.31 16.27 22.58
N ILE A 90 -5.74 17.14 23.49
CA ILE A 90 -5.01 17.35 24.73
C ILE A 90 -4.92 16.05 25.54
N ALA A 91 -3.78 15.85 26.19
CA ALA A 91 -3.56 14.65 27.00
C ALA A 91 -2.97 15.00 28.35
N ASN A 92 -3.79 14.90 29.40
CA ASN A 92 -3.35 15.21 30.75
C ASN A 92 -3.30 13.95 31.60
N ARG A 93 -2.17 13.75 32.29
CA ARG A 93 -1.99 12.59 33.14
C ARG A 93 -3.28 12.23 33.84
N SER A 1 -11.27 -23.83 -18.57
CA SER A 1 -11.61 -23.57 -17.15
C SER A 1 -10.36 -23.36 -16.32
N LYS A 2 -9.80 -22.16 -16.39
CA LYS A 2 -8.60 -21.83 -15.64
C LYS A 2 -8.87 -20.72 -14.63
N PRO A 3 -8.38 -20.89 -13.39
CA PRO A 3 -8.57 -19.92 -12.31
C PRO A 3 -7.65 -18.71 -12.46
N GLY A 4 -7.89 -17.69 -11.65
CA GLY A 4 -7.07 -16.49 -11.70
C GLY A 4 -7.90 -15.23 -11.86
N CYS A 5 -7.26 -14.08 -11.75
CA CYS A 5 -7.94 -12.79 -11.88
C CYS A 5 -7.49 -12.07 -13.14
N TYR A 6 -8.13 -12.39 -14.26
CA TYR A 6 -7.80 -11.77 -15.54
C TYR A 6 -8.33 -10.34 -15.61
N ASP A 7 -7.42 -9.40 -15.87
CA ASP A 7 -7.80 -7.99 -15.96
C ASP A 7 -6.65 -7.17 -16.56
N ASN A 8 -7.00 -6.12 -17.29
CA ASN A 8 -6.02 -5.25 -17.92
C ASN A 8 -4.93 -6.07 -18.60
N GLY A 9 -5.35 -6.98 -19.48
CA GLY A 9 -4.40 -7.82 -20.19
C GLY A 9 -3.45 -8.54 -19.26
N LYS A 10 -3.83 -8.66 -18.00
CA LYS A 10 -3.01 -9.35 -17.00
C LYS A 10 -3.79 -10.45 -16.31
N HIS A 11 -3.17 -11.62 -16.19
CA HIS A 11 -3.81 -12.76 -15.55
C HIS A 11 -3.03 -13.20 -14.30
N TYR A 12 -3.31 -12.53 -13.18
CA TYR A 12 -2.64 -12.86 -11.93
C TYR A 12 -3.26 -14.09 -11.28
N GLN A 13 -2.58 -14.62 -10.26
CA GLN A 13 -3.08 -15.79 -9.56
C GLN A 13 -3.89 -15.39 -8.33
N ILE A 14 -4.55 -16.36 -7.71
CA ILE A 14 -5.36 -16.11 -6.54
C ILE A 14 -4.52 -15.64 -5.36
N ASN A 15 -5.13 -14.89 -4.46
CA ASN A 15 -4.43 -14.39 -3.28
C ASN A 15 -3.18 -13.61 -3.67
N GLN A 16 -3.11 -13.20 -4.93
CA GLN A 16 -1.96 -12.45 -5.43
C GLN A 16 -2.25 -10.95 -5.41
N GLN A 17 -1.26 -10.17 -5.02
CA GLN A 17 -1.41 -8.73 -4.96
C GLN A 17 -0.63 -8.04 -6.08
N TRP A 18 -1.15 -6.91 -6.55
CA TRP A 18 -0.50 -6.17 -7.63
C TRP A 18 -1.08 -4.76 -7.72
N GLU A 19 -0.76 -4.08 -8.82
CA GLU A 19 -1.24 -2.72 -9.04
C GLU A 19 -2.11 -2.63 -10.30
N ARG A 20 -3.32 -2.12 -10.15
CA ARG A 20 -4.24 -1.98 -11.27
C ARG A 20 -4.65 -0.52 -11.44
N THR A 21 -4.42 0.02 -12.63
CA THR A 21 -4.76 1.40 -12.91
C THR A 21 -6.08 1.48 -13.69
N TYR A 22 -6.93 2.42 -13.29
CA TYR A 22 -8.21 2.61 -13.93
C TYR A 22 -8.67 4.06 -13.81
N LEU A 23 -9.30 4.57 -14.85
CA LEU A 23 -9.78 5.95 -14.86
C LEU A 23 -8.66 6.92 -14.50
N GLY A 24 -7.48 6.66 -15.06
CA GLY A 24 -6.34 7.51 -14.78
C GLY A 24 -5.98 7.56 -13.31
N ASN A 25 -5.84 6.38 -12.70
CA ASN A 25 -5.50 6.29 -11.29
C ASN A 25 -4.81 4.97 -10.97
N ALA A 26 -4.01 4.97 -9.91
CA ALA A 26 -3.29 3.76 -9.51
C ALA A 26 -3.99 3.08 -8.34
N LEU A 27 -4.56 1.91 -8.59
CA LEU A 27 -5.27 1.16 -7.55
C LEU A 27 -4.65 -0.21 -7.34
N VAL A 28 -4.40 -0.54 -6.07
CA VAL A 28 -3.83 -1.85 -5.73
C VAL A 28 -4.90 -2.92 -5.80
N CYS A 29 -4.62 -3.99 -6.52
CA CYS A 29 -5.59 -5.07 -6.68
C CYS A 29 -5.13 -6.33 -5.94
N THR A 30 -6.10 -7.05 -5.39
CA THR A 30 -5.82 -8.29 -4.66
C THR A 30 -6.80 -9.39 -5.06
N CYS A 31 -6.28 -10.39 -5.77
CA CYS A 31 -7.10 -11.50 -6.22
C CYS A 31 -7.59 -12.33 -5.04
N TYR A 32 -8.85 -12.75 -5.10
CA TYR A 32 -9.44 -13.56 -4.03
C TYR A 32 -9.59 -15.00 -4.48
N GLY A 33 -10.22 -15.21 -5.63
CA GLY A 33 -10.42 -16.56 -6.14
C GLY A 33 -11.86 -16.82 -6.51
N GLY A 34 -12.14 -18.03 -6.98
CA GLY A 34 -13.49 -18.39 -7.37
C GLY A 34 -14.20 -17.28 -8.10
N SER A 35 -15.33 -16.84 -7.56
CA SER A 35 -16.11 -15.76 -8.16
C SER A 35 -16.00 -14.48 -7.35
N ARG A 36 -15.20 -14.51 -6.29
CA ARG A 36 -15.02 -13.34 -5.44
C ARG A 36 -14.45 -12.16 -6.24
N GLY A 37 -13.50 -12.45 -7.11
CA GLY A 37 -12.89 -11.41 -7.92
C GLY A 37 -12.26 -10.31 -7.07
N PHE A 38 -11.13 -9.79 -7.55
CA PHE A 38 -10.43 -8.73 -6.83
C PHE A 38 -11.33 -7.52 -6.61
N ASN A 39 -11.08 -6.80 -5.52
CA ASN A 39 -11.87 -5.62 -5.19
C ASN A 39 -11.08 -4.34 -5.49
N CYS A 40 -9.76 -4.42 -5.31
CA CYS A 40 -8.90 -3.28 -5.57
C CYS A 40 -9.28 -2.08 -4.70
N GLU A 41 -8.29 -1.28 -4.33
CA GLU A 41 -8.54 -0.09 -3.51
C GLU A 41 -7.88 1.15 -4.11
N SER A 42 -6.63 1.38 -3.75
CA SER A 42 -5.88 2.53 -4.26
C SER A 42 -4.38 2.30 -4.15
N LYS A 43 -3.62 3.38 -4.25
CA LYS A 43 -2.17 3.30 -4.16
C LYS A 43 -1.59 4.53 -3.46
N PRO A 44 -1.47 4.46 -2.12
CA PRO A 44 -0.93 5.57 -1.32
C PRO A 44 0.48 5.96 -1.76
N GLU A 45 0.58 6.60 -2.92
CA GLU A 45 1.88 7.03 -3.44
C GLU A 45 2.44 8.18 -2.62
N ALA A 46 1.57 8.84 -1.86
CA ALA A 46 1.98 9.97 -1.03
C ALA A 46 2.58 9.49 0.29
N GLU A 47 3.88 9.72 0.45
CA GLU A 47 4.58 9.32 1.66
C GLU A 47 4.03 10.04 2.88
N GLU A 48 3.46 11.22 2.65
CA GLU A 48 2.89 12.01 3.74
C GLU A 48 3.85 12.10 4.92
N THR A 49 5.02 12.69 4.68
CA THR A 49 6.02 12.83 5.73
C THR A 49 7.25 13.58 5.21
N CYS A 50 8.37 13.42 5.91
CA CYS A 50 9.61 14.08 5.53
C CYS A 50 10.77 13.64 6.42
N PHE A 51 11.94 14.21 6.19
CA PHE A 51 13.12 13.88 6.97
C PHE A 51 13.91 15.13 7.34
N ASP A 52 13.83 15.52 8.61
CA ASP A 52 14.53 16.71 9.08
C ASP A 52 16.02 16.41 9.30
N LYS A 53 16.73 16.14 8.21
CA LYS A 53 18.15 15.84 8.28
C LYS A 53 18.86 16.74 9.28
N TYR A 54 18.37 17.96 9.40
CA TYR A 54 18.96 18.94 10.33
C TYR A 54 18.97 18.39 11.75
N THR A 55 17.95 17.60 12.08
CA THR A 55 17.84 17.01 13.41
C THR A 55 17.69 15.50 13.34
N GLY A 56 16.84 15.04 12.42
CA GLY A 56 16.61 13.62 12.26
C GLY A 56 15.22 13.21 12.67
N ASN A 57 14.41 14.18 13.08
CA ASN A 57 13.04 13.91 13.51
C ASN A 57 12.09 13.98 12.33
N THR A 58 11.52 12.84 11.96
CA THR A 58 10.58 12.77 10.85
C THR A 58 9.32 13.56 11.15
N TYR A 59 8.93 14.44 10.24
CA TYR A 59 7.74 15.25 10.41
C TYR A 59 6.70 14.93 9.34
N ARG A 60 5.65 15.72 9.29
CA ARG A 60 4.58 15.52 8.32
C ARG A 60 4.69 16.54 7.18
N VAL A 61 4.65 16.04 5.95
CA VAL A 61 4.74 16.91 4.78
C VAL A 61 3.77 18.08 4.88
N GLY A 62 2.60 17.82 5.44
CA GLY A 62 1.60 18.86 5.59
C GLY A 62 1.89 19.80 6.75
N ASP A 63 3.05 19.60 7.38
CA ASP A 63 3.45 20.43 8.52
C ASP A 63 4.67 21.27 8.17
N THR A 64 4.51 22.59 8.24
CA THR A 64 5.60 23.51 7.95
C THR A 64 6.34 23.92 9.21
N TYR A 65 7.64 24.15 9.09
CA TYR A 65 8.46 24.55 10.22
C TYR A 65 9.58 25.49 9.79
N GLU A 66 9.61 26.68 10.37
CA GLU A 66 10.63 27.67 10.03
C GLU A 66 11.89 27.43 10.86
N ARG A 67 13.04 27.77 10.29
CA ARG A 67 14.32 27.59 10.98
C ARG A 67 15.35 28.60 10.47
N PRO A 68 15.84 29.47 11.37
CA PRO A 68 16.85 30.49 11.02
C PRO A 68 18.08 29.88 10.34
N LYS A 69 17.99 29.71 9.03
CA LYS A 69 19.09 29.14 8.26
C LYS A 69 20.07 30.23 7.83
N ASP A 70 21.29 29.80 7.47
CA ASP A 70 22.32 30.74 7.04
C ASP A 70 22.39 31.95 7.96
N SER A 71 21.65 33.00 7.60
CA SER A 71 21.61 34.23 8.39
C SER A 71 20.23 34.84 8.39
N MET A 72 19.22 34.04 8.08
CA MET A 72 17.84 34.50 8.04
C MET A 72 16.88 33.37 8.35
N ILE A 73 15.60 33.70 8.49
CA ILE A 73 14.58 32.71 8.78
C ILE A 73 13.80 32.32 7.52
N TRP A 74 13.75 31.02 7.24
CA TRP A 74 13.05 30.52 6.06
C TRP A 74 12.03 29.46 6.46
N ASP A 75 10.80 29.61 5.97
CA ASP A 75 9.74 28.65 6.28
C ASP A 75 10.05 27.29 5.65
N CYS A 76 11.13 26.68 6.12
CA CYS A 76 11.53 25.37 5.61
C CYS A 76 10.37 24.38 5.65
N THR A 77 9.66 24.28 4.53
CA THR A 77 8.51 23.37 4.44
C THR A 77 8.97 21.95 4.12
N CYS A 78 8.48 20.98 4.88
CA CYS A 78 8.85 19.59 4.68
C CYS A 78 8.11 19.00 3.48
N ILE A 79 8.28 19.63 2.33
CA ILE A 79 7.63 19.17 1.10
C ILE A 79 8.29 17.91 0.58
N GLY A 80 8.06 16.79 1.27
CA GLY A 80 8.63 15.53 0.85
C GLY A 80 7.59 14.43 0.72
N ALA A 81 6.94 14.38 -0.43
CA ALA A 81 5.92 13.36 -0.69
C ALA A 81 6.27 12.53 -1.92
N GLY A 82 7.15 11.55 -1.74
CA GLY A 82 7.55 10.70 -2.84
C GLY A 82 9.01 10.88 -3.21
N ARG A 83 9.73 11.67 -2.40
CA ARG A 83 11.14 11.93 -2.64
C ARG A 83 11.80 12.53 -1.41
N GLY A 84 11.31 13.69 -0.99
CA GLY A 84 11.87 14.35 0.18
C GLY A 84 12.54 15.66 -0.17
N ARG A 85 11.74 16.72 -0.33
CA ARG A 85 12.26 18.03 -0.65
C ARG A 85 11.81 19.07 0.36
N ILE A 86 12.72 19.43 1.26
CA ILE A 86 12.41 20.42 2.29
C ILE A 86 12.62 21.84 1.78
N SER A 87 11.68 22.32 0.98
CA SER A 87 11.75 23.66 0.41
C SER A 87 11.72 24.71 1.52
N CYS A 88 12.60 25.70 1.41
CA CYS A 88 12.66 26.77 2.40
C CYS A 88 12.52 28.14 1.73
N THR A 89 12.02 29.11 2.48
CA THR A 89 11.82 30.45 1.97
C THR A 89 11.65 31.47 3.09
N ILE A 90 12.24 32.65 2.92
CA ILE A 90 12.15 33.70 3.93
C ILE A 90 10.72 34.23 4.04
N ALA A 91 10.35 34.67 5.24
CA ALA A 91 9.01 35.20 5.48
C ALA A 91 8.99 36.12 6.69
N ASN A 92 8.31 37.25 6.56
CA ASN A 92 8.21 38.21 7.65
C ASN A 92 6.80 38.29 8.19
N ARG A 93 6.63 37.88 9.44
CA ARG A 93 5.31 37.90 10.08
C ARG A 93 5.38 38.58 11.45
N SER A 1 -13.99 -24.26 -15.39
CA SER A 1 -13.32 -23.65 -14.20
C SER A 1 -12.32 -22.59 -14.62
N LYS A 2 -12.55 -21.35 -14.19
CA LYS A 2 -11.66 -20.25 -14.53
C LYS A 2 -10.91 -19.76 -13.30
N PRO A 3 -9.81 -20.46 -12.94
CA PRO A 3 -8.99 -20.10 -11.78
C PRO A 3 -8.04 -18.95 -12.06
N GLY A 4 -8.13 -17.89 -11.26
CA GLY A 4 -7.27 -16.73 -11.45
C GLY A 4 -8.06 -15.47 -11.72
N CYS A 5 -7.37 -14.33 -11.67
CA CYS A 5 -8.00 -13.03 -11.91
C CYS A 5 -7.39 -12.34 -13.11
N TYR A 6 -8.16 -12.26 -14.20
CA TYR A 6 -7.68 -11.63 -15.42
C TYR A 6 -8.15 -10.17 -15.51
N ASP A 7 -7.19 -9.26 -15.49
CA ASP A 7 -7.51 -7.82 -15.56
C ASP A 7 -6.30 -7.03 -16.04
N ASN A 8 -6.57 -5.88 -16.65
CA ASN A 8 -5.51 -5.02 -17.16
C ASN A 8 -4.60 -5.78 -18.12
N GLY A 9 -5.19 -6.71 -18.87
CA GLY A 9 -4.42 -7.50 -19.82
C GLY A 9 -3.45 -8.45 -19.13
N LYS A 10 -3.62 -8.63 -17.84
CA LYS A 10 -2.76 -9.52 -17.07
C LYS A 10 -3.57 -10.59 -16.34
N HIS A 11 -3.04 -11.80 -16.32
CA HIS A 11 -3.73 -12.92 -15.67
C HIS A 11 -2.91 -13.44 -14.49
N TYR A 12 -3.20 -12.90 -13.30
CA TYR A 12 -2.50 -13.31 -12.09
C TYR A 12 -3.09 -14.60 -11.54
N GLN A 13 -2.54 -15.06 -10.42
CA GLN A 13 -3.00 -16.28 -9.77
C GLN A 13 -3.71 -15.97 -8.45
N ILE A 14 -4.74 -16.75 -8.14
CA ILE A 14 -5.50 -16.55 -6.92
C ILE A 14 -4.58 -16.24 -5.75
N ASN A 15 -5.08 -15.44 -4.80
CA ASN A 15 -4.31 -15.06 -3.63
C ASN A 15 -3.12 -14.19 -4.00
N GLN A 16 -3.11 -13.70 -5.24
CA GLN A 16 -2.02 -12.85 -5.71
C GLN A 16 -2.42 -11.37 -5.69
N GLN A 17 -1.43 -10.51 -5.60
CA GLN A 17 -1.66 -9.07 -5.58
C GLN A 17 -0.98 -8.39 -6.78
N TRP A 18 -1.45 -7.20 -7.12
CA TRP A 18 -0.88 -6.46 -8.24
C TRP A 18 -1.29 -4.99 -8.19
N GLU A 19 -0.76 -4.20 -9.12
CA GLU A 19 -1.07 -2.77 -9.18
C GLU A 19 -1.99 -2.45 -10.35
N ARG A 20 -3.21 -2.03 -10.04
CA ARG A 20 -4.18 -1.69 -11.07
C ARG A 20 -4.21 -0.19 -11.32
N THR A 21 -5.03 0.24 -12.28
CA THR A 21 -5.13 1.66 -12.61
C THR A 21 -6.56 1.99 -13.05
N TYR A 22 -7.04 3.17 -12.62
CA TYR A 22 -8.39 3.61 -12.97
C TYR A 22 -8.51 5.12 -12.80
N LEU A 23 -9.20 5.77 -13.73
CA LEU A 23 -9.39 7.22 -13.68
C LEU A 23 -8.05 7.93 -13.64
N GLY A 24 -7.01 7.26 -14.14
CA GLY A 24 -5.68 7.86 -14.17
C GLY A 24 -5.02 7.86 -12.81
N ASN A 25 -5.32 6.84 -12.00
CA ASN A 25 -4.73 6.73 -10.68
C ASN A 25 -4.28 5.29 -10.39
N ALA A 26 -3.23 5.16 -9.59
CA ALA A 26 -2.70 3.86 -9.25
C ALA A 26 -3.63 3.12 -8.29
N LEU A 27 -3.90 1.85 -8.58
CA LEU A 27 -4.79 1.06 -7.74
C LEU A 27 -4.12 -0.23 -7.29
N VAL A 28 -4.56 -0.76 -6.15
CA VAL A 28 -4.02 -2.00 -5.62
C VAL A 28 -5.10 -3.09 -5.66
N CYS A 29 -4.78 -4.19 -6.31
CA CYS A 29 -5.71 -5.30 -6.44
C CYS A 29 -5.25 -6.53 -5.68
N THR A 30 -6.19 -7.44 -5.42
CA THR A 30 -5.91 -8.68 -4.72
C THR A 30 -6.87 -9.78 -5.15
N CYS A 31 -6.35 -10.76 -5.87
CA CYS A 31 -7.18 -11.87 -6.34
C CYS A 31 -7.67 -12.73 -5.18
N TYR A 32 -8.88 -13.25 -5.31
CA TYR A 32 -9.47 -14.08 -4.26
C TYR A 32 -9.69 -15.51 -4.77
N GLY A 33 -10.18 -15.63 -5.99
CA GLY A 33 -10.42 -16.94 -6.57
C GLY A 33 -11.59 -16.92 -7.55
N GLY A 34 -11.65 -15.88 -8.36
CA GLY A 34 -12.72 -15.77 -9.34
C GLY A 34 -14.09 -16.00 -8.72
N SER A 35 -14.35 -15.35 -7.60
CA SER A 35 -15.63 -15.48 -6.91
C SER A 35 -15.90 -14.26 -6.03
N ARG A 36 -15.00 -14.00 -5.09
CA ARG A 36 -15.14 -12.86 -4.19
C ARG A 36 -14.80 -11.56 -4.89
N GLY A 37 -14.46 -11.65 -6.18
CA GLY A 37 -14.11 -10.47 -6.93
C GLY A 37 -12.88 -9.76 -6.39
N PHE A 38 -11.82 -9.71 -7.19
CA PHE A 38 -10.59 -9.05 -6.78
C PHE A 38 -10.84 -7.61 -6.37
N ASN A 39 -10.95 -7.37 -5.07
CA ASN A 39 -11.18 -6.04 -4.55
C ASN A 39 -9.95 -5.16 -4.68
N CYS A 40 -10.16 -3.90 -5.05
CA CYS A 40 -9.05 -2.96 -5.21
C CYS A 40 -9.47 -1.55 -4.79
N GLU A 41 -8.52 -0.63 -4.81
CA GLU A 41 -8.78 0.75 -4.43
C GLU A 41 -7.59 1.64 -4.75
N SER A 42 -7.68 2.91 -4.33
CA SER A 42 -6.60 3.87 -4.57
C SER A 42 -5.47 3.68 -3.56
N LYS A 43 -4.24 3.72 -4.04
CA LYS A 43 -3.08 3.55 -3.17
C LYS A 43 -3.31 4.22 -1.82
N PRO A 44 -3.51 3.42 -0.77
CA PRO A 44 -3.73 3.92 0.58
C PRO A 44 -2.72 4.98 0.99
N GLU A 45 -2.80 5.45 2.23
CA GLU A 45 -1.89 6.47 2.74
C GLU A 45 -1.36 6.08 4.11
N ALA A 46 -1.68 4.87 4.57
CA ALA A 46 -1.23 4.39 5.86
C ALA A 46 0.26 4.66 6.05
N GLU A 47 0.57 5.74 6.75
CA GLU A 47 1.95 6.12 7.00
C GLU A 47 2.35 5.80 8.44
N GLU A 48 1.34 5.68 9.31
CA GLU A 48 1.58 5.39 10.71
C GLU A 48 2.00 3.93 10.91
N THR A 49 3.30 3.69 10.82
CA THR A 49 3.83 2.33 10.97
C THR A 49 5.35 2.36 11.11
N CYS A 50 5.94 1.18 11.33
CA CYS A 50 7.38 1.07 11.48
C CYS A 50 7.78 -0.37 11.79
N PHE A 51 7.38 -0.85 12.95
CA PHE A 51 7.68 -2.21 13.38
C PHE A 51 9.19 -2.41 13.53
N ASP A 52 9.75 -1.86 14.60
CA ASP A 52 11.18 -1.97 14.86
C ASP A 52 11.68 -3.37 14.54
N LYS A 53 12.20 -3.55 13.33
CA LYS A 53 12.71 -4.85 12.91
C LYS A 53 13.80 -5.34 13.85
N TYR A 54 14.34 -4.44 14.66
CA TYR A 54 15.39 -4.78 15.61
C TYR A 54 14.87 -5.72 16.69
N THR A 55 13.82 -5.29 17.38
CA THR A 55 13.22 -6.08 18.45
C THR A 55 11.79 -6.48 18.10
N GLY A 56 11.38 -6.18 16.87
CA GLY A 56 10.03 -6.52 16.45
C GLY A 56 8.97 -5.85 17.31
N ASN A 57 9.28 -4.67 17.82
CA ASN A 57 8.35 -3.94 18.67
C ASN A 57 7.37 -3.13 17.81
N THR A 58 6.56 -2.31 18.48
CA THR A 58 5.58 -1.49 17.78
C THR A 58 5.95 -0.02 17.85
N TYR A 59 6.89 0.39 17.01
CA TYR A 59 7.35 1.77 16.98
C TYR A 59 6.50 2.60 16.01
N ARG A 60 6.69 3.91 16.05
CA ARG A 60 5.95 4.81 15.18
C ARG A 60 6.89 5.75 14.44
N VAL A 61 6.66 5.93 13.14
CA VAL A 61 7.49 6.80 12.32
C VAL A 61 7.69 8.14 13.01
N GLY A 62 6.74 8.54 13.85
CA GLY A 62 6.84 9.80 14.55
C GLY A 62 7.55 9.68 15.89
N ASP A 63 8.12 8.50 16.14
CA ASP A 63 8.84 8.25 17.38
C ASP A 63 10.24 7.76 17.11
N THR A 64 11.23 8.42 17.72
CA THR A 64 12.63 8.05 17.54
C THR A 64 13.15 7.29 18.75
N TYR A 65 14.13 6.41 18.51
CA TYR A 65 14.73 5.63 19.59
C TYR A 65 16.24 5.50 19.38
N GLU A 66 17.00 6.12 20.27
CA GLU A 66 18.45 6.07 20.20
C GLU A 66 19.00 4.84 20.90
N ARG A 67 19.96 4.17 20.26
CA ARG A 67 20.56 2.97 20.82
C ARG A 67 22.01 3.24 21.23
N PRO A 68 22.27 3.33 22.54
CA PRO A 68 23.61 3.58 23.08
C PRO A 68 24.58 2.44 22.77
N LYS A 69 25.23 2.52 21.61
CA LYS A 69 26.18 1.49 21.19
C LYS A 69 27.52 2.11 20.83
N ASP A 70 28.59 1.62 21.46
CA ASP A 70 29.93 2.11 21.20
C ASP A 70 30.09 3.55 21.71
N SER A 71 31.29 4.09 21.58
CA SER A 71 31.57 5.44 22.04
C SER A 71 31.19 6.47 20.97
N MET A 72 29.94 6.42 20.53
CA MET A 72 29.44 7.34 19.51
C MET A 72 27.95 7.61 19.70
N ILE A 73 27.19 6.54 19.89
CA ILE A 73 25.74 6.65 20.07
C ILE A 73 25.08 7.25 18.84
N TRP A 74 23.94 6.68 18.45
CA TRP A 74 23.21 7.16 17.28
C TRP A 74 21.71 7.09 17.52
N ASP A 75 21.03 8.22 17.36
CA ASP A 75 19.59 8.29 17.54
C ASP A 75 18.85 7.65 16.37
N CYS A 76 18.90 6.32 16.30
CA CYS A 76 18.23 5.59 15.23
C CYS A 76 16.77 6.00 15.12
N THR A 77 16.48 6.88 14.17
CA THR A 77 15.11 7.34 13.96
C THR A 77 14.30 6.34 13.15
N CYS A 78 13.15 5.96 13.66
CA CYS A 78 12.27 5.01 12.98
C CYS A 78 11.66 5.62 11.74
N ILE A 79 12.48 5.80 10.70
CA ILE A 79 12.00 6.37 9.45
C ILE A 79 11.04 5.43 8.74
N GLY A 80 10.10 6.00 7.99
CA GLY A 80 9.13 5.20 7.27
C GLY A 80 8.47 5.95 6.14
N ALA A 81 7.24 6.39 6.36
CA ALA A 81 6.49 7.14 5.35
C ALA A 81 6.55 6.42 4.00
N GLY A 82 6.50 5.10 4.03
CA GLY A 82 6.54 4.32 2.81
C GLY A 82 7.72 3.37 2.76
N ARG A 83 8.86 3.82 3.28
CA ARG A 83 10.07 3.00 3.30
C ARG A 83 10.60 2.84 4.72
N GLY A 84 10.29 1.70 5.34
CA GLY A 84 10.74 1.45 6.69
C GLY A 84 12.24 1.22 6.78
N ARG A 85 13.00 2.31 6.71
CA ARG A 85 14.46 2.23 6.77
C ARG A 85 15.00 3.02 7.96
N ILE A 86 15.20 2.35 9.08
CA ILE A 86 15.71 2.99 10.28
C ILE A 86 17.10 3.58 10.03
N SER A 87 17.23 4.89 10.29
CA SER A 87 18.51 5.57 10.09
C SER A 87 19.18 5.87 11.44
N CYS A 88 20.43 5.43 11.58
CA CYS A 88 21.18 5.66 12.81
C CYS A 88 22.18 6.79 12.64
N THR A 89 21.72 8.02 12.86
CA THR A 89 22.58 9.20 12.75
C THR A 89 23.56 9.27 13.90
N ILE A 90 24.84 9.50 13.57
CA ILE A 90 25.87 9.60 14.60
C ILE A 90 25.61 10.79 15.51
N ALA A 91 26.02 10.67 16.77
CA ALA A 91 25.84 11.75 17.74
C ALA A 91 26.87 12.85 17.54
N ASN A 92 26.65 13.98 18.21
CA ASN A 92 27.56 15.12 18.10
C ASN A 92 27.15 16.24 19.05
N ARG A 93 28.13 16.94 19.60
CA ARG A 93 27.87 18.04 20.51
C ARG A 93 28.07 19.39 19.83
N SER A 1 -17.17 -23.95 -13.57
CA SER A 1 -16.30 -22.74 -13.67
C SER A 1 -14.86 -23.08 -13.30
N LYS A 2 -14.03 -22.05 -13.16
CA LYS A 2 -12.62 -22.24 -12.82
C LYS A 2 -12.06 -21.00 -12.14
N PRO A 3 -11.39 -21.19 -10.98
CA PRO A 3 -10.80 -20.08 -10.23
C PRO A 3 -9.80 -19.29 -11.06
N GLY A 4 -8.99 -18.48 -10.38
CA GLY A 4 -7.99 -17.67 -11.07
C GLY A 4 -8.58 -16.40 -11.65
N CYS A 5 -8.01 -15.26 -11.26
CA CYS A 5 -8.49 -13.97 -11.75
C CYS A 5 -7.93 -13.69 -13.14
N TYR A 6 -8.30 -12.54 -13.70
CA TYR A 6 -7.84 -12.14 -15.03
C TYR A 6 -8.50 -10.84 -15.47
N ASP A 7 -7.67 -9.82 -15.72
CA ASP A 7 -8.18 -8.53 -16.16
C ASP A 7 -7.12 -7.78 -16.96
N ASN A 8 -7.58 -6.84 -17.79
CA ASN A 8 -6.66 -6.06 -18.62
C ASN A 8 -5.66 -6.96 -19.34
N GLY A 9 -6.07 -8.21 -19.58
CA GLY A 9 -5.20 -9.15 -20.26
C GLY A 9 -4.17 -9.75 -19.33
N LYS A 10 -4.17 -9.31 -18.08
CA LYS A 10 -3.22 -9.82 -17.09
C LYS A 10 -3.83 -10.99 -16.33
N HIS A 11 -3.04 -12.04 -16.14
CA HIS A 11 -3.49 -13.22 -15.42
C HIS A 11 -2.74 -13.40 -14.11
N TYR A 12 -3.27 -12.82 -13.04
CA TYR A 12 -2.64 -12.91 -11.73
C TYR A 12 -3.04 -14.18 -11.01
N GLN A 13 -2.10 -14.78 -10.29
CA GLN A 13 -2.36 -16.01 -9.55
C GLN A 13 -3.15 -15.72 -8.29
N ILE A 14 -4.01 -16.65 -7.89
CA ILE A 14 -4.82 -16.48 -6.69
C ILE A 14 -3.96 -16.05 -5.52
N ASN A 15 -4.55 -15.25 -4.62
CA ASN A 15 -3.84 -14.77 -3.45
C ASN A 15 -2.71 -13.81 -3.84
N GLN A 16 -2.66 -13.46 -5.12
CA GLN A 16 -1.63 -12.54 -5.60
C GLN A 16 -2.12 -11.10 -5.58
N GLN A 17 -1.19 -10.16 -5.43
CA GLN A 17 -1.53 -8.76 -5.39
C GLN A 17 -0.74 -7.97 -6.44
N TRP A 18 -1.44 -7.07 -7.12
CA TRP A 18 -0.82 -6.24 -8.16
C TRP A 18 -1.23 -4.79 -8.02
N GLU A 19 -0.88 -3.97 -9.01
CA GLU A 19 -1.22 -2.56 -8.99
C GLU A 19 -1.85 -2.12 -10.30
N ARG A 20 -3.05 -1.53 -10.21
CA ARG A 20 -3.75 -1.06 -11.40
C ARG A 20 -4.07 0.43 -11.29
N THR A 21 -4.59 1.00 -12.37
CA THR A 21 -4.92 2.42 -12.39
C THR A 21 -6.37 2.62 -12.83
N TYR A 22 -7.02 3.62 -12.23
CA TYR A 22 -8.41 3.93 -12.55
C TYR A 22 -8.72 5.39 -12.24
N LEU A 23 -9.23 6.11 -13.22
CA LEU A 23 -9.56 7.52 -13.04
C LEU A 23 -8.30 8.37 -12.99
N GLY A 24 -7.19 7.79 -13.41
CA GLY A 24 -5.93 8.49 -13.41
C GLY A 24 -5.28 8.53 -12.04
N ASN A 25 -5.26 7.39 -11.37
CA ASN A 25 -4.66 7.30 -10.05
C ASN A 25 -4.09 5.90 -9.81
N ALA A 26 -3.31 5.76 -8.74
CA ALA A 26 -2.70 4.49 -8.40
C ALA A 26 -3.67 3.60 -7.63
N LEU A 27 -3.78 2.35 -8.05
CA LEU A 27 -4.70 1.40 -7.41
C LEU A 27 -4.04 0.04 -7.21
N VAL A 28 -4.40 -0.62 -6.12
CA VAL A 28 -3.87 -1.94 -5.81
C VAL A 28 -4.98 -2.99 -5.86
N CYS A 29 -4.73 -4.08 -6.58
CA CYS A 29 -5.72 -5.13 -6.71
C CYS A 29 -5.28 -6.41 -6.01
N THR A 30 -6.21 -7.33 -5.83
CA THR A 30 -5.94 -8.61 -5.18
C THR A 30 -6.73 -9.73 -5.83
N CYS A 31 -6.15 -10.93 -5.85
CA CYS A 31 -6.80 -12.08 -6.45
C CYS A 31 -7.30 -13.04 -5.38
N TYR A 32 -8.45 -13.66 -5.63
CA TYR A 32 -9.04 -14.61 -4.68
C TYR A 32 -9.42 -15.91 -5.38
N GLY A 33 -10.10 -15.78 -6.52
CA GLY A 33 -10.52 -16.95 -7.27
C GLY A 33 -11.97 -17.30 -7.04
N GLY A 34 -12.35 -17.37 -5.77
CA GLY A 34 -13.73 -17.69 -5.42
C GLY A 34 -14.68 -16.57 -5.75
N SER A 35 -15.79 -16.51 -5.02
CA SER A 35 -16.80 -15.46 -5.24
C SER A 35 -16.31 -14.11 -4.72
N ARG A 36 -15.16 -14.12 -4.05
CA ARG A 36 -14.59 -12.89 -3.51
C ARG A 36 -14.27 -11.89 -4.62
N GLY A 37 -13.77 -12.41 -5.74
CA GLY A 37 -13.41 -11.55 -6.85
C GLY A 37 -12.33 -10.56 -6.49
N PHE A 38 -11.59 -10.08 -7.50
CA PHE A 38 -10.52 -9.12 -7.28
C PHE A 38 -11.08 -7.75 -6.94
N ASN A 39 -10.63 -7.19 -5.82
CA ASN A 39 -11.09 -5.87 -5.39
C ASN A 39 -9.92 -4.90 -5.28
N CYS A 40 -9.96 -3.84 -6.08
CA CYS A 40 -8.90 -2.84 -6.06
C CYS A 40 -9.19 -1.74 -5.04
N GLU A 41 -8.17 -0.93 -4.76
CA GLU A 41 -8.31 0.16 -3.80
C GLU A 41 -7.37 1.31 -4.14
N SER A 42 -7.77 2.52 -3.78
CA SER A 42 -6.96 3.71 -4.05
C SER A 42 -5.73 3.75 -3.15
N LYS A 43 -4.72 2.95 -3.50
CA LYS A 43 -3.49 2.90 -2.72
C LYS A 43 -3.77 2.98 -1.22
N PRO A 44 -3.83 1.82 -0.54
CA PRO A 44 -4.10 1.76 0.90
C PRO A 44 -2.94 2.32 1.72
N GLU A 45 -2.97 2.07 3.02
CA GLU A 45 -1.93 2.54 3.93
C GLU A 45 -1.49 1.43 4.88
N ALA A 46 -1.68 0.18 4.47
CA ALA A 46 -1.30 -0.95 5.28
C ALA A 46 0.15 -0.85 5.73
N GLU A 47 0.43 -1.33 6.94
CA GLU A 47 1.77 -1.30 7.49
C GLU A 47 2.53 -2.57 7.12
N GLU A 48 3.67 -2.41 6.45
CA GLU A 48 4.48 -3.55 6.04
C GLU A 48 5.96 -3.16 5.96
N THR A 49 6.80 -3.86 6.71
CA THR A 49 8.23 -3.59 6.72
C THR A 49 8.98 -4.63 7.55
N CYS A 50 10.27 -4.39 7.76
CA CYS A 50 11.09 -5.31 8.54
C CYS A 50 12.46 -4.70 8.82
N PHE A 51 13.24 -5.37 9.66
CA PHE A 51 14.57 -4.90 10.01
C PHE A 51 15.42 -6.03 10.59
N ASP A 52 16.37 -6.51 9.80
CA ASP A 52 17.25 -7.59 10.23
C ASP A 52 18.22 -7.10 11.31
N LYS A 53 17.79 -7.18 12.56
CA LYS A 53 18.62 -6.75 13.69
C LYS A 53 19.93 -7.53 13.74
N TYR A 54 19.85 -8.82 13.41
CA TYR A 54 21.03 -9.68 13.43
C TYR A 54 22.26 -8.92 12.95
N THR A 55 22.08 -8.09 11.93
CA THR A 55 23.18 -7.30 11.39
C THR A 55 22.87 -5.81 11.45
N GLY A 56 21.58 -5.49 11.35
CA GLY A 56 21.17 -4.09 11.39
C GLY A 56 20.73 -3.58 10.04
N ASN A 57 20.50 -4.49 9.11
CA ASN A 57 20.07 -4.12 7.75
C ASN A 57 18.55 -4.13 7.65
N THR A 58 18.06 -3.75 6.48
CA THR A 58 16.62 -3.72 6.24
C THR A 58 16.27 -4.38 4.90
N TYR A 59 15.22 -5.18 4.91
CA TYR A 59 14.79 -5.89 3.71
C TYR A 59 13.30 -5.66 3.46
N ARG A 60 12.74 -6.39 2.50
CA ARG A 60 11.33 -6.26 2.17
C ARG A 60 10.52 -7.37 2.83
N VAL A 61 9.51 -7.00 3.60
CA VAL A 61 8.67 -7.96 4.28
C VAL A 61 8.09 -8.97 3.31
N GLY A 62 7.94 -8.57 2.05
CA GLY A 62 7.41 -9.45 1.04
C GLY A 62 8.44 -10.43 0.51
N ASP A 63 9.68 -10.27 0.95
CA ASP A 63 10.77 -11.14 0.51
C ASP A 63 11.44 -11.81 1.70
N THR A 64 12.51 -12.54 1.43
CA THR A 64 13.26 -13.24 2.47
C THR A 64 14.75 -13.24 2.17
N TYR A 65 15.52 -13.94 3.00
CA TYR A 65 16.95 -14.02 2.82
C TYR A 65 17.53 -15.24 3.56
N GLU A 66 18.66 -15.73 3.07
CA GLU A 66 19.31 -16.89 3.68
C GLU A 66 20.17 -16.46 4.87
N ARG A 67 20.15 -17.27 5.92
CA ARG A 67 20.93 -16.98 7.12
C ARG A 67 21.63 -18.24 7.63
N PRO A 68 22.97 -18.28 7.53
CA PRO A 68 23.76 -19.42 7.99
C PRO A 68 23.88 -19.47 9.50
N LYS A 69 23.05 -20.29 10.13
CA LYS A 69 23.06 -20.43 11.59
C LYS A 69 23.08 -21.90 11.99
N ASP A 70 24.09 -22.28 12.77
CA ASP A 70 24.22 -23.67 13.23
C ASP A 70 24.76 -24.55 12.12
N SER A 71 24.46 -25.85 12.20
CA SER A 71 24.92 -26.81 11.21
C SER A 71 23.97 -26.86 10.01
N MET A 72 22.87 -26.11 10.10
CA MET A 72 21.89 -26.07 9.03
C MET A 72 21.59 -24.62 8.62
N ILE A 73 20.96 -24.47 7.45
CA ILE A 73 20.62 -23.15 6.93
C ILE A 73 19.13 -22.89 7.05
N TRP A 74 18.76 -21.62 7.17
CA TRP A 74 17.35 -21.24 7.29
C TRP A 74 17.08 -19.93 6.56
N ASP A 75 15.92 -19.85 5.91
CA ASP A 75 15.54 -18.65 5.18
C ASP A 75 14.76 -17.69 6.08
N CYS A 76 15.44 -17.08 7.02
CA CYS A 76 14.82 -16.14 7.94
C CYS A 76 13.96 -15.13 7.19
N THR A 77 12.65 -15.36 7.17
CA THR A 77 11.72 -14.48 6.49
C THR A 77 11.58 -13.16 7.24
N CYS A 78 11.88 -12.06 6.55
CA CYS A 78 11.79 -10.74 7.15
C CYS A 78 10.35 -10.40 7.53
N ILE A 79 9.96 -10.81 8.74
CA ILE A 79 8.61 -10.57 9.23
C ILE A 79 8.58 -9.37 10.18
N GLY A 80 8.13 -8.23 9.68
CA GLY A 80 8.06 -7.03 10.50
C GLY A 80 6.64 -6.60 10.79
N ALA A 81 6.39 -5.30 10.68
CA ALA A 81 5.06 -4.75 10.94
C ALA A 81 4.80 -4.62 12.44
N GLY A 82 3.54 -4.59 12.82
CA GLY A 82 3.19 -4.45 14.22
C GLY A 82 4.06 -5.32 15.11
N ARG A 83 4.51 -6.45 14.57
CA ARG A 83 5.36 -7.38 15.30
C ARG A 83 6.18 -8.23 14.33
N GLY A 84 5.49 -8.90 13.42
CA GLY A 84 6.17 -9.73 12.44
C GLY A 84 7.02 -10.81 13.08
N ARG A 85 8.17 -10.43 13.62
CA ARG A 85 9.08 -11.38 14.26
C ARG A 85 9.70 -12.30 13.21
N ILE A 86 10.81 -11.86 12.63
CA ILE A 86 11.50 -12.65 11.62
C ILE A 86 11.55 -14.12 12.00
N SER A 87 11.00 -14.97 11.13
CA SER A 87 10.98 -16.41 11.39
C SER A 87 12.01 -17.14 10.52
N CYS A 88 12.78 -18.02 11.15
CA CYS A 88 13.80 -18.78 10.44
C CYS A 88 13.43 -20.27 10.37
N THR A 89 13.53 -20.85 9.18
CA THR A 89 13.21 -22.25 8.99
C THR A 89 14.19 -22.92 8.03
N ILE A 90 14.51 -24.18 8.31
CA ILE A 90 15.45 -24.93 7.46
C ILE A 90 15.08 -24.78 5.99
N ALA A 91 16.07 -24.95 5.12
CA ALA A 91 15.85 -24.84 3.69
C ALA A 91 15.49 -26.19 3.08
N ASN A 92 14.25 -26.31 2.62
CA ASN A 92 13.77 -27.55 2.02
C ASN A 92 13.95 -27.53 0.51
N ARG A 93 14.06 -28.72 -0.09
CA ARG A 93 14.25 -28.84 -1.53
C ARG A 93 14.40 -30.29 -1.94
N SER A 1 -14.00 -23.39 -12.28
CA SER A 1 -13.69 -23.22 -13.72
C SER A 1 -12.51 -22.26 -13.92
N LYS A 2 -11.31 -22.83 -14.05
CA LYS A 2 -10.11 -22.02 -14.25
C LYS A 2 -10.17 -20.75 -13.45
N PRO A 3 -10.13 -20.86 -12.11
CA PRO A 3 -10.17 -19.70 -11.21
C PRO A 3 -9.05 -18.71 -11.48
N GLY A 4 -9.25 -17.46 -11.07
CA GLY A 4 -8.25 -16.43 -11.29
C GLY A 4 -8.85 -15.05 -11.40
N CYS A 5 -8.09 -14.12 -11.96
CA CYS A 5 -8.56 -12.74 -12.11
C CYS A 5 -7.86 -12.08 -13.30
N TYR A 6 -8.54 -12.06 -14.44
CA TYR A 6 -7.99 -11.45 -15.64
C TYR A 6 -7.97 -9.93 -15.52
N ASP A 7 -6.86 -9.32 -15.92
CA ASP A 7 -6.71 -7.87 -15.87
C ASP A 7 -5.65 -7.39 -16.84
N ASN A 8 -6.04 -6.51 -17.76
CA ASN A 8 -5.12 -5.96 -18.75
C ASN A 8 -4.26 -7.07 -19.35
N GLY A 9 -4.90 -8.16 -19.74
CA GLY A 9 -4.17 -9.27 -20.34
C GLY A 9 -3.33 -10.02 -19.33
N LYS A 10 -3.39 -9.60 -18.07
CA LYS A 10 -2.63 -10.23 -17.01
C LYS A 10 -3.52 -11.14 -16.15
N HIS A 11 -3.05 -12.34 -15.90
CA HIS A 11 -3.79 -13.31 -15.10
C HIS A 11 -3.05 -13.65 -13.81
N TYR A 12 -3.35 -12.91 -12.75
CA TYR A 12 -2.73 -13.13 -11.46
C TYR A 12 -3.36 -14.31 -10.73
N GLN A 13 -2.52 -15.22 -10.24
CA GLN A 13 -3.01 -16.39 -9.52
C GLN A 13 -3.72 -15.99 -8.24
N ILE A 14 -4.88 -16.59 -8.00
CA ILE A 14 -5.67 -16.30 -6.81
C ILE A 14 -4.78 -15.90 -5.63
N ASN A 15 -5.22 -14.90 -4.88
CA ASN A 15 -4.47 -14.41 -3.73
C ASN A 15 -3.30 -13.54 -4.16
N GLN A 16 -3.15 -13.34 -5.46
CA GLN A 16 -2.07 -12.51 -5.99
C GLN A 16 -2.37 -11.03 -5.81
N GLN A 17 -1.35 -10.26 -5.49
CA GLN A 17 -1.52 -8.83 -5.28
C GLN A 17 -0.77 -8.04 -6.35
N TRP A 18 -1.45 -7.05 -6.93
CA TRP A 18 -0.85 -6.22 -7.97
C TRP A 18 -1.43 -4.81 -7.93
N GLU A 19 -1.13 -4.03 -8.97
CA GLU A 19 -1.62 -2.66 -9.05
C GLU A 19 -2.44 -2.45 -10.32
N ARG A 20 -3.60 -1.83 -10.18
CA ARG A 20 -4.47 -1.56 -11.32
C ARG A 20 -4.70 -0.06 -11.48
N THR A 21 -5.26 0.32 -12.63
CA THR A 21 -5.53 1.73 -12.91
C THR A 21 -7.04 2.00 -12.89
N TYR A 22 -7.39 3.29 -12.81
CA TYR A 22 -8.79 3.70 -12.78
C TYR A 22 -8.94 5.13 -13.26
N LEU A 23 -9.20 5.28 -14.57
CA LEU A 23 -9.37 6.61 -15.16
C LEU A 23 -8.05 7.36 -15.14
N GLY A 24 -6.95 6.64 -14.97
CA GLY A 24 -5.64 7.26 -14.94
C GLY A 24 -5.04 7.29 -13.55
N ASN A 25 -5.69 6.59 -12.61
CA ASN A 25 -5.23 6.54 -11.23
C ASN A 25 -4.36 5.31 -11.01
N ALA A 26 -3.99 5.08 -9.74
CA ALA A 26 -3.18 3.93 -9.38
C ALA A 26 -3.72 3.24 -8.14
N LEU A 27 -4.30 2.07 -8.32
CA LEU A 27 -4.86 1.32 -7.20
C LEU A 27 -4.22 -0.06 -7.09
N VAL A 28 -4.29 -0.65 -5.89
CA VAL A 28 -3.74 -1.97 -5.66
C VAL A 28 -4.83 -3.02 -5.80
N CYS A 29 -4.54 -4.08 -6.55
CA CYS A 29 -5.51 -5.13 -6.78
C CYS A 29 -5.06 -6.46 -6.16
N THR A 30 -6.02 -7.33 -5.88
CA THR A 30 -5.74 -8.63 -5.30
C THR A 30 -6.72 -9.68 -5.83
N CYS A 31 -6.19 -10.81 -6.28
CA CYS A 31 -7.01 -11.88 -6.81
C CYS A 31 -7.55 -12.77 -5.69
N TYR A 32 -8.82 -13.16 -5.83
CA TYR A 32 -9.46 -14.01 -4.82
C TYR A 32 -9.91 -15.34 -5.44
N GLY A 33 -9.95 -15.38 -6.77
CA GLY A 33 -10.36 -16.59 -7.44
C GLY A 33 -11.38 -16.32 -8.53
N GLY A 34 -12.04 -17.38 -9.00
CA GLY A 34 -13.04 -17.23 -10.05
C GLY A 34 -14.43 -17.03 -9.49
N SER A 35 -14.65 -15.90 -8.83
CA SER A 35 -15.95 -15.59 -8.25
C SER A 35 -15.83 -14.52 -7.16
N ARG A 36 -14.92 -14.75 -6.21
CA ARG A 36 -14.70 -13.81 -5.13
C ARG A 36 -14.34 -12.43 -5.66
N GLY A 37 -13.90 -12.38 -6.92
CA GLY A 37 -13.53 -11.13 -7.53
C GLY A 37 -12.22 -10.59 -7.00
N PHE A 38 -11.73 -9.52 -7.62
CA PHE A 38 -10.46 -8.90 -7.22
C PHE A 38 -10.70 -7.50 -6.66
N ASN A 39 -10.79 -7.40 -5.34
CA ASN A 39 -11.01 -6.12 -4.69
C ASN A 39 -9.77 -5.23 -4.78
N CYS A 40 -9.97 -3.96 -5.06
CA CYS A 40 -8.86 -3.02 -5.18
C CYS A 40 -9.24 -1.64 -4.63
N GLU A 41 -8.21 -0.83 -4.35
CA GLU A 41 -8.42 0.52 -3.82
C GLU A 41 -7.18 1.36 -4.00
N SER A 42 -7.34 2.68 -3.93
CA SER A 42 -6.22 3.60 -4.07
C SER A 42 -4.96 3.04 -3.42
N LYS A 43 -3.81 3.59 -3.81
CA LYS A 43 -2.54 3.14 -3.25
C LYS A 43 -2.00 4.15 -2.23
N PRO A 44 -2.05 3.78 -0.94
CA PRO A 44 -1.58 4.64 0.15
C PRO A 44 -0.06 4.65 0.25
N GLU A 45 0.52 5.85 0.20
CA GLU A 45 1.96 6.01 0.29
C GLU A 45 2.35 6.69 1.60
N ALA A 46 1.41 7.42 2.17
CA ALA A 46 1.65 8.12 3.43
C ALA A 46 0.51 7.87 4.42
N GLU A 47 0.86 7.39 5.61
CA GLU A 47 -0.13 7.11 6.64
C GLU A 47 -0.34 8.33 7.53
N GLU A 48 0.69 9.17 7.63
CA GLU A 48 0.62 10.37 8.45
C GLU A 48 0.50 10.02 9.93
N THR A 49 1.52 10.37 10.71
CA THR A 49 1.52 10.09 12.13
C THR A 49 2.88 10.40 12.75
N CYS A 50 2.94 10.40 14.08
CA CYS A 50 4.17 10.68 14.79
C CYS A 50 4.19 9.99 16.16
N PHE A 51 5.23 10.26 16.93
CA PHE A 51 5.35 9.67 18.27
C PHE A 51 5.65 10.75 19.31
N ASP A 52 6.45 11.73 18.93
CA ASP A 52 6.81 12.82 19.83
C ASP A 52 7.53 12.28 21.06
N LYS A 53 8.70 11.70 20.85
CA LYS A 53 9.50 11.15 21.95
C LYS A 53 9.55 12.11 23.12
N TYR A 54 10.18 11.68 24.20
CA TYR A 54 10.30 12.51 25.39
C TYR A 54 8.94 12.78 26.01
N THR A 55 7.96 11.97 25.65
CA THR A 55 6.60 12.11 26.17
C THR A 55 5.68 11.03 25.63
N GLY A 56 5.91 10.62 24.39
CA GLY A 56 5.09 9.59 23.78
C GLY A 56 3.77 10.12 23.26
N ASN A 57 3.82 11.29 22.62
CA ASN A 57 2.62 11.91 22.08
C ASN A 57 2.51 11.66 20.58
N THR A 58 1.48 10.95 20.16
CA THR A 58 1.27 10.64 18.75
C THR A 58 0.86 11.89 17.99
N TYR A 59 1.81 12.50 17.29
CA TYR A 59 1.55 13.70 16.51
C TYR A 59 1.19 13.34 15.07
N ARG A 60 1.04 14.37 14.24
CA ARG A 60 0.70 14.17 12.83
C ARG A 60 1.65 14.94 11.92
N VAL A 61 1.75 14.52 10.67
CA VAL A 61 2.63 15.17 9.71
C VAL A 61 2.16 16.60 9.44
N GLY A 62 0.91 16.88 9.74
CA GLY A 62 0.36 18.21 9.53
C GLY A 62 0.52 19.10 10.75
N ASP A 63 1.57 18.87 11.53
CA ASP A 63 1.82 19.65 12.72
C ASP A 63 3.31 19.77 13.00
N THR A 64 3.71 20.90 13.58
CA THR A 64 5.11 21.14 13.91
C THR A 64 5.29 21.48 15.38
N TYR A 65 6.53 21.51 15.83
CA TYR A 65 6.84 21.82 17.23
C TYR A 65 8.34 21.93 17.45
N GLU A 66 8.75 22.97 18.18
CA GLU A 66 10.16 23.19 18.46
C GLU A 66 10.59 22.45 19.72
N ARG A 67 11.90 22.32 19.92
CA ARG A 67 12.43 21.64 21.09
C ARG A 67 13.76 22.25 21.50
N PRO A 68 13.80 22.89 22.69
CA PRO A 68 15.02 23.52 23.21
C PRO A 68 16.10 22.50 23.54
N LYS A 69 16.73 21.96 22.50
CA LYS A 69 17.78 20.97 22.68
C LYS A 69 19.16 21.61 22.54
N ASP A 70 20.04 21.33 23.49
CA ASP A 70 21.39 21.88 23.48
C ASP A 70 21.35 23.40 23.44
N SER A 71 22.53 24.02 23.29
CA SER A 71 22.62 25.47 23.24
C SER A 71 22.10 26.01 21.91
N MET A 72 20.83 25.70 21.63
CA MET A 72 20.19 26.16 20.39
C MET A 72 18.78 25.61 20.28
N ILE A 73 18.01 26.15 19.33
CA ILE A 73 16.64 25.73 19.12
C ILE A 73 16.42 25.29 17.67
N TRP A 74 15.55 24.29 17.50
CA TRP A 74 15.26 23.78 16.16
C TRP A 74 13.75 23.54 15.99
N ASP A 75 13.23 23.89 14.83
CA ASP A 75 11.81 23.71 14.54
C ASP A 75 11.51 22.25 14.21
N CYS A 76 11.73 21.37 15.18
CA CYS A 76 11.49 19.95 15.00
C CYS A 76 10.14 19.71 14.30
N THR A 77 10.21 19.20 13.07
CA THR A 77 9.00 18.92 12.30
C THR A 77 8.61 17.45 12.43
N CYS A 78 7.31 17.20 12.47
CA CYS A 78 6.80 15.83 12.60
C CYS A 78 6.95 15.07 11.29
N ILE A 79 8.15 14.55 11.03
CA ILE A 79 8.41 13.81 9.82
C ILE A 79 8.41 12.30 10.07
N GLY A 80 7.94 11.54 9.10
CA GLY A 80 7.88 10.10 9.24
C GLY A 80 6.47 9.57 9.22
N ALA A 81 6.28 8.37 8.68
CA ALA A 81 4.97 7.75 8.61
C ALA A 81 4.68 6.92 9.85
N GLY A 82 4.98 7.48 11.01
CA GLY A 82 4.74 6.78 12.26
C GLY A 82 5.85 7.01 13.29
N ARG A 83 6.92 7.65 12.85
CA ARG A 83 8.05 7.93 13.75
C ARG A 83 9.22 8.52 12.97
N GLY A 84 9.48 7.98 11.79
CA GLY A 84 10.57 8.46 10.98
C GLY A 84 11.79 8.84 11.80
N ARG A 85 11.86 10.10 12.20
CA ARG A 85 12.98 10.58 13.01
C ARG A 85 12.81 12.06 13.36
N ILE A 86 11.55 12.46 13.53
CA ILE A 86 11.22 13.85 13.88
C ILE A 86 12.27 14.83 13.32
N SER A 87 12.05 15.29 12.10
CA SER A 87 12.97 16.23 11.47
C SER A 87 13.16 17.46 12.34
N CYS A 88 14.36 18.06 12.28
CA CYS A 88 14.66 19.24 13.06
C CYS A 88 15.81 20.02 12.43
N THR A 89 15.72 21.36 12.50
CA THR A 89 16.75 22.22 11.93
C THR A 89 16.65 23.62 12.50
N ILE A 90 17.80 24.18 12.88
CA ILE A 90 17.84 25.53 13.43
C ILE A 90 17.10 26.53 12.54
N ALA A 91 16.40 27.47 13.16
CA ALA A 91 15.65 28.48 12.41
C ALA A 91 16.58 29.34 11.58
N ASN A 92 16.01 30.16 10.70
CA ASN A 92 16.79 31.04 9.84
C ASN A 92 16.88 32.44 10.44
N ARG A 93 17.96 32.71 11.16
CA ARG A 93 18.17 34.01 11.78
C ARG A 93 16.90 34.48 12.49
N SER A 1 -17.26 -21.58 -17.71
CA SER A 1 -16.32 -21.66 -16.56
C SER A 1 -14.99 -20.99 -16.90
N LYS A 2 -14.30 -20.49 -15.87
CA LYS A 2 -13.01 -19.83 -16.06
C LYS A 2 -12.40 -19.43 -14.72
N PRO A 3 -11.50 -20.27 -14.19
CA PRO A 3 -10.84 -20.02 -12.91
C PRO A 3 -9.68 -19.04 -13.04
N GLY A 4 -9.19 -18.56 -11.90
CA GLY A 4 -8.08 -17.62 -11.90
C GLY A 4 -8.51 -16.20 -12.22
N CYS A 5 -7.68 -15.24 -11.84
CA CYS A 5 -7.99 -13.83 -12.09
C CYS A 5 -7.40 -13.37 -13.42
N TYR A 6 -7.72 -12.14 -13.81
CA TYR A 6 -7.22 -11.58 -15.07
C TYR A 6 -7.78 -10.18 -15.29
N ASP A 7 -6.96 -9.31 -15.87
CA ASP A 7 -7.36 -7.94 -16.15
C ASP A 7 -6.16 -7.08 -16.51
N ASN A 8 -6.43 -5.86 -16.98
CA ASN A 8 -5.37 -4.94 -17.37
C ASN A 8 -4.40 -5.58 -18.36
N GLY A 9 -4.89 -6.58 -19.08
CA GLY A 9 -4.08 -7.27 -20.06
C GLY A 9 -3.11 -8.25 -19.42
N LYS A 10 -3.24 -8.45 -18.12
CA LYS A 10 -2.38 -9.37 -17.39
C LYS A 10 -3.21 -10.49 -16.74
N HIS A 11 -2.59 -11.66 -16.61
CA HIS A 11 -3.26 -12.80 -16.01
C HIS A 11 -2.57 -13.24 -14.72
N TYR A 12 -3.08 -12.78 -13.59
CA TYR A 12 -2.53 -13.11 -12.29
C TYR A 12 -3.18 -14.36 -11.72
N GLN A 13 -2.63 -14.86 -10.62
CA GLN A 13 -3.16 -16.05 -9.96
C GLN A 13 -4.11 -15.68 -8.84
N ILE A 14 -4.75 -16.69 -8.25
CA ILE A 14 -5.70 -16.45 -7.16
C ILE A 14 -4.96 -16.07 -5.88
N ASN A 15 -5.61 -15.25 -5.05
CA ASN A 15 -5.03 -14.81 -3.80
C ASN A 15 -3.77 -13.97 -4.05
N GLN A 16 -3.55 -13.59 -5.31
CA GLN A 16 -2.40 -12.80 -5.68
C GLN A 16 -2.71 -11.31 -5.57
N GLN A 17 -1.67 -10.50 -5.43
CA GLN A 17 -1.83 -9.05 -5.31
C GLN A 17 -1.13 -8.33 -6.45
N TRP A 18 -1.79 -7.31 -7.00
CA TRP A 18 -1.23 -6.53 -8.10
C TRP A 18 -1.71 -5.09 -8.05
N GLU A 19 -1.26 -4.29 -9.01
CA GLU A 19 -1.64 -2.88 -9.09
C GLU A 19 -2.41 -2.60 -10.37
N ARG A 20 -3.56 -1.97 -10.25
CA ARG A 20 -4.38 -1.65 -11.41
C ARG A 20 -4.49 -0.14 -11.60
N THR A 21 -5.04 0.27 -12.74
CA THR A 21 -5.20 1.68 -13.05
C THR A 21 -6.62 1.98 -13.51
N TYR A 22 -7.22 3.01 -12.92
CA TYR A 22 -8.59 3.39 -13.26
C TYR A 22 -8.78 4.90 -13.11
N LEU A 23 -9.57 5.48 -14.00
CA LEU A 23 -9.83 6.91 -13.97
C LEU A 23 -8.51 7.69 -13.90
N GLY A 24 -7.49 7.18 -14.58
CA GLY A 24 -6.20 7.84 -14.58
C GLY A 24 -5.54 7.82 -13.22
N ASN A 25 -5.68 6.71 -12.51
CA ASN A 25 -5.09 6.56 -11.19
C ASN A 25 -4.40 5.22 -11.04
N ALA A 26 -3.82 4.98 -9.87
CA ALA A 26 -3.13 3.72 -9.59
C ALA A 26 -3.68 3.07 -8.32
N LEU A 27 -4.23 1.86 -8.47
CA LEU A 27 -4.79 1.14 -7.34
C LEU A 27 -4.18 -0.24 -7.21
N VAL A 28 -4.35 -0.85 -6.04
CA VAL A 28 -3.84 -2.18 -5.79
C VAL A 28 -4.98 -3.18 -5.64
N CYS A 29 -4.94 -4.23 -6.45
CA CYS A 29 -5.99 -5.24 -6.43
C CYS A 29 -5.54 -6.50 -5.70
N THR A 30 -6.52 -7.34 -5.35
CA THR A 30 -6.25 -8.60 -4.65
C THR A 30 -7.24 -9.67 -5.07
N CYS A 31 -6.74 -10.75 -5.65
CA CYS A 31 -7.58 -11.85 -6.11
C CYS A 31 -8.01 -12.74 -4.94
N TYR A 32 -9.15 -13.41 -5.10
CA TYR A 32 -9.66 -14.29 -4.07
C TYR A 32 -9.85 -15.71 -4.61
N GLY A 33 -10.49 -15.81 -5.77
CA GLY A 33 -10.73 -17.10 -6.38
C GLY A 33 -12.21 -17.39 -6.57
N GLY A 34 -12.56 -17.98 -7.70
CA GLY A 34 -13.94 -18.30 -7.98
C GLY A 34 -14.75 -17.08 -8.41
N SER A 35 -15.67 -16.65 -7.56
CA SER A 35 -16.52 -15.50 -7.87
C SER A 35 -16.29 -14.37 -6.86
N ARG A 36 -15.46 -14.64 -5.85
CA ARG A 36 -15.17 -13.64 -4.82
C ARG A 36 -14.65 -12.35 -5.45
N GLY A 37 -14.05 -12.46 -6.63
CA GLY A 37 -13.51 -11.31 -7.31
C GLY A 37 -12.31 -10.72 -6.60
N PHE A 38 -11.84 -9.57 -7.08
CA PHE A 38 -10.68 -8.90 -6.48
C PHE A 38 -10.98 -7.44 -6.21
N ASN A 39 -10.83 -7.04 -4.95
CA ASN A 39 -11.09 -5.66 -4.55
C ASN A 39 -9.80 -4.83 -4.64
N CYS A 40 -9.94 -3.55 -4.96
CA CYS A 40 -8.78 -2.68 -5.07
C CYS A 40 -9.05 -1.33 -4.44
N GLU A 41 -7.98 -0.63 -4.05
CA GLU A 41 -8.10 0.68 -3.42
C GLU A 41 -6.94 1.58 -3.84
N SER A 42 -7.28 2.82 -4.21
CA SER A 42 -6.26 3.78 -4.63
C SER A 42 -4.99 3.64 -3.81
N LYS A 43 -3.86 3.56 -4.49
CA LYS A 43 -2.57 3.44 -3.81
C LYS A 43 -2.52 4.30 -2.56
N PRO A 44 -2.34 3.66 -1.39
CA PRO A 44 -2.27 4.37 -0.10
C PRO A 44 -1.27 5.52 -0.13
N GLU A 45 -1.52 6.52 0.71
CA GLU A 45 -0.63 7.68 0.79
C GLU A 45 0.82 7.24 0.96
N ALA A 46 1.08 6.43 1.97
CA ALA A 46 2.43 5.95 2.23
C ALA A 46 2.55 4.47 1.95
N GLU A 47 3.48 4.10 1.07
CA GLU A 47 3.70 2.71 0.71
C GLU A 47 5.08 2.26 1.18
N GLU A 48 6.08 3.10 0.96
CA GLU A 48 7.45 2.78 1.36
C GLU A 48 7.56 2.65 2.87
N THR A 49 7.22 1.48 3.39
CA THR A 49 7.28 1.23 4.82
C THR A 49 6.88 -0.21 5.15
N CYS A 50 7.17 -0.64 6.37
CA CYS A 50 6.86 -1.99 6.81
C CYS A 50 6.80 -2.07 8.34
N PHE A 51 6.50 -3.25 8.84
CA PHE A 51 6.41 -3.46 10.28
C PHE A 51 7.19 -4.70 10.70
N ASP A 52 8.49 -4.54 10.92
CA ASP A 52 9.35 -5.64 11.32
C ASP A 52 8.79 -6.35 12.55
N LYS A 53 7.91 -7.32 12.32
CA LYS A 53 7.31 -8.06 13.42
C LYS A 53 8.33 -8.38 14.50
N TYR A 54 9.50 -8.87 14.08
CA TYR A 54 10.57 -9.20 15.01
C TYR A 54 10.61 -8.22 16.18
N THR A 55 11.12 -7.02 15.91
CA THR A 55 11.22 -5.98 16.93
C THR A 55 10.00 -5.07 16.90
N GLY A 56 9.55 -4.72 15.70
CA GLY A 56 8.40 -3.84 15.57
C GLY A 56 8.77 -2.46 15.10
N ASN A 57 10.08 -2.21 14.96
CA ASN A 57 10.56 -0.91 14.50
C ASN A 57 10.29 -0.71 13.02
N THR A 58 9.27 0.08 12.71
CA THR A 58 8.89 0.35 11.33
C THR A 58 10.13 0.59 10.48
N TYR A 59 10.16 -0.03 9.31
CA TYR A 59 11.29 0.11 8.39
C TYR A 59 10.82 0.63 7.04
N ARG A 60 11.75 0.70 6.09
CA ARG A 60 11.44 1.18 4.74
C ARG A 60 11.66 0.09 3.71
N VAL A 61 10.88 0.12 2.64
CA VAL A 61 10.99 -0.87 1.58
C VAL A 61 12.36 -0.79 0.91
N GLY A 62 12.95 0.40 0.91
CA GLY A 62 14.25 0.58 0.30
C GLY A 62 15.39 0.38 1.29
N ASP A 63 15.06 -0.15 2.46
CA ASP A 63 16.07 -0.39 3.50
C ASP A 63 16.02 -1.84 3.97
N THR A 64 17.16 -2.32 4.47
CA THR A 64 17.25 -3.69 4.96
C THR A 64 17.80 -3.73 6.37
N TYR A 65 17.70 -4.90 7.01
CA TYR A 65 18.18 -5.07 8.37
C TYR A 65 18.64 -6.51 8.60
N GLU A 66 19.56 -6.69 9.54
CA GLU A 66 20.08 -8.01 9.87
C GLU A 66 19.45 -8.55 11.15
N ARG A 67 19.60 -9.85 11.37
CA ARG A 67 19.04 -10.49 12.55
C ARG A 67 19.13 -12.02 12.45
N PRO A 68 19.81 -12.66 13.41
CA PRO A 68 19.98 -14.11 13.42
C PRO A 68 18.67 -14.84 13.68
N LYS A 69 18.63 -16.14 13.34
CA LYS A 69 17.44 -16.94 13.55
C LYS A 69 17.61 -18.33 12.93
N ASP A 70 16.78 -19.27 13.36
CA ASP A 70 16.83 -20.63 12.85
C ASP A 70 18.22 -21.24 13.07
N SER A 71 18.97 -20.65 14.00
CA SER A 71 20.31 -21.13 14.31
C SER A 71 21.34 -20.58 13.31
N MET A 72 20.95 -19.52 12.62
CA MET A 72 21.83 -18.89 11.62
C MET A 72 21.35 -17.48 11.30
N ILE A 73 22.17 -16.76 10.52
CA ILE A 73 21.84 -15.40 10.13
C ILE A 73 21.19 -15.37 8.75
N TRP A 74 20.20 -14.50 8.58
CA TRP A 74 19.50 -14.37 7.31
C TRP A 74 19.15 -12.91 7.02
N ASP A 75 20.10 -12.17 6.45
CA ASP A 75 19.90 -10.77 6.14
C ASP A 75 18.48 -10.54 5.62
N CYS A 76 17.58 -10.20 6.52
CA CYS A 76 16.19 -9.96 6.17
C CYS A 76 16.01 -8.54 5.63
N THR A 77 15.36 -8.43 4.47
CA THR A 77 15.12 -7.12 3.86
C THR A 77 13.63 -6.81 3.79
N CYS A 78 13.28 -5.58 4.14
CA CYS A 78 11.89 -5.15 4.14
C CYS A 78 11.29 -5.27 2.74
N ILE A 79 10.73 -6.44 2.43
CA ILE A 79 10.13 -6.69 1.13
C ILE A 79 8.61 -6.77 1.24
N GLY A 80 7.94 -5.62 1.14
CA GLY A 80 6.49 -5.60 1.23
C GLY A 80 5.93 -4.21 1.01
N ALA A 81 6.60 -3.21 1.56
CA ALA A 81 6.16 -1.83 1.44
C ALA A 81 4.80 -1.61 2.08
N GLY A 82 4.56 -2.32 3.18
CA GLY A 82 3.28 -2.20 3.87
C GLY A 82 2.76 -3.52 4.38
N ARG A 83 3.39 -4.62 3.96
CA ARG A 83 2.98 -5.95 4.37
C ARG A 83 3.80 -7.02 3.67
N GLY A 84 3.41 -7.36 2.44
CA GLY A 84 4.13 -8.36 1.68
C GLY A 84 4.68 -9.48 2.56
N ARG A 85 5.99 -9.49 2.74
CA ARG A 85 6.64 -10.52 3.56
C ARG A 85 8.16 -10.35 3.53
N ILE A 86 8.71 -9.82 4.62
CA ILE A 86 10.15 -9.62 4.71
C ILE A 86 10.92 -10.89 4.39
N SER A 87 11.70 -10.85 3.32
CA SER A 87 12.49 -12.01 2.90
C SER A 87 13.79 -12.09 3.70
N CYS A 88 14.17 -13.31 4.08
CA CYS A 88 15.39 -13.52 4.86
C CYS A 88 16.41 -14.32 4.05
N THR A 89 17.52 -13.68 3.70
CA THR A 89 18.58 -14.34 2.94
C THR A 89 19.68 -14.85 3.86
N ILE A 90 19.76 -16.17 4.00
CA ILE A 90 20.77 -16.79 4.84
C ILE A 90 22.18 -16.40 4.40
N ALA A 91 23.10 -16.36 5.36
CA ALA A 91 24.48 -16.01 5.07
C ALA A 91 25.35 -17.26 4.97
N ASN A 92 26.08 -17.39 3.87
CA ASN A 92 26.95 -18.54 3.67
C ASN A 92 28.43 -18.14 3.76
N ARG A 93 28.67 -16.84 3.73
CA ARG A 93 30.04 -16.32 3.81
C ARG A 93 30.27 -15.59 5.13
#